data_5INX
#
_entry.id   5INX
#
_cell.length_a   167.650
_cell.length_b   182.415
_cell.length_c   98.215
_cell.angle_alpha   90.00
_cell.angle_beta   112.75
_cell.angle_gamma   90.00
#
_symmetry.space_group_name_H-M   'C 1 2 1'
#
loop_
_entity.id
_entity.type
_entity.pdbx_description
1 polymer Dipeptidase
2 non-polymer METHIONINE
3 non-polymer ALANINE
4 water water
#
_entity_poly.entity_id   1
_entity_poly.type   'polypeptide(L)'
_entity_poly.pdbx_seq_one_letter_code
;MEKRIKGSCTSILVGKKASIDGSTLISRNDDGHEALDPQRFVVVNPEDQPRDYTSVISKVNVKLPDDPQRYTSIPNSILT
NGIWPAAGINSSNVAMSATETITTNSRVQGLDPFVENGLGEEDLVTVVLPYVKSAREGVKRLGSLLEEYGTYEPNGISFA
DNEEVWWLETIGGHHWAAVRIPDDAYVVAPNRMNIDQFDFDSDDTLCSSDLKDLIDNNNLNPDFENYNLRHIFGSASIKD
TVYNNPRTWYGQKFFSPDDTADDPMEQDLPFICHANRKISVEDVKFVLSSHFENTKYDVYGSGSQSDKTLFRPIGINRNH
NVHILQIRNNVPTEIAGIHWLAYGANTFNTVVPFYANVNDTPVQYKNATGKFDLNNMYWLSCTTALLGDTDYDFYVDMRN
DYELDAMSAYRKIQNDTDADISGQKDIEKYLENANKKLADVAFEKQNKLLGDMVTTGSNNMKLRYNLND
;
_entity_poly.pdbx_strand_id   A,B,C,D,E
#
# COMPACT_ATOMS: atom_id res chain seq x y z
N CYS A 9 -5.98 4.61 -33.80
CA CYS A 9 -5.22 5.84 -34.03
C CYS A 9 -5.16 6.75 -32.82
N THR A 10 -4.13 7.59 -32.78
CA THR A 10 -3.98 8.62 -31.77
C THR A 10 -3.59 9.92 -32.47
N SER A 11 -4.24 11.02 -32.11
CA SER A 11 -3.98 12.32 -32.73
C SER A 11 -3.49 13.35 -31.73
N ILE A 12 -2.56 14.20 -32.16
CA ILE A 12 -2.10 15.30 -31.30
C ILE A 12 -2.12 16.60 -32.12
N LEU A 13 -2.74 17.63 -31.56
CA LEU A 13 -2.89 18.91 -32.23
C LEU A 13 -2.22 19.98 -31.38
N VAL A 14 -1.53 20.92 -32.03
CA VAL A 14 -0.85 21.99 -31.30
C VAL A 14 -1.07 23.34 -31.98
N GLY A 15 -1.61 24.30 -31.24
CA GLY A 15 -1.84 25.64 -31.76
C GLY A 15 -0.56 26.44 -31.94
N LYS A 16 -0.62 27.53 -32.70
CA LYS A 16 0.60 28.23 -33.12
C LYS A 16 1.33 28.96 -32.00
N LYS A 17 0.64 29.23 -30.89
CA LYS A 17 1.31 29.84 -29.74
C LYS A 17 1.77 28.78 -28.74
N ALA A 18 1.44 27.52 -29.01
CA ALA A 18 1.76 26.42 -28.11
C ALA A 18 3.01 25.65 -28.54
N SER A 19 3.40 25.83 -29.80
CA SER A 19 4.58 25.18 -30.36
C SER A 19 5.84 25.94 -30.02
N ILE A 20 6.98 25.26 -30.05
CA ILE A 20 8.24 25.90 -29.70
C ILE A 20 8.67 26.90 -30.78
N ASP A 21 8.16 26.73 -32.00
CA ASP A 21 8.63 27.53 -33.12
C ASP A 21 7.55 28.39 -33.78
N GLY A 22 6.38 28.45 -33.18
CA GLY A 22 5.31 29.27 -33.72
C GLY A 22 4.60 28.64 -34.90
N SER A 23 4.87 27.37 -35.15
CA SER A 23 4.16 26.63 -36.18
C SER A 23 2.84 26.03 -35.68
N THR A 24 1.96 25.65 -36.59
CA THR A 24 0.83 24.78 -36.21
C THR A 24 1.24 23.34 -36.46
N LEU A 25 0.72 22.45 -35.62
CA LEU A 25 0.97 21.01 -35.79
C LEU A 25 -0.31 20.23 -35.69
N ILE A 26 -0.54 19.37 -36.66
CA ILE A 26 -1.57 18.34 -36.50
C ILE A 26 -0.93 17.01 -36.86
N SER A 27 -1.23 15.98 -36.08
CA SER A 27 -0.52 14.72 -36.21
C SER A 27 -1.45 13.55 -35.92
N ARG A 28 -1.08 12.39 -36.45
CA ARG A 28 -1.85 11.18 -36.20
C ARG A 28 -1.00 9.96 -36.48
N ASN A 29 -1.18 8.94 -35.64
CA ASN A 29 -0.77 7.59 -35.98
C ASN A 29 -1.86 6.98 -36.81
N ASP A 30 -1.52 6.54 -38.01
CA ASP A 30 -2.47 5.86 -38.87
C ASP A 30 -2.43 4.37 -38.56
N ASP A 31 -3.26 3.94 -37.62
CA ASP A 31 -3.27 2.56 -37.16
C ASP A 31 -4.35 1.76 -37.88
N GLY A 32 -3.98 0.59 -38.40
CA GLY A 32 -4.94 -0.24 -39.10
C GLY A 32 -5.35 -1.46 -38.30
N HIS A 33 -6.05 -2.38 -38.94
CA HIS A 33 -6.47 -3.62 -38.27
C HIS A 33 -5.36 -4.69 -38.28
N GLU A 34 -4.79 -4.95 -39.45
CA GLU A 34 -3.63 -5.84 -39.55
C GLU A 34 -2.37 -5.10 -39.14
N ALA A 35 -1.39 -5.81 -38.61
CA ALA A 35 -0.17 -5.15 -38.16
C ALA A 35 0.53 -4.45 -39.33
N LEU A 36 0.74 -5.17 -40.44
CA LEU A 36 1.44 -4.58 -41.58
C LEU A 36 0.51 -4.32 -42.77
N ASP A 37 0.72 -3.17 -43.39
CA ASP A 37 0.02 -2.82 -44.62
C ASP A 37 0.79 -1.69 -45.29
N PRO A 38 1.50 -2.01 -46.37
CA PRO A 38 2.50 -1.09 -46.95
C PRO A 38 1.91 0.27 -47.32
N GLN A 39 2.68 1.30 -46.99
CA GLN A 39 2.32 2.70 -47.20
C GLN A 39 3.27 3.34 -48.19
N ARG A 40 2.76 4.31 -48.94
CA ARG A 40 3.56 5.11 -49.87
C ARG A 40 3.42 6.60 -49.56
N PHE A 41 4.47 7.36 -49.87
CA PHE A 41 4.46 8.81 -49.77
C PHE A 41 4.35 9.37 -51.17
N VAL A 42 3.23 10.02 -51.47
CA VAL A 42 2.90 10.36 -52.86
C VAL A 42 2.36 11.78 -52.97
N VAL A 43 2.92 12.55 -53.92
CA VAL A 43 2.33 13.83 -54.26
C VAL A 43 1.35 13.59 -55.40
N VAL A 44 0.11 14.03 -55.19
CA VAL A 44 -0.91 13.96 -56.21
C VAL A 44 -0.94 15.31 -56.94
N ASN A 45 -0.43 15.34 -58.15
CA ASN A 45 -0.47 16.55 -58.95
C ASN A 45 -1.87 16.67 -59.53
N PRO A 46 -2.31 17.90 -59.85
CA PRO A 46 -3.68 18.15 -60.28
C PRO A 46 -4.14 17.26 -61.42
N GLU A 47 -3.25 16.97 -62.36
CA GLU A 47 -3.61 16.12 -63.49
C GLU A 47 -3.87 14.67 -63.05
N ASP A 48 -3.44 14.32 -61.84
CA ASP A 48 -3.60 12.94 -61.35
C ASP A 48 -4.84 12.82 -60.48
N GLN A 49 -5.49 13.93 -60.20
CA GLN A 49 -6.65 13.94 -59.31
C GLN A 49 -7.93 13.67 -60.07
N PRO A 50 -8.75 12.71 -59.57
CA PRO A 50 -10.04 12.41 -60.21
C PRO A 50 -10.99 13.60 -60.19
N ARG A 51 -11.82 13.72 -61.22
CA ARG A 51 -12.95 14.65 -61.19
C ARG A 51 -14.27 13.91 -60.90
N ASP A 52 -14.29 12.62 -61.24
CA ASP A 52 -15.43 11.77 -60.95
C ASP A 52 -14.97 10.59 -60.10
N TYR A 53 -15.15 10.76 -58.79
CA TYR A 53 -14.65 9.82 -57.79
C TYR A 53 -15.67 8.79 -57.33
N THR A 54 -15.30 7.52 -57.32
CA THR A 54 -16.13 6.48 -56.71
C THR A 54 -15.30 5.66 -55.74
N SER A 55 -15.80 5.49 -54.52
CA SER A 55 -15.06 4.74 -53.51
C SER A 55 -15.19 3.24 -53.74
N VAL A 56 -14.27 2.50 -53.15
CA VAL A 56 -14.28 1.04 -53.24
C VAL A 56 -15.19 0.41 -52.19
N ILE A 57 -15.10 0.89 -50.96
CA ILE A 57 -15.82 0.25 -49.87
C ILE A 57 -17.33 0.49 -49.96
N SER A 58 -17.72 1.76 -50.15
CA SER A 58 -19.13 2.13 -50.11
C SER A 58 -19.78 2.41 -51.46
N LYS A 59 -18.94 2.56 -52.49
CA LYS A 59 -19.39 2.93 -53.84
C LYS A 59 -20.06 4.30 -53.90
N VAL A 60 -19.75 5.18 -52.95
CA VAL A 60 -20.22 6.55 -53.01
C VAL A 60 -19.60 7.21 -54.23
N ASN A 61 -20.40 8.00 -54.94
CA ASN A 61 -19.90 8.66 -56.14
C ASN A 61 -19.98 10.17 -55.96
N VAL A 62 -18.81 10.81 -56.00
CA VAL A 62 -18.67 12.24 -55.72
C VAL A 62 -18.08 12.93 -56.92
N LYS A 63 -18.83 13.88 -57.47
CA LYS A 63 -18.31 14.71 -58.54
C LYS A 63 -17.47 15.80 -57.90
N LEU A 64 -16.24 15.96 -58.36
CA LEU A 64 -15.30 16.90 -57.77
C LEU A 64 -15.01 18.07 -58.70
N PRO A 65 -14.65 19.24 -58.14
CA PRO A 65 -14.28 20.42 -58.93
C PRO A 65 -13.12 20.16 -59.89
N ASP A 66 -13.04 20.97 -60.93
CA ASP A 66 -12.02 20.78 -61.95
C ASP A 66 -10.73 21.54 -61.66
N ASP A 67 -10.63 22.16 -60.48
CA ASP A 67 -9.42 22.89 -60.12
C ASP A 67 -8.74 22.42 -58.83
N PRO A 68 -8.43 21.11 -58.74
CA PRO A 68 -7.77 20.64 -57.51
C PRO A 68 -6.35 21.19 -57.36
N GLN A 69 -5.94 21.41 -56.11
CA GLN A 69 -4.57 21.79 -55.81
C GLN A 69 -3.70 20.56 -55.64
N ARG A 70 -2.43 20.71 -55.94
CA ARG A 70 -1.44 19.68 -55.63
C ARG A 70 -1.43 19.40 -54.13
N TYR A 71 -1.24 18.14 -53.74
CA TYR A 71 -1.16 17.82 -52.32
C TYR A 71 -0.31 16.59 -52.04
N THR A 72 0.32 16.55 -50.87
CA THR A 72 0.99 15.34 -50.41
C THR A 72 -0.05 14.36 -49.85
N SER A 73 0.31 13.09 -49.77
CA SER A 73 -0.62 12.07 -49.29
C SER A 73 0.15 10.82 -48.92
N ILE A 74 -0.52 9.89 -48.23
CA ILE A 74 0.12 8.65 -47.81
C ILE A 74 -0.73 7.44 -48.21
N PRO A 75 -0.92 7.23 -49.52
CA PRO A 75 -1.83 6.16 -49.94
C PRO A 75 -1.32 4.75 -49.62
N ASN A 76 -2.25 3.82 -49.41
CA ASN A 76 -1.89 2.41 -49.31
C ASN A 76 -1.26 1.93 -50.61
N SER A 77 -0.23 1.10 -50.51
CA SER A 77 0.35 0.46 -51.70
C SER A 77 -0.64 -0.50 -52.36
N ILE A 78 -1.34 -1.26 -51.53
CA ILE A 78 -2.29 -2.26 -52.00
C ILE A 78 -3.66 -1.60 -51.99
N LEU A 79 -4.28 -1.50 -53.16
CA LEU A 79 -5.48 -0.66 -53.33
C LEU A 79 -6.79 -1.43 -53.25
N THR A 80 -6.73 -2.64 -52.70
CA THR A 80 -7.89 -3.51 -52.57
C THR A 80 -9.11 -2.83 -51.94
N ASN A 81 -8.87 -2.00 -50.93
CA ASN A 81 -9.95 -1.30 -50.22
C ASN A 81 -9.98 0.20 -50.48
N GLY A 82 -9.40 0.63 -51.59
CA GLY A 82 -9.37 2.04 -51.92
C GLY A 82 -8.05 2.69 -51.60
N ILE A 83 -8.00 4.01 -51.77
CA ILE A 83 -6.74 4.73 -51.73
C ILE A 83 -6.18 4.93 -50.32
N TRP A 84 -7.05 5.32 -49.39
CA TRP A 84 -6.66 5.58 -47.99
C TRP A 84 -5.46 6.52 -47.91
N PRO A 85 -5.64 7.77 -48.38
CA PRO A 85 -4.55 8.76 -48.44
C PRO A 85 -4.09 9.28 -47.07
N ALA A 86 -4.93 9.13 -46.03
CA ALA A 86 -4.61 9.45 -44.63
C ALA A 86 -4.47 10.94 -44.28
N ALA A 87 -3.59 11.64 -44.99
CA ALA A 87 -3.18 12.97 -44.56
C ALA A 87 -2.29 13.65 -45.59
N GLY A 88 -2.30 14.97 -45.60
CA GLY A 88 -1.39 15.70 -46.46
C GLY A 88 -1.49 17.20 -46.35
N ILE A 89 -0.68 17.87 -47.14
CA ILE A 89 -0.62 19.33 -47.15
C ILE A 89 -0.81 19.76 -48.60
N ASN A 90 -1.66 20.74 -48.86
CA ASN A 90 -1.86 21.19 -50.24
C ASN A 90 -1.02 22.42 -50.57
N SER A 91 -1.10 22.92 -51.80
CA SER A 91 -0.22 23.99 -52.23
C SER A 91 -0.62 25.37 -51.66
N SER A 92 -1.75 25.42 -50.96
CA SER A 92 -2.15 26.59 -50.16
C SER A 92 -1.65 26.49 -48.72
N ASN A 93 -0.81 25.50 -48.45
CA ASN A 93 -0.30 25.22 -47.10
C ASN A 93 -1.43 24.98 -46.10
N VAL A 94 -2.43 24.24 -46.53
CA VAL A 94 -3.45 23.71 -45.63
C VAL A 94 -3.16 22.23 -45.39
N ALA A 95 -3.21 21.84 -44.12
CA ALA A 95 -2.97 20.45 -43.73
C ALA A 95 -4.27 19.78 -43.32
N MET A 96 -4.36 18.48 -43.56
CA MET A 96 -5.53 17.70 -43.16
C MET A 96 -5.13 16.29 -42.81
N SER A 97 -5.69 15.74 -41.73
CA SER A 97 -5.51 14.33 -41.44
C SER A 97 -6.85 13.69 -41.13
N ALA A 98 -7.17 12.60 -41.84
CA ALA A 98 -8.44 11.91 -41.73
C ALA A 98 -8.22 10.40 -41.86
N THR A 99 -8.53 9.60 -40.82
CA THR A 99 -9.31 9.98 -39.66
C THR A 99 -8.84 9.33 -38.37
N GLU A 100 -9.35 9.88 -37.28
CA GLU A 100 -9.34 9.27 -35.98
C GLU A 100 -10.72 8.65 -35.77
N THR A 101 -10.81 7.32 -35.77
CA THR A 101 -12.11 6.66 -35.51
C THR A 101 -12.53 7.04 -34.11
N ILE A 102 -13.74 7.54 -33.96
CA ILE A 102 -14.21 7.89 -32.62
C ILE A 102 -15.41 7.03 -32.26
N THR A 103 -16.15 7.45 -31.24
CA THR A 103 -17.29 6.67 -30.78
C THR A 103 -18.60 7.42 -30.97
N THR A 104 -19.69 6.71 -30.74
CA THR A 104 -21.04 7.24 -30.92
C THR A 104 -21.94 6.60 -29.88
N ASN A 105 -23.26 6.77 -29.99
CA ASN A 105 -24.16 6.00 -29.13
C ASN A 105 -25.48 5.72 -29.85
N SER A 106 -26.29 4.85 -29.25
CA SER A 106 -27.50 4.34 -29.89
C SER A 106 -28.60 5.38 -30.01
N ARG A 107 -28.59 6.37 -29.11
CA ARG A 107 -29.65 7.38 -29.13
C ARG A 107 -29.52 8.27 -30.36
N VAL A 108 -28.30 8.70 -30.68
CA VAL A 108 -28.14 9.52 -31.88
C VAL A 108 -28.18 8.64 -33.13
N GLN A 109 -27.64 7.42 -33.07
CA GLN A 109 -27.68 6.53 -34.22
C GLN A 109 -29.12 6.18 -34.61
N GLY A 110 -30.01 6.14 -33.60
CA GLY A 110 -31.41 5.86 -33.86
C GLY A 110 -32.12 6.98 -34.61
N LEU A 111 -31.56 8.19 -34.54
CA LEU A 111 -32.15 9.35 -35.21
C LEU A 111 -31.53 9.65 -36.56
N ASP A 112 -30.22 9.41 -36.67
CA ASP A 112 -29.47 9.71 -37.89
C ASP A 112 -28.48 8.56 -38.13
N PRO A 113 -28.98 7.43 -38.64
CA PRO A 113 -28.17 6.23 -38.84
C PRO A 113 -27.06 6.43 -39.87
N PHE A 114 -26.04 5.59 -39.79
CA PHE A 114 -24.99 5.56 -40.80
C PHE A 114 -25.58 5.35 -42.19
N VAL A 115 -24.92 5.94 -43.18
CA VAL A 115 -25.32 5.84 -44.58
C VAL A 115 -24.39 4.87 -45.29
N GLU A 116 -24.94 3.74 -45.71
CA GLU A 116 -24.17 2.62 -46.26
C GLU A 116 -23.34 3.02 -47.49
N ASN A 117 -23.90 3.88 -48.33
CA ASN A 117 -23.17 4.34 -49.51
C ASN A 117 -22.64 5.75 -49.32
N GLY A 118 -22.24 6.05 -48.09
CA GLY A 118 -21.69 7.36 -47.76
C GLY A 118 -20.17 7.41 -47.80
N LEU A 119 -19.62 8.51 -47.29
CA LEU A 119 -18.18 8.72 -47.27
C LEU A 119 -17.52 8.01 -46.08
N GLY A 120 -16.25 7.66 -46.24
CA GLY A 120 -15.49 7.07 -45.16
C GLY A 120 -14.06 7.59 -45.15
N GLU A 121 -13.29 7.12 -44.17
CA GLU A 121 -11.86 7.40 -44.08
C GLU A 121 -11.10 7.06 -45.38
N GLU A 122 -11.59 6.07 -46.11
CA GLU A 122 -11.07 5.74 -47.42
C GLU A 122 -10.91 6.98 -48.30
N ASP A 123 -11.84 7.92 -48.12
CA ASP A 123 -12.12 8.99 -49.09
C ASP A 123 -11.77 10.42 -48.69
N LEU A 124 -11.79 10.72 -47.39
CA LEU A 124 -11.97 12.11 -46.99
C LEU A 124 -10.90 13.09 -47.46
N VAL A 125 -9.61 12.75 -47.32
CA VAL A 125 -8.56 13.69 -47.74
C VAL A 125 -8.70 13.97 -49.24
N THR A 126 -8.97 12.92 -50.02
CA THR A 126 -9.08 13.03 -51.47
C THR A 126 -10.17 14.00 -51.92
N VAL A 127 -11.29 13.99 -51.21
CA VAL A 127 -12.42 14.78 -51.65
C VAL A 127 -12.50 16.16 -50.96
N VAL A 128 -11.63 16.42 -49.99
CA VAL A 128 -11.65 17.71 -49.27
C VAL A 128 -10.40 18.55 -49.49
N LEU A 129 -9.24 17.98 -49.17
CA LEU A 129 -7.98 18.74 -49.15
C LEU A 129 -7.64 19.52 -50.45
N PRO A 130 -7.86 18.92 -51.64
CA PRO A 130 -7.43 19.66 -52.84
C PRO A 130 -8.24 20.93 -53.15
N TYR A 131 -9.33 21.19 -52.42
CA TYR A 131 -10.31 22.19 -52.86
C TYR A 131 -10.52 23.31 -51.85
N VAL A 132 -9.62 23.41 -50.87
CA VAL A 132 -9.77 24.41 -49.82
C VAL A 132 -8.49 25.19 -49.60
N LYS A 133 -8.63 26.43 -49.13
CA LYS A 133 -7.49 27.33 -48.98
C LYS A 133 -7.28 27.80 -47.55
N SER A 134 -8.07 27.26 -46.62
CA SER A 134 -7.86 27.48 -45.21
C SER A 134 -8.35 26.27 -44.43
N ALA A 135 -7.93 26.15 -43.18
CA ALA A 135 -8.43 25.07 -42.32
C ALA A 135 -9.95 25.17 -42.15
N ARG A 136 -10.42 26.39 -41.94
CA ARG A 136 -11.83 26.66 -41.74
C ARG A 136 -12.64 26.25 -42.99
N GLU A 137 -12.10 26.53 -44.18
CA GLU A 137 -12.74 26.06 -45.42
C GLU A 137 -12.79 24.54 -45.49
N GLY A 138 -11.74 23.88 -45.01
CA GLY A 138 -11.72 22.43 -44.92
C GLY A 138 -12.87 21.92 -44.08
N VAL A 139 -13.05 22.52 -42.90
CA VAL A 139 -14.13 22.15 -42.00
C VAL A 139 -15.49 22.29 -42.69
N LYS A 140 -15.70 23.43 -43.31
CA LYS A 140 -16.98 23.74 -43.94
C LYS A 140 -17.24 22.83 -45.14
N ARG A 141 -16.21 22.53 -45.93
CA ARG A 141 -16.41 21.64 -47.06
C ARG A 141 -16.73 20.23 -46.60
N LEU A 142 -16.01 19.74 -45.59
CA LEU A 142 -16.29 18.38 -45.08
C LEU A 142 -17.71 18.32 -44.51
N GLY A 143 -18.10 19.36 -43.79
CA GLY A 143 -19.45 19.43 -43.25
C GLY A 143 -20.51 19.33 -44.34
N SER A 144 -20.32 20.08 -45.42
CA SER A 144 -21.24 20.07 -46.55
C SER A 144 -21.31 18.70 -47.22
N LEU A 145 -20.16 18.05 -47.36
CA LEU A 145 -20.10 16.72 -47.97
C LEU A 145 -20.81 15.67 -47.12
N LEU A 146 -20.70 15.78 -45.79
CA LEU A 146 -21.40 14.84 -44.90
C LEU A 146 -22.91 14.99 -45.05
N GLU A 147 -23.35 16.23 -45.21
CA GLU A 147 -24.77 16.52 -45.41
C GLU A 147 -25.26 16.02 -46.76
N GLU A 148 -24.41 16.13 -47.77
CA GLU A 148 -24.78 15.74 -49.13
C GLU A 148 -24.73 14.23 -49.37
N TYR A 149 -23.70 13.57 -48.83
CA TYR A 149 -23.44 12.16 -49.11
C TYR A 149 -23.60 11.22 -47.93
N GLY A 150 -23.54 11.77 -46.71
CA GLY A 150 -23.57 10.94 -45.53
C GLY A 150 -22.25 10.24 -45.27
N THR A 151 -22.18 9.53 -44.15
CA THR A 151 -21.00 8.75 -43.79
C THR A 151 -21.44 7.44 -43.12
N TYR A 152 -20.58 6.43 -43.18
CA TYR A 152 -20.85 5.14 -42.55
C TYR A 152 -19.92 4.87 -41.36
N GLU A 153 -19.17 5.90 -40.95
CA GLU A 153 -18.21 5.78 -39.85
C GLU A 153 -18.30 6.95 -38.88
N PRO A 154 -17.92 6.74 -37.61
CA PRO A 154 -17.72 7.83 -36.67
C PRO A 154 -16.26 8.29 -36.69
N ASN A 155 -16.00 9.52 -37.14
CA ASN A 155 -14.62 9.96 -37.37
C ASN A 155 -14.27 11.32 -36.80
N GLY A 156 -13.00 11.48 -36.43
CA GLY A 156 -12.43 12.77 -36.10
C GLY A 156 -11.42 13.19 -37.15
N ILE A 157 -11.46 14.45 -37.55
CA ILE A 157 -10.60 14.95 -38.63
C ILE A 157 -9.93 16.24 -38.20
N SER A 158 -8.63 16.36 -38.43
CA SER A 158 -7.94 17.60 -38.11
C SER A 158 -7.62 18.41 -39.36
N PHE A 159 -7.69 19.73 -39.22
CA PHE A 159 -7.29 20.69 -40.26
C PHE A 159 -6.37 21.72 -39.66
N ALA A 160 -5.43 22.24 -40.47
CA ALA A 160 -4.61 23.35 -40.00
C ALA A 160 -4.11 24.20 -41.17
N ASP A 161 -3.87 25.48 -40.88
CA ASP A 161 -3.11 26.33 -41.78
C ASP A 161 -2.10 27.08 -40.90
N ASN A 162 -1.48 28.14 -41.41
CA ASN A 162 -0.45 28.79 -40.62
C ASN A 162 -1.03 29.58 -39.44
N GLU A 163 -2.36 29.74 -39.43
CA GLU A 163 -3.05 30.49 -38.36
C GLU A 163 -3.84 29.62 -37.38
N GLU A 164 -4.61 28.69 -37.92
CA GLU A 164 -5.61 27.99 -37.12
C GLU A 164 -5.50 26.48 -37.19
N VAL A 165 -5.95 25.85 -36.10
CA VAL A 165 -6.08 24.40 -36.01
C VAL A 165 -7.50 24.06 -35.63
N TRP A 166 -8.12 23.16 -36.40
CA TRP A 166 -9.51 22.76 -36.16
C TRP A 166 -9.62 21.24 -36.00
N TRP A 167 -10.60 20.83 -35.20
CA TRP A 167 -10.94 19.43 -35.02
C TRP A 167 -12.42 19.25 -35.29
N LEU A 168 -12.74 18.42 -36.29
CA LEU A 168 -14.14 18.14 -36.63
C LEU A 168 -14.47 16.71 -36.23
N GLU A 169 -15.63 16.52 -35.63
CA GLU A 169 -16.10 15.17 -35.33
C GLU A 169 -17.44 14.91 -36.02
N THR A 170 -17.54 13.75 -36.65
CA THR A 170 -18.80 13.39 -37.32
C THR A 170 -19.75 12.70 -36.35
N ILE A 171 -21.04 12.96 -36.56
CA ILE A 171 -22.08 12.59 -35.61
C ILE A 171 -23.23 11.98 -36.38
N GLY A 172 -23.42 10.67 -36.23
CA GLY A 172 -24.42 9.97 -37.04
C GLY A 172 -24.09 9.99 -38.52
N GLY A 173 -25.11 9.78 -39.36
CA GLY A 173 -24.89 9.69 -40.78
C GLY A 173 -24.60 11.01 -41.48
N HIS A 174 -25.05 12.12 -40.90
CA HIS A 174 -24.98 13.41 -41.57
C HIS A 174 -24.54 14.60 -40.72
N HIS A 175 -24.52 14.47 -39.40
CA HIS A 175 -24.24 15.64 -38.56
C HIS A 175 -22.76 15.76 -38.21
N TRP A 176 -22.39 16.92 -37.68
CA TRP A 176 -20.99 17.17 -37.36
C TRP A 176 -20.84 18.40 -36.49
N ALA A 177 -19.70 18.49 -35.81
CA ALA A 177 -19.34 19.68 -35.06
C ALA A 177 -17.82 19.85 -35.12
N ALA A 178 -17.38 21.09 -34.98
CA ALA A 178 -15.95 21.36 -35.04
C ALA A 178 -15.55 22.45 -34.07
N VAL A 179 -14.34 22.33 -33.54
CA VAL A 179 -13.83 23.29 -32.58
C VAL A 179 -12.48 23.80 -33.06
N ARG A 180 -12.31 25.11 -32.98
CA ARG A 180 -11.01 25.70 -33.23
C ARG A 180 -10.18 25.60 -31.96
N ILE A 181 -9.03 24.94 -32.07
CA ILE A 181 -8.15 24.78 -30.92
C ILE A 181 -7.51 26.13 -30.62
N PRO A 182 -7.60 26.61 -29.36
CA PRO A 182 -6.98 27.89 -29.03
C PRO A 182 -5.49 27.91 -29.39
N ASP A 183 -4.99 29.09 -29.79
CA ASP A 183 -3.60 29.22 -30.21
C ASP A 183 -2.61 28.65 -29.20
N ASP A 184 -2.93 28.79 -27.92
CA ASP A 184 -1.97 28.42 -26.87
C ASP A 184 -2.24 27.02 -26.31
N ALA A 185 -3.05 26.25 -27.02
CA ALA A 185 -3.50 24.97 -26.49
C ALA A 185 -3.00 23.78 -27.29
N TYR A 186 -3.14 22.60 -26.69
CA TYR A 186 -2.92 21.35 -27.42
C TYR A 186 -4.08 20.39 -27.11
N VAL A 187 -4.17 19.34 -27.91
CA VAL A 187 -5.13 18.26 -27.74
C VAL A 187 -4.44 16.91 -27.92
N VAL A 188 -4.77 15.93 -27.07
CA VAL A 188 -4.46 14.53 -27.32
C VAL A 188 -5.77 13.76 -27.46
N ALA A 189 -5.96 13.10 -28.61
CA ALA A 189 -7.24 12.46 -28.92
C ALA A 189 -7.10 11.01 -29.33
N PRO A 190 -7.76 10.12 -28.58
CA PRO A 190 -7.78 8.69 -28.89
C PRO A 190 -9.04 8.32 -29.66
N ASN A 191 -9.35 7.03 -29.71
CA ASN A 191 -10.46 6.55 -30.52
C ASN A 191 -11.80 6.65 -29.80
N ARG A 192 -12.12 7.84 -29.33
CA ARG A 192 -13.30 8.09 -28.52
C ARG A 192 -13.74 9.51 -28.86
N MET A 193 -15.05 9.79 -28.94
CA MET A 193 -15.46 11.16 -29.22
C MET A 193 -14.87 12.10 -28.17
N ASN A 194 -14.36 13.24 -28.64
CA ASN A 194 -13.52 14.11 -27.81
C ASN A 194 -14.10 15.46 -27.40
N ILE A 195 -14.86 16.09 -28.30
CA ILE A 195 -15.32 17.44 -28.01
C ILE A 195 -16.23 17.46 -26.78
N ASP A 196 -15.90 18.31 -25.82
CA ASP A 196 -16.68 18.38 -24.57
C ASP A 196 -17.55 19.64 -24.56
N GLN A 197 -17.34 20.53 -23.59
CA GLN A 197 -18.14 21.76 -23.49
C GLN A 197 -18.19 22.49 -24.82
N PHE A 198 -19.39 22.88 -25.24
CA PHE A 198 -19.58 23.38 -26.61
C PHE A 198 -20.55 24.56 -26.65
N ASP A 199 -20.07 25.68 -27.17
CA ASP A 199 -20.85 26.90 -27.34
C ASP A 199 -21.22 27.01 -28.80
N PHE A 200 -22.50 26.83 -29.13
CA PHE A 200 -22.93 26.81 -30.52
C PHE A 200 -22.67 28.14 -31.21
N ASP A 201 -22.68 29.23 -30.45
CA ASP A 201 -22.63 30.56 -31.03
C ASP A 201 -21.23 31.16 -31.01
N SER A 202 -20.25 30.37 -30.58
CA SER A 202 -18.87 30.85 -30.50
C SER A 202 -18.18 31.01 -31.85
N ASP A 203 -17.25 31.97 -31.91
CA ASP A 203 -16.40 32.13 -33.09
C ASP A 203 -15.49 30.92 -33.24
N ASP A 204 -15.32 30.17 -32.16
CA ASP A 204 -14.41 29.03 -32.17
C ASP A 204 -15.09 27.72 -32.50
N THR A 205 -16.36 27.76 -32.86
CA THR A 205 -17.06 26.52 -33.21
C THR A 205 -17.82 26.62 -34.53
N LEU A 206 -18.01 25.47 -35.16
CA LEU A 206 -18.86 25.31 -36.33
C LEU A 206 -19.60 23.99 -36.16
N CYS A 207 -20.81 23.89 -36.70
CA CYS A 207 -21.53 22.63 -36.61
C CYS A 207 -22.72 22.61 -37.57
N SER A 208 -23.33 21.44 -37.67
CA SER A 208 -24.62 21.30 -38.34
C SER A 208 -25.57 22.42 -37.93
N SER A 209 -26.23 23.02 -38.91
CA SER A 209 -27.15 24.12 -38.61
C SER A 209 -28.27 23.68 -37.66
N ASP A 210 -28.60 22.40 -37.69
CA ASP A 210 -29.68 21.87 -36.85
C ASP A 210 -29.19 21.16 -35.58
N LEU A 211 -27.91 21.26 -35.26
CA LEU A 211 -27.37 20.40 -34.18
C LEU A 211 -28.05 20.65 -32.82
N LYS A 212 -28.21 21.92 -32.44
CA LYS A 212 -28.83 22.22 -31.15
C LYS A 212 -30.28 21.76 -31.11
N ASP A 213 -31.01 21.99 -32.20
CA ASP A 213 -32.40 21.55 -32.26
C ASP A 213 -32.50 20.03 -32.19
N LEU A 214 -31.57 19.34 -32.83
CA LEU A 214 -31.54 17.88 -32.78
C LEU A 214 -31.46 17.41 -31.33
N ILE A 215 -30.58 18.06 -30.58
CA ILE A 215 -30.36 17.70 -29.18
C ILE A 215 -31.59 18.01 -28.35
N ASP A 216 -32.06 19.24 -28.45
CA ASP A 216 -33.15 19.74 -27.61
C ASP A 216 -34.46 19.01 -27.88
N ASN A 217 -34.78 18.79 -29.15
CA ASN A 217 -36.08 18.27 -29.51
C ASN A 217 -36.21 16.76 -29.30
N ASN A 218 -35.08 16.09 -29.11
CA ASN A 218 -35.10 14.63 -29.00
C ASN A 218 -34.55 14.11 -27.67
N ASN A 219 -34.45 15.02 -26.69
CA ASN A 219 -34.03 14.67 -25.34
C ASN A 219 -32.70 13.92 -25.33
N LEU A 220 -31.74 14.41 -26.11
CA LEU A 220 -30.45 13.73 -26.19
C LEU A 220 -29.50 14.16 -25.08
N ASN A 221 -29.80 15.28 -24.42
CA ASN A 221 -28.84 15.85 -23.48
C ASN A 221 -28.95 15.23 -22.09
N PRO A 222 -27.87 14.54 -21.65
CA PRO A 222 -27.93 13.90 -20.33
C PRO A 222 -27.64 14.85 -19.18
N ASP A 223 -27.14 16.03 -19.49
CA ASP A 223 -26.71 16.91 -18.44
C ASP A 223 -27.78 17.91 -18.03
N PHE A 224 -27.77 18.28 -16.75
CA PHE A 224 -28.74 19.24 -16.22
C PHE A 224 -28.55 20.63 -16.79
N GLU A 225 -27.30 20.99 -17.06
CA GLU A 225 -26.95 22.30 -17.60
C GLU A 225 -25.95 22.19 -18.74
N ASN A 226 -26.07 23.11 -19.69
CA ASN A 226 -25.12 23.27 -20.80
C ASN A 226 -25.05 22.09 -21.76
N TYR A 227 -24.10 22.16 -22.70
CA TYR A 227 -23.94 21.14 -23.74
C TYR A 227 -22.52 20.61 -23.80
N ASN A 228 -22.36 19.32 -23.56
CA ASN A 228 -21.08 18.63 -23.70
C ASN A 228 -21.26 17.62 -24.81
N LEU A 229 -20.60 17.82 -25.96
CA LEU A 229 -20.98 17.04 -27.13
C LEU A 229 -20.69 15.55 -26.98
N ARG A 230 -19.61 15.17 -26.30
CA ARG A 230 -19.33 13.74 -26.19
C ARG A 230 -20.23 13.10 -25.12
N HIS A 231 -20.68 13.88 -24.13
CA HIS A 231 -21.73 13.40 -23.24
C HIS A 231 -22.99 13.09 -24.02
N ILE A 232 -23.30 13.95 -24.98
CA ILE A 232 -24.54 13.84 -25.75
C ILE A 232 -24.46 12.80 -26.87
N PHE A 233 -23.37 12.83 -27.62
CA PHE A 233 -23.27 12.08 -28.87
C PHE A 233 -22.24 10.95 -28.80
N GLY A 234 -21.48 10.91 -27.72
CA GLY A 234 -20.36 10.00 -27.64
C GLY A 234 -20.55 8.87 -26.66
N SER A 235 -19.44 8.39 -26.13
CA SER A 235 -19.46 7.26 -25.20
C SER A 235 -18.68 7.57 -23.93
N ALA A 236 -19.04 6.87 -22.86
CA ALA A 236 -18.23 6.79 -21.64
C ALA A 236 -18.36 5.36 -21.14
N SER A 237 -17.73 4.45 -21.88
CA SER A 237 -17.93 3.01 -21.65
C SER A 237 -16.81 2.39 -20.84
N ILE A 238 -17.04 1.16 -20.42
CA ILE A 238 -15.96 0.43 -19.75
C ILE A 238 -14.79 0.25 -20.72
N LYS A 239 -15.07 -0.06 -21.99
CA LYS A 239 -13.97 -0.22 -22.95
C LYS A 239 -13.19 1.08 -23.11
N ASP A 240 -13.87 2.24 -23.03
CA ASP A 240 -13.16 3.52 -23.10
C ASP A 240 -12.06 3.63 -22.02
N THR A 241 -12.31 3.06 -20.84
CA THR A 241 -11.37 3.21 -19.74
C THR A 241 -10.05 2.48 -19.99
N VAL A 242 -10.03 1.51 -20.89
CA VAL A 242 -8.78 0.80 -21.15
C VAL A 242 -8.23 1.05 -22.55
N TYR A 243 -9.09 1.38 -23.51
CA TYR A 243 -8.69 1.50 -24.91
C TYR A 243 -8.33 2.95 -25.28
N ASN A 244 -8.95 3.90 -24.58
CA ASN A 244 -8.91 5.28 -25.00
C ASN A 244 -8.38 6.24 -23.95
N ASN A 245 -9.05 6.30 -22.80
CA ASN A 245 -8.71 7.30 -21.80
C ASN A 245 -7.25 7.29 -21.32
N PRO A 246 -6.64 6.09 -21.15
CA PRO A 246 -5.23 6.12 -20.70
C PRO A 246 -4.28 6.79 -21.68
N ARG A 247 -4.57 6.74 -22.97
CA ARG A 247 -3.74 7.41 -23.97
C ARG A 247 -3.83 8.93 -23.80
N THR A 248 -5.06 9.42 -23.65
CA THR A 248 -5.27 10.83 -23.36
C THR A 248 -4.55 11.22 -22.09
N TRP A 249 -4.71 10.39 -21.07
CA TRP A 249 -4.10 10.65 -19.76
C TRP A 249 -2.57 10.73 -19.86
N TYR A 250 -1.95 9.77 -20.55
CA TYR A 250 -0.50 9.74 -20.60
C TYR A 250 0.05 10.98 -21.31
N GLY A 251 -0.61 11.38 -22.39
CA GLY A 251 -0.23 12.59 -23.10
C GLY A 251 -0.39 13.84 -22.26
N GLN A 252 -1.50 13.95 -21.55
CA GLN A 252 -1.74 15.12 -20.70
C GLN A 252 -0.79 15.11 -19.50
N LYS A 253 -0.46 13.92 -18.99
CA LYS A 253 0.50 13.85 -17.89
C LYS A 253 1.89 14.35 -18.34
N PHE A 254 2.23 14.10 -19.60
CA PHE A 254 3.50 14.51 -20.16
C PHE A 254 3.56 16.02 -20.40
N PHE A 255 2.47 16.58 -20.94
CA PHE A 255 2.45 18.02 -21.28
C PHE A 255 1.97 18.93 -20.15
N SER A 256 1.03 18.42 -19.34
CA SER A 256 0.40 19.19 -18.26
C SER A 256 0.44 18.43 -16.94
N PRO A 257 1.63 18.09 -16.46
CA PRO A 257 1.73 17.20 -15.30
C PRO A 257 1.05 17.72 -14.04
N ASP A 258 1.03 19.02 -13.87
CA ASP A 258 0.50 19.57 -12.62
C ASP A 258 -1.00 19.82 -12.72
N ASP A 259 -1.58 19.61 -13.89
CA ASP A 259 -3.02 19.79 -14.07
C ASP A 259 -3.73 18.47 -14.29
N THR A 260 -2.98 17.37 -14.21
CA THR A 260 -3.52 16.05 -14.54
C THR A 260 -3.38 15.09 -13.35
N ALA A 261 -4.48 14.46 -12.96
CA ALA A 261 -4.46 13.55 -11.82
C ALA A 261 -3.87 12.19 -12.21
N ASP A 262 -4.02 11.19 -11.34
CA ASP A 262 -3.33 9.92 -11.56
C ASP A 262 -4.25 8.77 -11.93
N ASP A 263 -5.43 9.06 -12.46
CA ASP A 263 -6.34 8.01 -12.88
C ASP A 263 -6.42 7.94 -14.40
N PRO A 264 -5.74 6.95 -15.00
CA PRO A 264 -5.72 6.80 -16.46
C PRO A 264 -7.10 6.48 -17.04
N MET A 265 -8.02 6.04 -16.19
CA MET A 265 -9.33 5.60 -16.68
C MET A 265 -10.35 6.74 -16.73
N GLU A 266 -9.95 7.92 -16.25
CA GLU A 266 -10.84 9.09 -16.16
C GLU A 266 -11.63 9.38 -17.46
N GLN A 267 -12.95 9.50 -17.33
CA GLN A 267 -13.85 9.67 -18.48
C GLN A 267 -14.03 11.12 -18.87
N ASP A 268 -13.69 12.04 -17.96
CA ASP A 268 -13.89 13.44 -18.26
C ASP A 268 -12.58 14.24 -18.23
N LEU A 269 -11.52 13.66 -18.78
CA LEU A 269 -10.32 14.44 -19.05
C LEU A 269 -10.67 15.54 -20.03
N PRO A 270 -10.07 16.73 -19.84
CA PRO A 270 -10.35 17.83 -20.76
C PRO A 270 -9.96 17.52 -22.19
N PHE A 271 -10.69 18.11 -23.12
CA PHE A 271 -10.35 18.05 -24.55
C PHE A 271 -9.22 19.04 -24.82
N ILE A 272 -9.52 20.32 -24.66
CA ILE A 272 -8.53 21.39 -24.80
C ILE A 272 -7.65 21.50 -23.55
N CYS A 273 -6.33 21.48 -23.76
CA CYS A 273 -5.35 21.57 -22.67
C CYS A 273 -4.30 22.66 -22.87
N HIS A 274 -3.63 23.04 -21.79
CA HIS A 274 -2.55 24.03 -21.84
C HIS A 274 -1.31 23.47 -21.16
N ALA A 275 -0.25 23.30 -21.93
CA ALA A 275 0.96 22.66 -21.45
C ALA A 275 1.77 23.61 -20.58
N ASN A 276 2.72 23.07 -19.82
CA ASN A 276 3.55 23.92 -18.96
C ASN A 276 4.78 24.49 -19.68
N ARG A 277 4.83 24.25 -20.99
CA ARG A 277 5.97 24.63 -21.81
C ARG A 277 5.56 24.60 -23.27
N LYS A 278 6.40 25.12 -24.15
CA LYS A 278 6.14 25.04 -25.59
C LYS A 278 6.51 23.66 -26.10
N ILE A 279 5.79 23.22 -27.13
CA ILE A 279 5.86 21.84 -27.61
C ILE A 279 6.68 21.72 -28.90
N SER A 280 7.59 20.74 -28.93
CA SER A 280 8.42 20.50 -30.10
C SER A 280 7.91 19.34 -30.92
N VAL A 281 8.42 19.19 -32.14
CA VAL A 281 8.09 18.04 -32.96
C VAL A 281 8.57 16.77 -32.26
N GLU A 282 9.75 16.85 -31.66
CA GLU A 282 10.29 15.75 -30.88
C GLU A 282 9.33 15.30 -29.76
N ASP A 283 8.73 16.27 -29.06
CA ASP A 283 7.72 15.98 -28.04
C ASP A 283 6.52 15.20 -28.58
N VAL A 284 6.00 15.66 -29.70
CA VAL A 284 4.85 15.03 -30.32
C VAL A 284 5.19 13.60 -30.71
N LYS A 285 6.34 13.40 -31.33
CA LYS A 285 6.75 12.06 -31.74
C LYS A 285 6.93 11.17 -30.50
N PHE A 286 7.49 11.72 -29.42
CA PHE A 286 7.61 10.91 -28.20
C PHE A 286 6.25 10.36 -27.74
N VAL A 287 5.25 11.24 -27.62
CA VAL A 287 3.96 10.80 -27.15
C VAL A 287 3.34 9.82 -28.15
N LEU A 288 3.48 10.11 -29.45
CA LEU A 288 2.95 9.19 -30.47
C LEU A 288 3.67 7.85 -30.54
N SER A 289 4.80 7.73 -29.85
CA SER A 289 5.57 6.47 -29.85
C SER A 289 5.48 5.73 -28.52
N SER A 290 4.64 6.24 -27.61
CA SER A 290 4.74 5.83 -26.20
C SER A 290 3.94 4.57 -25.87
N HIS A 291 4.32 3.98 -24.74
CA HIS A 291 3.74 2.73 -24.26
C HIS A 291 3.75 2.79 -22.75
N PHE A 292 3.26 3.92 -22.24
CA PHE A 292 3.10 4.15 -20.79
C PHE A 292 4.41 3.93 -20.03
N GLU A 293 5.51 4.41 -20.61
CA GLU A 293 6.81 4.28 -19.96
C GLU A 293 6.77 4.80 -18.54
N ASN A 294 7.44 4.05 -17.65
CA ASN A 294 7.56 4.35 -16.23
C ASN A 294 6.24 4.24 -15.45
N THR A 295 5.32 3.44 -15.98
CA THR A 295 4.13 3.00 -15.26
C THR A 295 4.02 1.48 -15.35
N LYS A 296 3.16 0.90 -14.51
CA LYS A 296 2.95 -0.54 -14.54
C LYS A 296 2.20 -1.01 -15.77
N TYR A 297 1.73 -0.06 -16.59
CA TYR A 297 0.95 -0.39 -17.78
C TYR A 297 1.81 -0.52 -19.03
N ASP A 298 3.12 -0.37 -18.86
CA ASP A 298 4.07 -0.49 -19.96
C ASP A 298 4.30 -1.97 -20.31
N VAL A 299 3.94 -2.37 -21.51
CA VAL A 299 4.07 -3.77 -21.89
C VAL A 299 5.54 -4.24 -21.89
N TYR A 300 6.45 -3.29 -22.02
CA TYR A 300 7.89 -3.60 -21.98
C TYR A 300 8.48 -3.41 -20.59
N GLY A 301 7.61 -3.08 -19.62
CA GLY A 301 8.05 -2.70 -18.28
C GLY A 301 7.99 -3.81 -17.25
N SER A 302 7.87 -3.40 -15.98
CA SER A 302 8.01 -4.30 -14.84
C SER A 302 6.68 -4.76 -14.21
N GLY A 303 5.57 -4.33 -14.78
CA GLY A 303 4.28 -4.66 -14.20
C GLY A 303 3.87 -6.12 -14.35
N SER A 304 2.77 -6.47 -13.68
CA SER A 304 2.20 -7.80 -13.83
C SER A 304 1.73 -8.03 -15.27
N GLN A 305 1.56 -9.29 -15.63
CA GLN A 305 1.11 -9.63 -16.96
C GLN A 305 -0.23 -8.95 -17.27
N SER A 306 -1.13 -8.93 -16.29
CA SER A 306 -2.43 -8.32 -16.52
C SER A 306 -2.32 -6.80 -16.63
N ASP A 307 -1.51 -6.16 -15.79
CA ASP A 307 -1.35 -4.70 -15.87
C ASP A 307 -0.68 -4.28 -17.17
N LYS A 308 0.32 -5.06 -17.61
CA LYS A 308 1.10 -4.78 -18.81
C LYS A 308 0.30 -4.82 -20.09
N THR A 309 -0.83 -5.53 -20.06
CA THR A 309 -1.64 -5.75 -21.23
C THR A 309 -3.03 -5.14 -21.09
N LEU A 310 -3.24 -4.39 -20.00
CA LEU A 310 -4.56 -3.81 -19.72
C LEU A 310 -4.93 -2.67 -20.67
N PHE A 311 -3.96 -1.84 -21.02
CA PHE A 311 -4.23 -0.63 -21.83
C PHE A 311 -3.70 -0.74 -23.25
N ARG A 312 -4.43 -0.16 -24.20
CA ARG A 312 -3.91 -0.02 -25.57
C ARG A 312 -2.85 1.07 -25.60
N PRO A 313 -1.62 0.73 -26.06
CA PRO A 313 -0.57 1.74 -26.12
C PRO A 313 -0.75 2.68 -27.30
N ILE A 314 0.06 3.74 -27.34
CA ILE A 314 -0.01 4.69 -28.44
C ILE A 314 0.91 4.25 -29.58
N GLY A 315 2.20 4.07 -29.29
CA GLY A 315 3.06 3.33 -30.21
C GLY A 315 2.58 1.90 -30.20
N ILE A 316 2.47 1.28 -31.37
CA ILE A 316 1.84 -0.04 -31.45
C ILE A 316 2.23 -0.77 -32.73
N ASN A 317 2.12 -2.10 -32.72
CA ASN A 317 2.58 -2.88 -33.87
C ASN A 317 1.88 -2.48 -35.16
N ARG A 318 0.65 -1.97 -35.05
CA ARG A 318 -0.10 -1.62 -36.25
C ARG A 318 -0.09 -0.12 -36.57
N ASN A 319 0.89 0.63 -36.05
CA ASN A 319 1.25 1.94 -36.62
C ASN A 319 1.66 1.72 -38.08
N HIS A 320 0.82 2.08 -39.05
CA HIS A 320 1.21 1.89 -40.45
C HIS A 320 2.03 3.07 -40.93
N ASN A 321 1.55 4.27 -40.64
CA ASN A 321 2.38 5.46 -40.78
C ASN A 321 2.12 6.40 -39.61
N VAL A 322 3.07 7.28 -39.35
CA VAL A 322 2.85 8.38 -38.43
C VAL A 322 3.21 9.66 -39.18
N HIS A 323 2.36 10.67 -39.06
CA HIS A 323 2.63 11.92 -39.74
C HIS A 323 2.43 13.08 -38.79
N ILE A 324 3.32 14.06 -38.89
CA ILE A 324 3.15 15.30 -38.17
C ILE A 324 3.18 16.39 -39.23
N LEU A 325 2.02 17.01 -39.44
CA LEU A 325 1.91 18.03 -40.49
C LEU A 325 2.14 19.39 -39.85
N GLN A 326 3.18 20.06 -40.32
CA GLN A 326 3.61 21.30 -39.72
C GLN A 326 3.50 22.44 -40.72
N ILE A 327 2.78 23.49 -40.34
CA ILE A 327 2.79 24.72 -41.13
C ILE A 327 3.56 25.78 -40.36
N ARG A 328 4.74 26.09 -40.86
CA ARG A 328 5.68 26.99 -40.17
C ARG A 328 5.35 28.45 -40.43
N ASN A 329 5.76 29.32 -39.51
CA ASN A 329 5.57 30.76 -39.66
C ASN A 329 6.86 31.56 -39.67
N ASN A 330 7.98 30.91 -39.38
CA ASN A 330 9.25 31.63 -39.32
C ASN A 330 9.98 31.66 -40.67
N VAL A 331 9.26 31.34 -41.74
CA VAL A 331 9.86 31.11 -43.06
C VAL A 331 8.99 31.58 -44.23
N PRO A 332 9.60 31.76 -45.42
CA PRO A 332 8.79 32.04 -46.62
C PRO A 332 7.78 30.93 -46.88
N THR A 333 6.63 31.26 -47.46
CA THR A 333 5.57 30.27 -47.62
C THR A 333 6.00 29.07 -48.45
N GLU A 334 6.96 29.25 -49.36
CA GLU A 334 7.38 28.15 -50.21
C GLU A 334 8.09 27.03 -49.43
N ILE A 335 8.48 27.29 -48.18
CA ILE A 335 9.03 26.22 -47.34
C ILE A 335 8.30 26.10 -46.01
N ALA A 336 7.10 26.65 -45.92
CA ALA A 336 6.35 26.61 -44.66
C ALA A 336 5.79 25.22 -44.35
N GLY A 337 5.39 24.49 -45.40
CA GLY A 337 4.70 23.22 -45.21
C GLY A 337 5.66 22.05 -45.08
N ILE A 338 5.64 21.40 -43.93
CA ILE A 338 6.51 20.25 -43.69
C ILE A 338 5.66 19.02 -43.39
N HIS A 339 5.82 17.97 -44.18
CA HIS A 339 5.08 16.71 -43.97
C HIS A 339 6.03 15.71 -43.29
N TRP A 340 6.11 15.78 -41.96
CA TRP A 340 6.95 14.83 -41.21
C TRP A 340 6.35 13.43 -41.35
N LEU A 341 7.18 12.42 -41.61
CA LEU A 341 6.67 11.08 -41.92
C LEU A 341 7.55 9.95 -41.41
N ALA A 342 6.94 8.91 -40.88
CA ALA A 342 7.62 7.64 -40.65
C ALA A 342 6.63 6.50 -40.83
N TYR A 343 7.18 5.28 -40.87
CA TYR A 343 6.43 4.05 -41.13
C TYR A 343 6.65 3.00 -40.05
N GLY A 344 5.67 2.12 -39.85
CA GLY A 344 5.82 0.99 -38.94
C GLY A 344 5.71 1.39 -37.48
N ALA A 345 5.77 0.40 -36.59
CA ALA A 345 5.65 0.67 -35.16
C ALA A 345 6.62 1.76 -34.73
N ASN A 346 6.10 2.76 -34.02
CA ASN A 346 6.85 4.00 -33.77
C ASN A 346 8.00 3.88 -32.79
N THR A 347 8.14 2.72 -32.17
CA THR A 347 9.22 2.50 -31.24
C THR A 347 10.61 2.51 -31.89
N PHE A 348 10.71 2.19 -33.18
CA PHE A 348 12.03 2.10 -33.79
C PHE A 348 12.18 2.88 -35.09
N ASN A 349 11.42 3.96 -35.22
CA ASN A 349 11.56 4.82 -36.39
C ASN A 349 11.81 6.28 -35.97
N THR A 350 12.01 7.14 -36.96
CA THR A 350 12.10 8.57 -36.73
C THR A 350 11.30 9.28 -37.80
N VAL A 351 10.60 10.36 -37.42
CA VAL A 351 9.92 11.17 -38.44
C VAL A 351 10.92 12.05 -39.18
N VAL A 352 10.73 12.13 -40.49
CA VAL A 352 11.61 12.84 -41.40
C VAL A 352 10.87 14.08 -41.91
N PRO A 353 11.49 15.27 -41.82
CA PRO A 353 10.78 16.51 -42.17
C PRO A 353 10.75 16.81 -43.67
N PHE A 354 9.94 16.07 -44.43
CA PHE A 354 9.85 16.32 -45.86
C PHE A 354 9.20 17.67 -46.17
N TYR A 355 9.83 18.43 -47.05
CA TYR A 355 9.19 19.63 -47.59
C TYR A 355 7.99 19.20 -48.41
N ALA A 356 6.83 19.83 -48.18
CA ALA A 356 5.62 19.44 -48.91
C ALA A 356 5.55 20.09 -50.30
N ASN A 357 6.29 21.17 -50.48
CA ASN A 357 6.25 21.94 -51.74
C ASN A 357 7.12 21.30 -52.84
N VAL A 358 6.71 20.11 -53.28
CA VAL A 358 7.46 19.34 -54.27
C VAL A 358 6.48 18.64 -55.19
N ASN A 359 6.96 18.22 -56.36
CA ASN A 359 6.09 17.56 -57.35
C ASN A 359 6.19 16.04 -57.31
N ASP A 360 7.19 15.54 -56.58
CA ASP A 360 7.44 14.11 -56.51
C ASP A 360 8.13 13.83 -55.17
N THR A 361 8.25 12.54 -54.84
CA THR A 361 8.70 12.14 -53.52
C THR A 361 9.87 11.14 -53.63
N PRO A 362 10.68 11.02 -52.55
CA PRO A 362 11.88 10.17 -52.60
C PRO A 362 11.57 8.67 -52.74
N VAL A 363 12.40 7.95 -53.50
CA VAL A 363 12.13 6.56 -53.84
C VAL A 363 11.94 5.62 -52.63
N GLN A 364 12.74 5.79 -51.58
CA GLN A 364 12.66 4.85 -50.45
C GLN A 364 11.35 5.00 -49.69
N TYR A 365 10.66 6.11 -49.91
CA TYR A 365 9.39 6.36 -49.23
C TYR A 365 8.18 6.24 -50.17
N LYS A 366 8.42 6.29 -51.47
CA LYS A 366 7.32 6.27 -52.43
C LYS A 366 6.96 4.87 -52.92
N ASN A 367 7.95 4.00 -52.98
CA ASN A 367 7.81 2.84 -53.85
C ASN A 367 7.54 1.48 -53.21
N ALA A 368 6.99 1.47 -52.00
CA ALA A 368 6.60 0.19 -51.40
C ALA A 368 5.53 -0.51 -52.22
N THR A 369 5.67 -1.82 -52.37
CA THR A 369 4.62 -2.66 -52.93
C THR A 369 4.28 -3.76 -51.94
N GLY A 370 3.45 -4.71 -52.37
CA GLY A 370 3.12 -5.84 -51.54
C GLY A 370 4.27 -6.84 -51.41
N LYS A 371 5.32 -6.65 -52.21
CA LYS A 371 6.50 -7.52 -52.12
C LYS A 371 7.46 -6.98 -51.07
N PHE A 372 7.88 -7.84 -50.16
CA PHE A 372 8.84 -7.50 -49.12
C PHE A 372 10.15 -7.00 -49.73
N ASP A 373 10.53 -5.78 -49.38
CA ASP A 373 11.73 -5.17 -49.94
C ASP A 373 12.41 -4.29 -48.92
N LEU A 374 13.55 -4.76 -48.40
CA LEU A 374 14.23 -4.06 -47.32
C LEU A 374 15.00 -2.82 -47.79
N ASN A 375 14.97 -2.55 -49.10
CA ASN A 375 15.46 -1.28 -49.62
C ASN A 375 14.42 -0.18 -49.46
N ASN A 376 13.21 -0.58 -49.11
CA ASN A 376 12.12 0.35 -48.90
C ASN A 376 11.93 0.66 -47.41
N MET A 377 11.62 1.91 -47.09
CA MET A 377 11.57 2.31 -45.68
C MET A 377 10.36 1.75 -44.93
N TYR A 378 9.26 1.42 -45.61
CA TYR A 378 8.15 0.79 -44.90
C TYR A 378 8.61 -0.58 -44.36
N TRP A 379 9.11 -1.43 -45.23
CA TRP A 379 9.49 -2.77 -44.83
C TRP A 379 10.68 -2.77 -43.87
N LEU A 380 11.64 -1.89 -44.12
CA LEU A 380 12.82 -1.82 -43.26
C LEU A 380 12.43 -1.38 -41.84
N SER A 381 11.55 -0.39 -41.74
CA SER A 381 11.14 0.12 -40.44
C SER A 381 10.33 -0.91 -39.65
N CYS A 382 9.42 -1.60 -40.34
CA CYS A 382 8.63 -2.65 -39.68
C CYS A 382 9.54 -3.76 -39.17
N THR A 383 10.52 -4.13 -39.98
CA THR A 383 11.44 -5.21 -39.59
C THR A 383 12.21 -4.80 -38.34
N THR A 384 12.66 -3.55 -38.29
CA THR A 384 13.41 -3.05 -37.14
C THR A 384 12.57 -3.10 -35.86
N ALA A 385 11.34 -2.64 -35.96
CA ALA A 385 10.48 -2.58 -34.78
C ALA A 385 10.11 -3.98 -34.28
N LEU A 386 9.92 -4.93 -35.18
CA LEU A 386 9.62 -6.30 -34.76
C LEU A 386 10.80 -6.89 -34.00
N LEU A 387 12.01 -6.76 -34.55
CA LEU A 387 13.17 -7.28 -33.84
C LEU A 387 13.31 -6.58 -32.49
N GLY A 388 13.13 -5.26 -32.46
CA GLY A 388 13.23 -4.51 -31.22
C GLY A 388 12.23 -5.00 -30.17
N ASP A 389 11.04 -5.37 -30.61
CA ASP A 389 9.98 -5.89 -29.75
C ASP A 389 10.36 -7.20 -29.04
N THR A 390 11.26 -7.97 -29.64
CA THR A 390 11.62 -9.27 -29.07
C THR A 390 12.48 -9.15 -27.81
N ASP A 391 13.11 -8.00 -27.62
CA ASP A 391 13.92 -7.77 -26.41
C ASP A 391 14.14 -6.27 -26.26
N TYR A 392 13.10 -5.55 -25.88
CA TYR A 392 13.14 -4.09 -25.91
C TYR A 392 14.26 -3.51 -25.06
N ASP A 393 14.41 -3.99 -23.84
CA ASP A 393 15.43 -3.45 -22.95
C ASP A 393 16.85 -3.67 -23.51
N PHE A 394 17.02 -4.71 -24.31
CA PHE A 394 18.32 -5.01 -24.91
C PHE A 394 18.64 -4.04 -26.05
N TYR A 395 17.62 -3.62 -26.79
CA TYR A 395 17.83 -2.81 -27.98
C TYR A 395 17.58 -1.30 -27.78
N VAL A 396 17.03 -0.91 -26.64
CA VAL A 396 16.54 0.47 -26.48
C VAL A 396 17.68 1.50 -26.46
N ASP A 397 18.86 1.11 -26.01
CA ASP A 397 19.95 2.09 -25.97
C ASP A 397 20.42 2.43 -27.38
N MET A 398 20.53 1.42 -28.24
CA MET A 398 20.81 1.66 -29.65
C MET A 398 19.71 2.51 -30.29
N ARG A 399 18.47 2.17 -29.94
CA ARG A 399 17.31 2.93 -30.42
C ARG A 399 17.44 4.41 -30.05
N ASN A 400 17.72 4.68 -28.78
CA ASN A 400 17.84 6.06 -28.30
C ASN A 400 18.97 6.82 -28.99
N ASP A 401 20.11 6.18 -29.18
CA ASP A 401 21.25 6.82 -29.86
C ASP A 401 20.87 7.19 -31.28
N TYR A 402 20.26 6.24 -31.97
CA TYR A 402 19.79 6.42 -33.34
C TYR A 402 18.82 7.59 -33.46
N GLU A 403 17.87 7.69 -32.52
CA GLU A 403 16.88 8.77 -32.59
C GLU A 403 17.56 10.13 -32.55
N LEU A 404 18.48 10.31 -31.62
CA LEU A 404 19.17 11.60 -31.50
C LEU A 404 20.02 11.88 -32.72
N ASP A 405 20.75 10.86 -33.15
CA ASP A 405 21.66 11.00 -34.27
C ASP A 405 20.90 11.33 -35.55
N ALA A 406 19.78 10.65 -35.78
CA ALA A 406 18.98 10.84 -36.98
C ALA A 406 18.28 12.19 -36.99
N MET A 407 17.62 12.54 -35.89
CA MET A 407 16.91 13.80 -35.82
C MET A 407 17.88 14.99 -35.96
N SER A 408 19.07 14.85 -35.40
CA SER A 408 20.09 15.89 -35.52
C SER A 408 20.47 16.11 -36.98
N ALA A 409 20.65 15.00 -37.70
CA ALA A 409 20.99 15.07 -39.13
C ALA A 409 19.87 15.70 -39.96
N TYR A 410 18.62 15.35 -39.65
CA TYR A 410 17.48 15.91 -40.40
C TYR A 410 17.45 17.42 -40.18
N ARG A 411 17.64 17.85 -38.94
CA ARG A 411 17.53 19.27 -38.61
C ARG A 411 18.66 20.06 -39.26
N LYS A 412 19.85 19.46 -39.35
CA LYS A 412 20.96 20.12 -40.03
C LYS A 412 20.60 20.37 -41.50
N ILE A 413 20.07 19.34 -42.17
CA ILE A 413 19.68 19.46 -43.57
C ILE A 413 18.57 20.51 -43.73
N GLN A 414 17.57 20.48 -42.85
CA GLN A 414 16.50 21.47 -42.89
C GLN A 414 17.03 22.88 -42.67
N ASN A 415 17.88 23.06 -41.68
CA ASN A 415 18.43 24.38 -41.39
C ASN A 415 19.25 24.92 -42.57
N ASP A 416 20.07 24.05 -43.17
CA ASP A 416 20.89 24.43 -44.33
C ASP A 416 20.03 24.76 -45.54
N THR A 417 18.99 23.96 -45.75
CA THR A 417 18.09 24.14 -46.87
C THR A 417 17.28 25.43 -46.72
N ASP A 418 16.76 25.66 -45.52
CA ASP A 418 16.02 26.89 -45.20
C ASP A 418 16.89 28.13 -45.44
N ALA A 419 18.15 28.03 -45.03
CA ALA A 419 19.07 29.17 -45.07
C ALA A 419 19.38 29.65 -46.49
N ASP A 420 19.25 28.75 -47.47
CA ASP A 420 19.64 29.05 -48.84
C ASP A 420 18.45 29.15 -49.81
N ILE A 421 17.25 29.38 -49.27
CA ILE A 421 16.03 29.36 -50.08
C ILE A 421 15.92 30.58 -50.99
N SER A 422 16.49 31.70 -50.57
CA SER A 422 16.36 32.95 -51.32
C SER A 422 17.07 32.87 -52.67
N GLY A 423 16.35 33.26 -53.73
CA GLY A 423 16.94 33.33 -55.05
C GLY A 423 16.90 32.04 -55.86
N GLN A 424 16.40 30.96 -55.27
CA GLN A 424 16.28 29.70 -55.99
C GLN A 424 15.31 29.84 -57.16
N LYS A 425 15.76 29.51 -58.36
CA LYS A 425 14.94 29.71 -59.56
C LYS A 425 14.03 28.53 -59.85
N ASP A 426 14.33 27.38 -59.26
CA ASP A 426 13.42 26.25 -59.32
C ASP A 426 13.24 25.68 -57.92
N ILE A 427 12.22 26.18 -57.22
CA ILE A 427 12.01 25.83 -55.82
C ILE A 427 11.72 24.35 -55.65
N GLU A 428 10.81 23.80 -56.47
CA GLU A 428 10.43 22.40 -56.33
C GLU A 428 11.63 21.49 -56.54
N LYS A 429 12.48 21.81 -57.49
CA LYS A 429 13.67 21.01 -57.74
C LYS A 429 14.65 21.10 -56.58
N TYR A 430 14.79 22.30 -56.03
CA TYR A 430 15.65 22.54 -54.88
C TYR A 430 15.17 21.73 -53.68
N LEU A 431 13.86 21.74 -53.44
CA LEU A 431 13.30 21.04 -52.28
C LEU A 431 13.22 19.53 -52.50
N GLU A 432 13.07 19.09 -53.75
CA GLU A 432 13.13 17.67 -54.04
C GLU A 432 14.53 17.14 -53.75
N ASN A 433 15.55 17.96 -54.02
CA ASN A 433 16.90 17.56 -53.70
C ASN A 433 17.09 17.47 -52.19
N ALA A 434 16.53 18.42 -51.46
CA ALA A 434 16.60 18.40 -50.01
C ALA A 434 15.91 17.15 -49.46
N ASN A 435 14.74 16.83 -50.02
CA ASN A 435 14.01 15.64 -49.59
C ASN A 435 14.75 14.36 -49.92
N LYS A 436 15.45 14.37 -51.05
CA LYS A 436 16.26 13.22 -51.41
C LYS A 436 17.38 13.03 -50.38
N LYS A 437 18.01 14.13 -49.98
CA LYS A 437 19.06 14.05 -48.98
C LYS A 437 18.51 13.52 -47.66
N LEU A 438 17.34 14.02 -47.28
CA LEU A 438 16.69 13.58 -46.05
C LEU A 438 16.37 12.08 -46.08
N ALA A 439 15.77 11.62 -47.17
CA ALA A 439 15.41 10.21 -47.30
C ALA A 439 16.64 9.30 -47.35
N ASP A 440 17.69 9.74 -48.05
CA ASP A 440 18.93 8.95 -48.14
C ASP A 440 19.52 8.77 -46.75
N VAL A 441 19.59 9.86 -45.98
CA VAL A 441 20.15 9.78 -44.64
C VAL A 441 19.25 8.96 -43.72
N ALA A 442 17.95 9.15 -43.85
CA ALA A 442 17.01 8.37 -43.04
C ALA A 442 17.19 6.87 -43.30
N PHE A 443 17.34 6.50 -44.57
CA PHE A 443 17.54 5.09 -44.89
C PHE A 443 18.87 4.59 -44.33
N GLU A 444 19.94 5.35 -44.55
CA GLU A 444 21.25 4.89 -44.09
C GLU A 444 21.25 4.67 -42.58
N LYS A 445 20.60 5.56 -41.84
CA LYS A 445 20.59 5.44 -40.38
C LYS A 445 19.66 4.34 -39.88
N GLN A 446 18.53 4.16 -40.54
CA GLN A 446 17.63 3.07 -40.20
C GLN A 446 18.34 1.73 -40.43
N ASN A 447 19.01 1.63 -41.57
CA ASN A 447 19.73 0.41 -41.91
C ASN A 447 20.88 0.12 -40.94
N LYS A 448 21.63 1.16 -40.58
CA LYS A 448 22.73 1.01 -39.63
C LYS A 448 22.19 0.56 -38.27
N LEU A 449 21.05 1.11 -37.86
CA LEU A 449 20.44 0.69 -36.61
C LEU A 449 20.07 -0.79 -36.65
N LEU A 450 19.39 -1.22 -37.71
CA LEU A 450 19.02 -2.62 -37.80
C LEU A 450 20.28 -3.50 -37.82
N GLY A 451 21.31 -3.05 -38.51
CA GLY A 451 22.55 -3.81 -38.55
C GLY A 451 23.18 -3.96 -37.19
N ASP A 452 23.17 -2.87 -36.42
CA ASP A 452 23.71 -2.92 -35.08
C ASP A 452 22.89 -3.84 -34.19
N MET A 453 21.58 -3.82 -34.39
CA MET A 453 20.70 -4.69 -33.61
C MET A 453 20.94 -6.15 -33.95
N VAL A 454 21.11 -6.43 -35.24
CA VAL A 454 21.32 -7.81 -35.66
C VAL A 454 22.67 -8.32 -35.19
N THR A 455 23.68 -7.47 -35.25
CA THR A 455 25.02 -7.87 -34.84
C THR A 455 25.05 -8.17 -33.34
N THR A 456 24.55 -7.24 -32.53
CA THR A 456 24.55 -7.42 -31.08
C THR A 456 23.55 -8.50 -30.64
N GLY A 457 22.37 -8.50 -31.25
CA GLY A 457 21.36 -9.50 -30.93
C GLY A 457 21.81 -10.91 -31.24
N SER A 458 22.57 -11.07 -32.32
CA SER A 458 23.03 -12.42 -32.69
C SER A 458 23.93 -13.01 -31.61
N ASN A 459 24.71 -12.15 -30.95
CA ASN A 459 25.52 -12.60 -29.82
C ASN A 459 24.70 -13.15 -28.66
N ASN A 460 23.44 -12.71 -28.57
CA ASN A 460 22.56 -13.04 -27.45
C ASN A 460 21.46 -14.03 -27.84
N MET A 461 21.63 -14.73 -28.95
CA MET A 461 20.63 -15.72 -29.36
C MET A 461 20.52 -16.87 -28.37
N LYS A 462 19.34 -17.46 -28.27
CA LYS A 462 19.16 -18.67 -27.46
C LYS A 462 20.03 -19.80 -27.98
N LEU A 463 20.06 -19.94 -29.30
CA LEU A 463 20.86 -20.96 -29.98
C LEU A 463 22.32 -20.52 -29.99
N ARG A 464 22.96 -20.70 -28.84
CA ARG A 464 24.36 -20.35 -28.67
C ARG A 464 24.99 -21.28 -27.63
N TYR A 465 26.31 -21.41 -27.71
CA TYR A 465 27.08 -22.07 -26.68
C TYR A 465 28.50 -21.57 -26.85
N ASN A 466 28.94 -20.71 -25.95
CA ASN A 466 30.25 -20.11 -26.00
C ASN A 466 31.22 -20.68 -24.98
N LEU A 467 32.48 -20.80 -25.37
CA LEU A 467 33.52 -21.04 -24.41
C LEU A 467 33.92 -19.68 -23.88
N ASN A 468 33.88 -19.49 -22.57
CA ASN A 468 34.20 -18.18 -22.01
C ASN A 468 35.70 -18.03 -21.78
N ASP A 469 36.42 -17.89 -22.89
CA ASP A 469 37.88 -17.72 -22.85
C ASP A 469 38.36 -16.78 -23.95
N CYS B 9 -32.27 -10.88 -7.09
CA CYS B 9 -32.75 -9.81 -7.95
C CYS B 9 -32.06 -8.49 -7.65
N THR B 10 -32.03 -7.61 -8.64
CA THR B 10 -31.55 -6.25 -8.46
C THR B 10 -32.57 -5.34 -9.13
N SER B 11 -33.00 -4.28 -8.45
CA SER B 11 -33.98 -3.35 -9.00
C SER B 11 -33.43 -1.93 -9.10
N ILE B 12 -33.82 -1.23 -10.17
CA ILE B 12 -33.44 0.17 -10.31
C ILE B 12 -34.68 0.98 -10.67
N LEU B 13 -34.89 2.06 -9.92
CA LEU B 13 -36.06 2.93 -10.10
C LEU B 13 -35.59 4.33 -10.46
N VAL B 14 -36.29 4.99 -11.37
CA VAL B 14 -35.91 6.34 -11.80
C VAL B 14 -37.15 7.24 -11.92
N GLY B 15 -37.16 8.35 -11.20
CA GLY B 15 -38.28 9.31 -11.25
C GLY B 15 -38.29 10.10 -12.55
N LYS B 16 -39.41 10.76 -12.84
CA LYS B 16 -39.61 11.36 -14.17
C LYS B 16 -38.74 12.58 -14.45
N LYS B 17 -38.18 13.21 -13.42
CA LYS B 17 -37.24 14.32 -13.62
C LYS B 17 -35.79 13.83 -13.60
N ALA B 18 -35.60 12.54 -13.36
CA ALA B 18 -34.27 11.95 -13.25
C ALA B 18 -33.84 11.24 -14.53
N SER B 19 -34.82 10.94 -15.39
CA SER B 19 -34.56 10.26 -16.65
C SER B 19 -34.15 11.23 -17.74
N ILE B 20 -33.49 10.73 -18.78
CA ILE B 20 -33.03 11.59 -19.84
C ILE B 20 -34.20 12.10 -20.68
N ASP B 21 -35.32 11.39 -20.66
CA ASP B 21 -36.44 11.71 -21.56
C ASP B 21 -37.73 12.08 -20.85
N GLY B 22 -37.68 12.24 -19.54
CA GLY B 22 -38.87 12.62 -18.77
C GLY B 22 -39.85 11.48 -18.53
N SER B 23 -39.42 10.26 -18.82
CA SER B 23 -40.21 9.08 -18.53
C SER B 23 -39.97 8.63 -17.09
N THR B 24 -40.87 7.79 -16.58
CA THR B 24 -40.57 7.02 -15.37
C THR B 24 -40.02 5.66 -15.76
N LEU B 25 -39.13 5.12 -14.93
CA LEU B 25 -38.56 3.79 -15.16
C LEU B 25 -38.58 2.96 -13.88
N ILE B 26 -39.09 1.73 -13.97
CA ILE B 26 -38.86 0.76 -12.92
C ILE B 26 -38.34 -0.51 -13.57
N SER B 27 -37.38 -1.14 -12.92
CA SER B 27 -36.70 -2.24 -13.56
C SER B 27 -36.29 -3.28 -12.54
N ARG B 28 -36.08 -4.49 -13.02
CA ARG B 28 -35.60 -5.57 -12.16
C ARG B 28 -35.00 -6.68 -12.98
N ASN B 29 -33.92 -7.25 -12.46
CA ASN B 29 -33.47 -8.57 -12.89
C ASN B 29 -34.25 -9.64 -12.16
N ASP B 30 -34.94 -10.48 -12.91
CA ASP B 30 -35.70 -11.57 -12.31
C ASP B 30 -34.78 -12.77 -12.15
N ASP B 31 -34.11 -12.86 -11.01
CA ASP B 31 -33.13 -13.91 -10.79
C ASP B 31 -33.79 -15.07 -10.03
N GLY B 32 -33.56 -16.29 -10.50
CA GLY B 32 -34.13 -17.46 -9.87
C GLY B 32 -33.09 -18.26 -9.09
N HIS B 33 -33.46 -19.45 -8.64
CA HIS B 33 -32.52 -20.31 -7.92
C HIS B 33 -31.64 -21.10 -8.90
N GLU B 34 -32.27 -21.79 -9.85
CA GLU B 34 -31.57 -22.48 -10.92
C GLU B 34 -31.13 -21.47 -11.96
N ALA B 35 -30.03 -21.76 -12.65
CA ALA B 35 -29.52 -20.84 -13.66
C ALA B 35 -30.55 -20.61 -14.76
N LEU B 36 -31.10 -21.70 -15.31
CA LEU B 36 -32.06 -21.58 -16.40
C LEU B 36 -33.48 -21.95 -15.99
N ASP B 37 -34.43 -21.16 -16.48
CA ASP B 37 -35.86 -21.45 -16.31
C ASP B 37 -36.62 -20.64 -17.35
N PRO B 38 -37.13 -21.30 -18.39
CA PRO B 38 -37.65 -20.60 -19.57
C PRO B 38 -38.73 -19.58 -19.24
N GLN B 39 -38.62 -18.42 -19.86
CA GLN B 39 -39.55 -17.31 -19.65
C GLN B 39 -40.30 -17.03 -20.95
N ARG B 40 -41.53 -16.54 -20.81
CA ARG B 40 -42.36 -16.12 -21.94
C ARG B 40 -42.79 -14.67 -21.77
N PHE B 41 -43.01 -13.98 -22.89
CA PHE B 41 -43.55 -12.62 -22.92
C PHE B 41 -45.00 -12.73 -23.37
N VAL B 42 -45.95 -12.41 -22.48
CA VAL B 42 -47.37 -12.73 -22.72
C VAL B 42 -48.26 -11.57 -22.34
N VAL B 43 -49.18 -11.23 -23.24
CA VAL B 43 -50.24 -10.28 -22.90
C VAL B 43 -51.44 -11.09 -22.42
N VAL B 44 -51.92 -10.76 -21.22
CA VAL B 44 -53.11 -11.40 -20.68
C VAL B 44 -54.30 -10.51 -20.98
N ASN B 45 -55.13 -10.93 -21.92
CA ASN B 45 -56.31 -10.17 -22.24
C ASN B 45 -57.37 -10.42 -21.17
N PRO B 46 -58.27 -9.44 -20.94
CA PRO B 46 -59.21 -9.55 -19.82
C PRO B 46 -60.00 -10.85 -19.81
N GLU B 47 -60.40 -11.38 -20.96
CA GLU B 47 -61.19 -12.60 -20.96
C GLU B 47 -60.43 -13.82 -20.43
N ASP B 48 -59.10 -13.73 -20.40
CA ASP B 48 -58.27 -14.84 -19.96
C ASP B 48 -57.78 -14.69 -18.51
N GLN B 49 -58.16 -13.58 -17.87
CA GLN B 49 -57.78 -13.32 -16.49
C GLN B 49 -58.74 -14.01 -15.53
N PRO B 50 -58.21 -14.72 -14.53
CA PRO B 50 -59.05 -15.40 -13.54
C PRO B 50 -59.90 -14.42 -12.73
N ARG B 51 -61.09 -14.86 -12.34
CA ARG B 51 -61.88 -14.14 -11.32
C ARG B 51 -61.77 -14.86 -9.98
N ASP B 52 -61.45 -16.15 -10.04
CA ASP B 52 -61.27 -16.97 -8.84
C ASP B 52 -59.85 -17.51 -8.85
N TYR B 53 -58.94 -16.82 -8.18
CA TYR B 53 -57.52 -17.14 -8.26
C TYR B 53 -57.07 -18.04 -7.13
N THR B 54 -56.36 -19.12 -7.47
CA THR B 54 -55.73 -19.95 -6.46
C THR B 54 -54.27 -20.17 -6.78
N SER B 55 -53.39 -19.93 -5.82
CA SER B 55 -51.97 -20.11 -6.05
C SER B 55 -51.57 -21.58 -5.99
N VAL B 56 -50.43 -21.90 -6.59
CA VAL B 56 -49.91 -23.26 -6.58
C VAL B 56 -49.08 -23.52 -5.33
N ILE B 57 -48.23 -22.57 -4.95
CA ILE B 57 -47.33 -22.81 -3.83
C ILE B 57 -48.04 -22.77 -2.49
N SER B 58 -48.85 -21.74 -2.27
CA SER B 58 -49.46 -21.53 -0.94
C SER B 58 -50.92 -21.97 -0.86
N LYS B 59 -51.53 -22.22 -2.02
CA LYS B 59 -52.95 -22.56 -2.15
C LYS B 59 -53.85 -21.45 -1.65
N VAL B 60 -53.34 -20.22 -1.62
CA VAL B 60 -54.18 -19.08 -1.24
C VAL B 60 -55.28 -18.88 -2.29
N ASN B 61 -56.49 -18.53 -1.84
CA ASN B 61 -57.59 -18.29 -2.75
C ASN B 61 -58.06 -16.85 -2.67
N VAL B 62 -58.01 -16.14 -3.79
CA VAL B 62 -58.36 -14.73 -3.85
C VAL B 62 -59.45 -14.49 -4.89
N LYS B 63 -60.59 -13.96 -4.48
CA LYS B 63 -61.59 -13.56 -5.44
C LYS B 63 -61.19 -12.22 -6.05
N LEU B 64 -61.17 -12.14 -7.37
CA LEU B 64 -60.71 -10.93 -8.04
C LEU B 64 -61.85 -10.20 -8.74
N PRO B 65 -61.70 -8.88 -8.93
CA PRO B 65 -62.72 -8.08 -9.62
C PRO B 65 -63.02 -8.58 -11.03
N ASP B 66 -64.23 -8.29 -11.51
CA ASP B 66 -64.71 -8.77 -12.80
C ASP B 66 -64.38 -7.81 -13.94
N ASP B 67 -63.61 -6.76 -13.64
CA ASP B 67 -63.23 -5.82 -14.69
C ASP B 67 -61.71 -5.64 -14.85
N PRO B 68 -60.99 -6.77 -15.04
CA PRO B 68 -59.53 -6.63 -15.18
C PRO B 68 -59.13 -5.89 -16.46
N GLN B 69 -58.02 -5.15 -16.38
CA GLN B 69 -57.43 -4.52 -17.55
C GLN B 69 -56.44 -5.48 -18.19
N ARG B 70 -56.28 -5.34 -19.51
CA ARG B 70 -55.24 -6.03 -20.25
C ARG B 70 -53.87 -5.66 -19.68
N TYR B 71 -52.94 -6.61 -19.63
CA TYR B 71 -51.58 -6.29 -19.17
C TYR B 71 -50.52 -7.20 -19.80
N THR B 72 -49.31 -6.66 -19.94
CA THR B 72 -48.16 -7.47 -20.35
C THR B 72 -47.65 -8.23 -19.13
N SER B 73 -46.91 -9.31 -19.36
CA SER B 73 -46.39 -10.13 -18.28
C SER B 73 -45.26 -11.03 -18.77
N ILE B 74 -44.55 -11.64 -17.84
CA ILE B 74 -43.42 -12.50 -18.18
C ILE B 74 -43.54 -13.83 -17.46
N PRO B 75 -44.59 -14.60 -17.77
CA PRO B 75 -44.81 -15.84 -17.02
C PRO B 75 -43.77 -16.91 -17.31
N ASN B 76 -43.53 -17.77 -16.34
CA ASN B 76 -42.70 -18.95 -16.59
C ASN B 76 -43.34 -19.87 -17.62
N SER B 77 -42.51 -20.46 -18.48
CA SER B 77 -43.02 -21.46 -19.42
C SER B 77 -43.50 -22.71 -18.69
N ILE B 78 -42.74 -23.13 -17.69
CA ILE B 78 -43.05 -24.32 -16.91
C ILE B 78 -43.84 -23.89 -15.68
N LEU B 79 -45.08 -24.38 -15.56
CA LEU B 79 -46.01 -23.83 -14.57
C LEU B 79 -46.12 -24.66 -13.28
N THR B 80 -45.14 -25.52 -13.06
CA THR B 80 -45.10 -26.41 -11.91
C THR B 80 -45.28 -25.68 -10.58
N ASN B 81 -44.70 -24.49 -10.48
CA ASN B 81 -44.80 -23.68 -9.26
C ASN B 81 -45.67 -22.44 -9.43
N GLY B 82 -46.56 -22.45 -10.41
CA GLY B 82 -47.42 -21.31 -10.65
C GLY B 82 -46.95 -20.43 -11.79
N ILE B 83 -47.61 -19.29 -11.96
CA ILE B 83 -47.44 -18.46 -13.14
C ILE B 83 -46.16 -17.63 -13.10
N TRP B 84 -45.88 -17.00 -11.97
CA TRP B 84 -44.69 -16.15 -11.82
C TRP B 84 -44.59 -15.12 -12.94
N PRO B 85 -45.57 -14.20 -13.03
CA PRO B 85 -45.67 -13.20 -14.09
C PRO B 85 -44.60 -12.10 -14.04
N ALA B 86 -43.98 -11.92 -12.88
CA ALA B 86 -42.82 -11.01 -12.66
C ALA B 86 -43.13 -9.51 -12.75
N ALA B 87 -43.71 -9.07 -13.86
CA ALA B 87 -43.81 -7.65 -14.14
C ALA B 87 -44.60 -7.37 -15.40
N GLY B 88 -45.20 -6.19 -15.47
CA GLY B 88 -45.87 -5.79 -16.69
C GLY B 88 -46.46 -4.39 -16.63
N ILE B 89 -47.14 -4.02 -17.71
CA ILE B 89 -47.78 -2.71 -17.84
C ILE B 89 -49.22 -2.94 -18.22
N ASN B 90 -50.16 -2.27 -17.56
CA ASN B 90 -51.58 -2.47 -17.91
C ASN B 90 -52.08 -1.38 -18.87
N SER B 91 -53.35 -1.47 -19.26
CA SER B 91 -53.87 -0.58 -20.28
C SER B 91 -54.13 0.84 -19.76
N SER B 92 -53.97 1.06 -18.45
CA SER B 92 -53.94 2.40 -17.86
C SER B 92 -52.52 2.96 -17.79
N ASN B 93 -51.57 2.26 -18.41
CA ASN B 93 -50.16 2.66 -18.37
C ASN B 93 -49.65 2.74 -16.93
N VAL B 94 -50.04 1.76 -16.13
CA VAL B 94 -49.42 1.53 -14.83
C VAL B 94 -48.47 0.37 -14.95
N ALA B 95 -47.27 0.54 -14.41
CA ALA B 95 -46.27 -0.52 -14.41
C ALA B 95 -46.11 -1.11 -13.02
N MET B 96 -45.76 -2.39 -12.95
CA MET B 96 -45.52 -3.05 -11.67
C MET B 96 -44.47 -4.14 -11.83
N SER B 97 -43.54 -4.23 -10.89
CA SER B 97 -42.60 -5.36 -10.90
C SER B 97 -42.54 -5.99 -9.50
N ALA B 98 -42.75 -7.30 -9.44
CA ALA B 98 -42.81 -8.02 -8.17
C ALA B 98 -42.20 -9.41 -8.33
N THR B 99 -41.11 -9.73 -7.62
CA THR B 99 -40.60 -8.99 -6.47
C THR B 99 -39.09 -8.95 -6.40
N GLU B 100 -38.60 -8.09 -5.54
CA GLU B 100 -37.24 -8.09 -5.04
C GLU B 100 -37.26 -8.76 -3.67
N THR B 101 -36.72 -9.98 -3.53
CA THR B 101 -36.68 -10.61 -2.22
C THR B 101 -35.83 -9.73 -1.30
N ILE B 102 -36.36 -9.34 -0.15
CA ILE B 102 -35.59 -8.53 0.77
C ILE B 102 -35.35 -9.30 2.08
N THR B 103 -34.97 -8.59 3.13
CA THR B 103 -34.64 -9.24 4.39
C THR B 103 -35.59 -8.80 5.50
N THR B 104 -35.48 -9.47 6.64
CA THR B 104 -36.36 -9.23 7.78
C THR B 104 -35.51 -9.46 9.04
N ASN B 105 -36.12 -9.51 10.22
CA ASN B 105 -35.37 -9.92 11.41
C ASN B 105 -36.27 -10.63 12.41
N SER B 106 -35.65 -11.23 13.42
CA SER B 106 -36.39 -12.12 14.32
C SER B 106 -37.34 -11.37 15.25
N ARG B 107 -37.04 -10.10 15.52
CA ARG B 107 -37.86 -9.33 16.45
C ARG B 107 -39.23 -9.05 15.82
N VAL B 108 -39.27 -8.68 14.54
CA VAL B 108 -40.57 -8.45 13.92
C VAL B 108 -41.23 -9.78 13.54
N GLN B 109 -40.45 -10.78 13.12
CA GLN B 109 -41.04 -12.08 12.79
C GLN B 109 -41.68 -12.73 14.01
N GLY B 110 -41.17 -12.42 15.19
CA GLY B 110 -41.71 -12.96 16.41
C GLY B 110 -43.07 -12.37 16.74
N LEU B 111 -43.37 -11.21 16.17
CA LEU B 111 -44.66 -10.54 16.41
C LEU B 111 -45.68 -10.75 15.29
N ASP B 112 -45.19 -10.84 14.06
CA ASP B 112 -46.05 -10.99 12.88
C ASP B 112 -45.41 -11.99 11.93
N PRO B 113 -45.52 -13.29 12.24
CA PRO B 113 -44.89 -14.36 11.48
C PRO B 113 -45.43 -14.45 10.06
N PHE B 114 -44.63 -15.05 9.18
CA PHE B 114 -45.09 -15.37 7.83
C PHE B 114 -46.36 -16.22 7.89
N VAL B 115 -47.22 -16.00 6.90
CA VAL B 115 -48.49 -16.71 6.77
C VAL B 115 -48.34 -17.77 5.67
N GLU B 116 -48.40 -19.04 6.06
CA GLU B 116 -48.08 -20.14 5.13
C GLU B 116 -49.03 -20.19 3.92
N ASN B 117 -50.30 -19.84 4.12
CA ASN B 117 -51.23 -19.83 2.99
C ASN B 117 -51.48 -18.41 2.51
N GLY B 118 -50.45 -17.58 2.59
CA GLY B 118 -50.55 -16.20 2.15
C GLY B 118 -50.10 -16.02 0.71
N LEU B 119 -49.97 -14.76 0.30
CA LEU B 119 -49.55 -14.44 -1.06
C LEU B 119 -48.03 -14.44 -1.19
N GLY B 120 -47.56 -14.66 -2.42
CA GLY B 120 -46.14 -14.60 -2.71
C GLY B 120 -45.82 -14.02 -4.07
N GLU B 121 -44.53 -13.94 -4.38
CA GLU B 121 -44.05 -13.48 -5.69
C GLU B 121 -44.70 -14.22 -6.85
N GLU B 122 -45.06 -15.50 -6.61
CA GLU B 122 -45.83 -16.26 -7.59
C GLU B 122 -47.05 -15.48 -8.08
N ASP B 123 -47.63 -14.69 -7.18
CA ASP B 123 -48.99 -14.17 -7.35
C ASP B 123 -49.17 -12.68 -7.61
N LEU B 124 -48.23 -11.86 -7.13
CA LEU B 124 -48.57 -10.45 -6.87
C LEU B 124 -49.00 -9.65 -8.11
N VAL B 125 -48.27 -9.73 -9.21
CA VAL B 125 -48.66 -8.96 -10.38
C VAL B 125 -50.06 -9.36 -10.85
N THR B 126 -50.36 -10.66 -10.83
CA THR B 126 -51.64 -11.16 -11.31
C THR B 126 -52.81 -10.61 -10.52
N VAL B 127 -52.63 -10.49 -9.21
CA VAL B 127 -53.75 -10.10 -8.35
C VAL B 127 -53.79 -8.59 -8.08
N VAL B 128 -52.78 -7.84 -8.54
CA VAL B 128 -52.77 -6.39 -8.33
C VAL B 128 -52.85 -5.57 -9.63
N LEU B 129 -51.92 -5.80 -10.55
CA LEU B 129 -51.80 -4.93 -11.73
C LEU B 129 -53.08 -4.72 -12.56
N PRO B 130 -53.90 -5.77 -12.79
CA PRO B 130 -55.07 -5.55 -13.67
C PRO B 130 -56.14 -4.62 -13.11
N TYR B 131 -56.02 -4.22 -11.85
CA TYR B 131 -57.16 -3.63 -11.13
C TYR B 131 -56.90 -2.22 -10.63
N VAL B 132 -55.81 -1.60 -11.08
CA VAL B 132 -55.42 -0.28 -10.59
C VAL B 132 -55.12 0.69 -11.73
N LYS B 133 -55.32 1.98 -11.48
CA LYS B 133 -55.18 2.98 -12.54
C LYS B 133 -54.11 4.02 -12.24
N SER B 134 -53.40 3.83 -11.14
CA SER B 134 -52.23 4.64 -10.81
C SER B 134 -51.25 3.82 -9.99
N ALA B 135 -50.02 4.30 -9.91
CA ALA B 135 -49.01 3.67 -9.07
C ALA B 135 -49.45 3.66 -7.60
N ARG B 136 -49.99 4.79 -7.12
CA ARG B 136 -50.48 4.86 -5.76
C ARG B 136 -51.61 3.86 -5.49
N GLU B 137 -52.52 3.69 -6.46
CA GLU B 137 -53.56 2.67 -6.31
C GLU B 137 -52.95 1.27 -6.21
N GLY B 138 -51.90 1.02 -6.98
CA GLY B 138 -51.19 -0.26 -6.91
C GLY B 138 -50.65 -0.53 -5.51
N VAL B 139 -49.98 0.46 -4.94
CA VAL B 139 -49.45 0.38 -3.60
C VAL B 139 -50.55 0.05 -2.61
N LYS B 140 -51.64 0.80 -2.70
CA LYS B 140 -52.74 0.64 -1.77
C LYS B 140 -53.44 -0.71 -1.89
N ARG B 141 -53.64 -1.18 -3.11
CA ARG B 141 -54.26 -2.47 -3.31
C ARG B 141 -53.38 -3.59 -2.78
N LEU B 142 -52.08 -3.52 -3.08
CA LEU B 142 -51.17 -4.55 -2.58
C LEU B 142 -51.17 -4.54 -1.06
N GLY B 143 -51.10 -3.34 -0.47
CA GLY B 143 -51.17 -3.22 0.97
C GLY B 143 -52.41 -3.87 1.55
N SER B 144 -53.57 -3.64 0.91
CA SER B 144 -54.82 -4.25 1.37
C SER B 144 -54.78 -5.76 1.30
N LEU B 145 -54.18 -6.31 0.24
CA LEU B 145 -54.10 -7.76 0.08
C LEU B 145 -53.18 -8.39 1.12
N LEU B 146 -52.09 -7.70 1.44
CA LEU B 146 -51.18 -8.20 2.46
C LEU B 146 -51.87 -8.21 3.82
N GLU B 147 -52.63 -7.17 4.10
CA GLU B 147 -53.33 -7.09 5.37
C GLU B 147 -54.38 -8.19 5.47
N GLU B 148 -55.08 -8.45 4.37
CA GLU B 148 -56.17 -9.44 4.37
C GLU B 148 -55.72 -10.90 4.30
N TYR B 149 -54.74 -11.18 3.44
CA TYR B 149 -54.36 -12.55 3.13
C TYR B 149 -53.01 -12.93 3.70
N GLY B 150 -52.20 -11.93 4.03
CA GLY B 150 -50.87 -12.22 4.51
C GLY B 150 -49.90 -12.65 3.40
N THR B 151 -48.65 -12.85 3.78
CA THR B 151 -47.61 -13.30 2.85
C THR B 151 -46.64 -14.25 3.55
N TYR B 152 -45.96 -15.09 2.77
CA TYR B 152 -44.97 -16.00 3.33
C TYR B 152 -43.54 -15.63 2.92
N GLU B 153 -43.37 -14.43 2.35
CA GLU B 153 -42.07 -13.95 1.86
C GLU B 153 -41.81 -12.51 2.28
N PRO B 154 -40.52 -12.12 2.41
CA PRO B 154 -40.11 -10.71 2.53
C PRO B 154 -39.81 -10.14 1.14
N ASN B 155 -40.62 -9.16 0.71
CA ASN B 155 -40.55 -8.69 -0.68
C ASN B 155 -40.54 -7.18 -0.87
N GLY B 156 -39.87 -6.76 -1.93
CA GLY B 156 -39.94 -5.39 -2.41
C GLY B 156 -40.63 -5.34 -3.76
N ILE B 157 -41.52 -4.36 -3.94
CA ILE B 157 -42.33 -4.24 -5.15
C ILE B 157 -42.29 -2.81 -5.68
N SER B 158 -42.10 -2.64 -6.98
CA SER B 158 -42.12 -1.31 -7.59
C SER B 158 -43.40 -1.06 -8.39
N PHE B 159 -43.85 0.19 -8.36
CA PHE B 159 -45.00 0.65 -9.16
C PHE B 159 -44.62 1.95 -9.86
N ALA B 160 -45.19 2.17 -11.04
CA ALA B 160 -45.00 3.46 -11.69
C ALA B 160 -46.17 3.80 -12.58
N ASP B 161 -46.39 5.09 -12.79
CA ASP B 161 -47.26 5.57 -13.87
C ASP B 161 -46.52 6.73 -14.53
N ASN B 162 -47.19 7.53 -15.35
CA ASN B 162 -46.43 8.56 -16.03
C ASN B 162 -45.99 9.69 -15.10
N GLU B 163 -46.52 9.71 -13.88
CA GLU B 163 -46.19 10.77 -12.93
C GLU B 163 -45.27 10.32 -11.80
N GLU B 164 -45.58 9.16 -11.23
CA GLU B 164 -44.96 8.73 -9.97
C GLU B 164 -44.35 7.34 -10.02
N VAL B 165 -43.33 7.16 -9.18
CA VAL B 165 -42.68 5.89 -8.92
C VAL B 165 -42.74 5.58 -7.42
N TRP B 166 -43.17 4.37 -7.07
CA TRP B 166 -43.27 3.95 -5.68
C TRP B 166 -42.53 2.66 -5.40
N TRP B 167 -42.03 2.50 -4.19
CA TRP B 167 -41.40 1.26 -3.72
C TRP B 167 -42.10 0.80 -2.46
N LEU B 168 -42.64 -0.43 -2.50
CA LEU B 168 -43.29 -1.01 -1.33
C LEU B 168 -42.48 -2.16 -0.79
N GLU B 169 -42.32 -2.21 0.53
CA GLU B 169 -41.68 -3.35 1.15
C GLU B 169 -42.60 -4.03 2.15
N THR B 170 -42.65 -5.37 2.08
CA THR B 170 -43.49 -6.13 2.99
C THR B 170 -42.72 -6.45 4.26
N ILE B 171 -43.44 -6.47 5.37
CA ILE B 171 -42.84 -6.52 6.70
C ILE B 171 -43.62 -7.54 7.51
N GLY B 172 -42.99 -8.67 7.79
CA GLY B 172 -43.67 -9.77 8.47
C GLY B 172 -44.81 -10.34 7.64
N GLY B 173 -45.73 -11.01 8.30
CA GLY B 173 -46.81 -11.67 7.60
C GLY B 173 -47.86 -10.77 7.01
N HIS B 174 -48.04 -9.57 7.57
CA HIS B 174 -49.16 -8.72 7.16
C HIS B 174 -48.85 -7.24 6.98
N HIS B 175 -47.70 -6.77 7.47
CA HIS B 175 -47.43 -5.35 7.45
C HIS B 175 -46.65 -4.91 6.22
N TRP B 176 -46.58 -3.61 6.00
CA TRP B 176 -45.92 -3.09 4.81
C TRP B 176 -45.69 -1.61 4.95
N ALA B 177 -44.76 -1.10 4.13
CA ALA B 177 -44.53 0.33 4.04
C ALA B 177 -44.14 0.68 2.61
N ALA B 178 -44.42 1.93 2.21
CA ALA B 178 -44.10 2.33 0.85
C ALA B 178 -43.70 3.79 0.78
N VAL B 179 -42.79 4.08 -0.15
CA VAL B 179 -42.29 5.44 -0.35
C VAL B 179 -42.38 5.83 -1.81
N ARG B 180 -42.83 7.06 -2.06
CA ARG B 180 -42.77 7.64 -3.40
C ARG B 180 -41.36 8.17 -3.66
N ILE B 181 -40.75 7.67 -4.74
CA ILE B 181 -39.40 8.08 -5.08
C ILE B 181 -39.50 9.52 -5.61
N PRO B 182 -38.67 10.44 -5.07
CA PRO B 182 -38.75 11.81 -5.60
C PRO B 182 -38.56 11.87 -7.11
N ASP B 183 -39.22 12.82 -7.79
CA ASP B 183 -39.13 12.93 -9.24
C ASP B 183 -37.69 12.97 -9.73
N ASP B 184 -36.80 13.60 -8.97
CA ASP B 184 -35.43 13.83 -9.43
C ASP B 184 -34.45 12.79 -8.91
N ALA B 185 -34.98 11.69 -8.39
CA ALA B 185 -34.16 10.69 -7.70
C ALA B 185 -34.11 9.35 -8.41
N TYR B 186 -33.16 8.50 -7.99
CA TYR B 186 -33.13 7.12 -8.43
C TYR B 186 -32.88 6.25 -7.21
N VAL B 187 -33.12 4.95 -7.37
CA VAL B 187 -32.84 3.96 -6.33
C VAL B 187 -32.18 2.75 -6.97
N VAL B 188 -31.17 2.18 -6.31
CA VAL B 188 -30.66 0.84 -6.62
C VAL B 188 -30.91 -0.06 -5.42
N ALA B 189 -31.61 -1.18 -5.64
CA ALA B 189 -32.04 -2.02 -4.54
C ALA B 189 -31.69 -3.49 -4.74
N PRO B 190 -30.90 -4.05 -3.80
CA PRO B 190 -30.55 -5.46 -3.80
C PRO B 190 -31.49 -6.27 -2.91
N ASN B 191 -31.09 -7.49 -2.58
CA ASN B 191 -31.95 -8.40 -1.82
C ASN B 191 -31.86 -8.16 -0.32
N ARG B 192 -32.11 -6.91 0.07
CA ARG B 192 -31.96 -6.49 1.45
C ARG B 192 -33.01 -5.41 1.66
N MET B 193 -33.64 -5.36 2.83
CA MET B 193 -34.63 -4.30 3.04
C MET B 193 -33.98 -2.93 2.83
N ASN B 194 -34.68 -2.04 2.11
CA ASN B 194 -34.06 -0.82 1.59
C ASN B 194 -34.54 0.48 2.23
N ILE B 195 -35.82 0.56 2.56
CA ILE B 195 -36.36 1.83 3.03
C ILE B 195 -35.66 2.27 4.33
N ASP B 196 -35.11 3.48 4.32
CA ASP B 196 -34.38 3.96 5.50
C ASP B 196 -35.23 4.97 6.25
N GLN B 197 -34.76 6.22 6.37
CA GLN B 197 -35.51 7.24 7.10
C GLN B 197 -36.95 7.33 6.58
N PHE B 198 -37.92 7.35 7.48
CA PHE B 198 -39.34 7.22 7.10
C PHE B 198 -40.15 8.22 7.90
N ASP B 199 -40.85 9.10 7.19
CA ASP B 199 -41.66 10.16 7.80
C ASP B 199 -43.13 9.77 7.85
N PHE B 200 -43.62 9.50 9.06
CA PHE B 200 -45.03 9.11 9.26
C PHE B 200 -46.01 10.22 8.94
N ASP B 201 -45.53 11.45 8.79
CA ASP B 201 -46.40 12.59 8.50
C ASP B 201 -46.35 13.03 7.03
N SER B 202 -45.56 12.35 6.20
CA SER B 202 -45.41 12.74 4.79
C SER B 202 -46.53 12.29 3.84
N ASP B 203 -46.88 13.13 2.87
CA ASP B 203 -47.80 12.74 1.79
C ASP B 203 -47.18 11.70 0.86
N ASP B 204 -45.86 11.59 0.92
CA ASP B 204 -45.10 10.70 0.01
C ASP B 204 -44.84 9.32 0.59
N THR B 205 -45.46 9.02 1.73
CA THR B 205 -45.32 7.68 2.31
C THR B 205 -46.69 7.10 2.62
N LEU B 206 -46.75 5.77 2.63
CA LEU B 206 -47.93 5.03 3.02
C LEU B 206 -47.46 3.80 3.79
N CYS B 207 -48.26 3.32 4.74
CA CYS B 207 -47.92 2.08 5.43
C CYS B 207 -49.13 1.52 6.18
N SER B 208 -49.00 0.30 6.69
CA SER B 208 -49.99 -0.27 7.59
C SER B 208 -50.37 0.79 8.63
N SER B 209 -51.65 0.97 8.88
CA SER B 209 -52.06 2.01 9.81
C SER B 209 -51.49 1.80 11.21
N ASP B 210 -51.18 0.55 11.56
CA ASP B 210 -50.68 0.25 12.89
C ASP B 210 -49.15 0.14 12.97
N LEU B 211 -48.46 0.55 11.91
CA LEU B 211 -47.00 0.32 11.86
C LEU B 211 -46.26 1.07 12.95
N LYS B 212 -46.60 2.34 13.15
CA LYS B 212 -45.87 3.14 14.14
C LYS B 212 -46.11 2.59 15.54
N ASP B 213 -47.36 2.20 15.84
CA ASP B 213 -47.68 1.59 17.12
C ASP B 213 -46.97 0.25 17.30
N LEU B 214 -46.88 -0.53 16.22
CA LEU B 214 -46.15 -1.80 16.28
C LEU B 214 -44.72 -1.56 16.74
N ILE B 215 -44.08 -0.54 16.17
CA ILE B 215 -42.71 -0.19 16.51
C ILE B 215 -42.61 0.32 17.94
N ASP B 216 -43.42 1.32 18.25
CA ASP B 216 -43.34 1.99 19.55
C ASP B 216 -43.69 1.07 20.71
N ASN B 217 -44.73 0.26 20.55
CA ASN B 217 -45.24 -0.53 21.67
C ASN B 217 -44.45 -1.79 21.96
N ASN B 218 -43.60 -2.20 21.03
CA ASN B 218 -42.87 -3.44 21.18
C ASN B 218 -41.35 -3.27 21.21
N ASN B 219 -40.91 -2.03 21.45
CA ASN B 219 -39.47 -1.75 21.57
C ASN B 219 -38.69 -2.27 20.37
N LEU B 220 -39.21 -2.04 19.16
CA LEU B 220 -38.52 -2.53 17.97
C LEU B 220 -37.46 -1.56 17.44
N ASN B 221 -37.50 -0.32 17.89
CA ASN B 221 -36.65 0.74 17.33
C ASN B 221 -35.29 0.76 17.99
N PRO B 222 -34.23 0.47 17.23
CA PRO B 222 -32.88 0.47 17.80
C PRO B 222 -32.26 1.87 17.86
N ASP B 223 -32.88 2.85 17.24
CA ASP B 223 -32.26 4.16 17.16
C ASP B 223 -32.76 5.12 18.24
N PHE B 224 -31.86 6.00 18.66
CA PHE B 224 -32.18 6.99 19.70
C PHE B 224 -33.23 7.99 19.23
N GLU B 225 -33.18 8.34 17.95
CA GLU B 225 -34.13 9.29 17.36
C GLU B 225 -34.65 8.80 16.02
N ASN B 226 -35.89 9.19 15.73
CA ASN B 226 -36.51 8.98 14.42
C ASN B 226 -36.76 7.51 14.08
N TYR B 227 -37.21 7.28 12.86
CA TYR B 227 -37.55 5.94 12.38
C TYR B 227 -36.83 5.62 11.08
N ASN B 228 -36.02 4.58 11.11
CA ASN B 228 -35.38 4.07 9.91
C ASN B 228 -35.90 2.66 9.70
N LEU B 229 -36.69 2.44 8.66
CA LEU B 229 -37.44 1.20 8.60
C LEU B 229 -36.55 -0.05 8.46
N ARG B 230 -35.45 0.02 7.73
CA ARG B 230 -34.63 -1.17 7.60
C ARG B 230 -33.80 -1.41 8.88
N HIS B 231 -33.47 -0.34 9.61
CA HIS B 231 -32.89 -0.54 10.93
C HIS B 231 -33.86 -1.30 11.85
N ILE B 232 -35.15 -0.98 11.73
CA ILE B 232 -36.16 -1.54 12.61
C ILE B 232 -36.61 -2.93 12.18
N PHE B 233 -36.84 -3.09 10.88
CA PHE B 233 -37.49 -4.28 10.35
C PHE B 233 -36.59 -5.16 9.48
N GLY B 234 -35.40 -4.66 9.15
CA GLY B 234 -34.55 -5.36 8.18
C GLY B 234 -33.32 -5.96 8.80
N SER B 235 -32.26 -6.03 7.99
CA SER B 235 -31.00 -6.64 8.40
C SER B 235 -29.83 -5.71 8.14
N ALA B 236 -28.75 -5.90 8.89
CA ALA B 236 -27.45 -5.34 8.56
C ALA B 236 -26.44 -6.40 8.97
N SER B 237 -26.43 -7.48 8.19
CA SER B 237 -25.69 -8.69 8.53
C SER B 237 -24.35 -8.78 7.83
N ILE B 238 -23.54 -9.73 8.26
CA ILE B 238 -22.30 -9.99 7.54
C ILE B 238 -22.62 -10.43 6.10
N LYS B 239 -23.64 -11.27 5.92
CA LYS B 239 -23.99 -11.68 4.56
C LYS B 239 -24.39 -10.49 3.70
N ASP B 240 -25.05 -9.50 4.29
CA ASP B 240 -25.41 -8.29 3.53
C ASP B 240 -24.17 -7.63 2.92
N THR B 241 -23.05 -7.69 3.63
CA THR B 241 -21.86 -6.98 3.17
C THR B 241 -21.28 -7.56 1.90
N VAL B 242 -21.59 -8.81 1.57
CA VAL B 242 -21.07 -9.41 0.34
C VAL B 242 -22.16 -9.71 -0.70
N TYR B 243 -23.39 -9.90 -0.25
CA TYR B 243 -24.46 -10.34 -1.16
C TYR B 243 -25.28 -9.17 -1.69
N ASN B 244 -25.32 -8.09 -0.91
CA ASN B 244 -26.26 -7.01 -1.17
C ASN B 244 -25.61 -5.64 -1.31
N ASN B 245 -24.92 -5.20 -0.27
CA ASN B 245 -24.39 -3.83 -0.25
C ASN B 245 -23.47 -3.48 -1.43
N PRO B 246 -22.62 -4.42 -1.88
CA PRO B 246 -21.77 -4.03 -3.01
C PRO B 246 -22.54 -3.71 -4.31
N ARG B 247 -23.69 -4.35 -4.51
CA ARG B 247 -24.52 -4.05 -5.67
C ARG B 247 -25.07 -2.62 -5.60
N THR B 248 -25.59 -2.26 -4.43
CA THR B 248 -26.04 -0.88 -4.21
C THR B 248 -24.91 0.09 -4.45
N TRP B 249 -23.75 -0.24 -3.88
CA TRP B 249 -22.58 0.62 -3.97
C TRP B 249 -22.14 0.83 -5.42
N TYR B 250 -22.06 -0.24 -6.20
CA TYR B 250 -21.58 -0.11 -7.56
C TYR B 250 -22.54 0.76 -8.39
N GLY B 251 -23.84 0.57 -8.20
CA GLY B 251 -24.82 1.40 -8.88
C GLY B 251 -24.71 2.86 -8.47
N GLN B 252 -24.57 3.11 -7.17
CA GLN B 252 -24.44 4.48 -6.69
C GLN B 252 -23.10 5.10 -7.12
N LYS B 253 -22.04 4.29 -7.19
CA LYS B 253 -20.76 4.82 -7.69
C LYS B 253 -20.88 5.26 -9.15
N PHE B 254 -21.71 4.55 -9.92
CA PHE B 254 -21.90 4.84 -11.34
C PHE B 254 -22.71 6.11 -11.55
N PHE B 255 -23.80 6.25 -10.80
CA PHE B 255 -24.70 7.40 -10.97
C PHE B 255 -24.32 8.60 -10.10
N SER B 256 -23.76 8.35 -8.92
CA SER B 256 -23.41 9.42 -7.98
C SER B 256 -21.98 9.30 -7.48
N PRO B 257 -21.00 9.34 -8.40
CA PRO B 257 -19.62 9.05 -8.03
C PRO B 257 -19.06 10.00 -6.95
N ASP B 258 -19.50 11.25 -6.94
CA ASP B 258 -18.92 12.21 -6.00
C ASP B 258 -19.62 12.22 -4.65
N ASP B 259 -20.71 11.47 -4.54
CA ASP B 259 -21.46 11.37 -3.30
C ASP B 259 -21.33 9.99 -2.67
N THR B 260 -20.51 9.13 -3.28
CA THR B 260 -20.39 7.74 -2.85
C THR B 260 -18.95 7.41 -2.48
N ALA B 261 -18.76 6.85 -1.29
CA ALA B 261 -17.41 6.51 -0.84
C ALA B 261 -16.90 5.20 -1.46
N ASP B 262 -15.80 4.66 -0.94
CA ASP B 262 -15.16 3.52 -1.59
C ASP B 262 -15.27 2.22 -0.81
N ASP B 263 -16.28 2.11 0.04
CA ASP B 263 -16.50 0.88 0.79
C ASP B 263 -17.75 0.18 0.30
N PRO B 264 -17.59 -0.90 -0.50
CA PRO B 264 -18.74 -1.62 -1.03
C PRO B 264 -19.57 -2.31 0.04
N MET B 265 -19.00 -2.48 1.24
CA MET B 265 -19.68 -3.24 2.28
C MET B 265 -20.57 -2.38 3.16
N GLU B 266 -20.54 -1.06 2.93
CA GLU B 266 -21.28 -0.09 3.73
C GLU B 266 -22.74 -0.48 3.94
N GLN B 267 -23.17 -0.48 5.20
CA GLN B 267 -24.52 -0.92 5.60
C GLN B 267 -25.56 0.19 5.56
N ASP B 268 -25.10 1.44 5.49
CA ASP B 268 -26.05 2.55 5.51
C ASP B 268 -25.90 3.44 4.29
N LEU B 269 -25.72 2.82 3.13
CA LEU B 269 -25.83 3.55 1.87
C LEU B 269 -27.26 4.09 1.78
N PRO B 270 -27.41 5.31 1.26
CA PRO B 270 -28.76 5.86 1.12
C PRO B 270 -29.66 5.02 0.22
N PHE B 271 -30.95 5.06 0.50
CA PHE B 271 -31.98 4.44 -0.34
C PHE B 271 -32.21 5.37 -1.53
N ILE B 272 -32.74 6.56 -1.24
CA ILE B 272 -32.97 7.59 -2.25
C ILE B 272 -31.67 8.32 -2.62
N CYS B 273 -31.37 8.37 -3.92
CA CYS B 273 -30.15 9.01 -4.40
C CYS B 273 -30.43 10.03 -5.49
N HIS B 274 -29.46 10.90 -5.73
CA HIS B 274 -29.56 11.91 -6.78
C HIS B 274 -28.33 11.83 -7.66
N ALA B 275 -28.55 11.52 -8.93
CA ALA B 275 -27.44 11.29 -9.86
C ALA B 275 -26.83 12.62 -10.32
N ASN B 276 -25.62 12.55 -10.87
CA ASN B 276 -24.96 13.76 -11.35
C ASN B 276 -25.37 14.09 -12.79
N ARG B 277 -26.33 13.34 -13.32
CA ARG B 277 -26.76 13.48 -14.70
C ARG B 277 -28.09 12.77 -14.86
N LYS B 278 -28.74 12.98 -16.00
CA LYS B 278 -29.98 12.27 -16.27
C LYS B 278 -29.68 10.86 -16.75
N ILE B 279 -30.60 9.95 -16.45
CA ILE B 279 -30.40 8.53 -16.62
C ILE B 279 -31.13 7.97 -17.85
N SER B 280 -30.40 7.19 -18.66
CA SER B 280 -30.95 6.59 -19.87
C SER B 280 -31.28 5.13 -19.65
N VAL B 281 -32.04 4.55 -20.56
CA VAL B 281 -32.34 3.12 -20.50
C VAL B 281 -31.04 2.34 -20.64
N GLU B 282 -30.16 2.81 -21.53
CA GLU B 282 -28.83 2.21 -21.68
C GLU B 282 -28.07 2.17 -20.34
N ASP B 283 -28.12 3.27 -19.58
CA ASP B 283 -27.51 3.35 -18.24
C ASP B 283 -28.06 2.28 -17.30
N VAL B 284 -29.38 2.15 -17.25
CA VAL B 284 -30.01 1.18 -16.38
C VAL B 284 -29.59 -0.24 -16.77
N LYS B 285 -29.60 -0.55 -18.06
CA LYS B 285 -29.20 -1.90 -18.51
C LYS B 285 -27.74 -2.18 -18.17
N PHE B 286 -26.88 -1.17 -18.31
CA PHE B 286 -25.48 -1.36 -17.93
C PHE B 286 -25.35 -1.79 -16.47
N VAL B 287 -26.00 -1.08 -15.57
CA VAL B 287 -25.87 -1.44 -14.16
C VAL B 287 -26.46 -2.81 -13.91
N LEU B 288 -27.62 -3.09 -14.53
CA LEU B 288 -28.28 -4.39 -14.37
C LEU B 288 -27.49 -5.53 -15.01
N SER B 289 -26.47 -5.20 -15.78
CA SER B 289 -25.65 -6.23 -16.42
C SER B 289 -24.26 -6.32 -15.81
N SER B 290 -24.02 -5.59 -14.73
CA SER B 290 -22.65 -5.36 -14.27
C SER B 290 -22.11 -6.46 -13.37
N HIS B 291 -20.79 -6.48 -13.28
CA HIS B 291 -20.06 -7.46 -12.50
C HIS B 291 -18.81 -6.77 -11.96
N PHE B 292 -19.05 -5.60 -11.37
CA PHE B 292 -18.03 -4.81 -10.70
C PHE B 292 -16.84 -4.50 -11.60
N GLU B 293 -17.13 -4.19 -12.87
CA GLU B 293 -16.10 -3.86 -13.83
C GLU B 293 -15.16 -2.78 -13.29
N ASN B 294 -13.87 -2.98 -13.54
CA ASN B 294 -12.79 -2.08 -13.11
C ASN B 294 -12.60 -2.04 -11.59
N THR B 295 -12.99 -3.12 -10.92
CA THR B 295 -12.60 -3.35 -9.53
C THR B 295 -12.06 -4.76 -9.38
N LYS B 296 -11.40 -5.01 -8.25
CA LYS B 296 -10.86 -6.33 -7.97
C LYS B 296 -11.95 -7.37 -7.71
N TYR B 297 -13.20 -6.92 -7.64
CA TYR B 297 -14.32 -7.82 -7.36
C TYR B 297 -14.99 -8.36 -8.63
N ASP B 298 -14.43 -8.01 -9.79
CA ASP B 298 -14.93 -8.47 -11.09
C ASP B 298 -14.51 -9.91 -11.34
N VAL B 299 -15.47 -10.82 -11.43
CA VAL B 299 -15.12 -12.23 -11.61
C VAL B 299 -14.40 -12.46 -12.96
N TYR B 300 -14.58 -11.54 -13.91
CA TYR B 300 -13.89 -11.65 -15.19
C TYR B 300 -12.61 -10.82 -15.23
N GLY B 301 -12.26 -10.23 -14.09
CA GLY B 301 -11.18 -9.26 -14.02
C GLY B 301 -9.85 -9.82 -13.54
N SER B 302 -9.04 -8.95 -12.95
CA SER B 302 -7.65 -9.25 -12.60
C SER B 302 -7.40 -9.58 -11.12
N GLY B 303 -8.44 -9.57 -10.31
CA GLY B 303 -8.27 -9.79 -8.88
C GLY B 303 -7.91 -11.22 -8.50
N SER B 304 -7.59 -11.43 -7.23
CA SER B 304 -7.35 -12.76 -6.71
C SER B 304 -8.61 -13.61 -6.80
N GLN B 305 -8.45 -14.93 -6.71
CA GLN B 305 -9.59 -15.83 -6.76
C GLN B 305 -10.59 -15.48 -5.65
N SER B 306 -10.07 -15.14 -4.47
CA SER B 306 -10.97 -14.83 -3.36
C SER B 306 -11.70 -13.51 -3.58
N ASP B 307 -11.00 -12.48 -4.07
CA ASP B 307 -11.67 -11.20 -4.33
C ASP B 307 -12.70 -11.29 -5.45
N LYS B 308 -12.37 -12.06 -6.50
CA LYS B 308 -13.21 -12.21 -7.69
C LYS B 308 -14.54 -12.90 -7.40
N THR B 309 -14.59 -13.65 -6.31
CA THR B 309 -15.75 -14.46 -5.99
C THR B 309 -16.39 -14.01 -4.68
N LEU B 310 -15.89 -12.90 -4.14
CA LEU B 310 -16.37 -12.43 -2.82
C LEU B 310 -17.80 -11.86 -2.86
N PHE B 311 -18.11 -11.12 -3.93
CA PHE B 311 -19.40 -10.41 -4.04
C PHE B 311 -20.34 -11.02 -5.07
N ARG B 312 -21.64 -11.01 -4.77
CA ARG B 312 -22.65 -11.39 -5.75
C ARG B 312 -22.77 -10.31 -6.81
N PRO B 313 -22.55 -10.66 -8.10
CA PRO B 313 -22.68 -9.64 -9.15
C PRO B 313 -24.15 -9.32 -9.48
N ILE B 314 -24.37 -8.27 -10.27
CA ILE B 314 -25.72 -7.89 -10.66
C ILE B 314 -26.13 -8.65 -11.92
N GLY B 315 -25.34 -8.55 -12.97
CA GLY B 315 -25.46 -9.48 -14.08
C GLY B 315 -25.00 -10.84 -13.56
N ILE B 316 -25.73 -11.91 -13.85
CA ILE B 316 -25.45 -13.20 -13.24
C ILE B 316 -26.08 -14.34 -14.04
N ASN B 317 -25.54 -15.56 -13.90
CA ASN B 317 -26.00 -16.68 -14.70
C ASN B 317 -27.49 -16.94 -14.56
N ARG B 318 -28.05 -16.60 -13.41
CA ARG B 318 -29.46 -16.88 -13.17
C ARG B 318 -30.39 -15.68 -13.37
N ASN B 319 -29.92 -14.66 -14.10
CA ASN B 319 -30.85 -13.67 -14.69
C ASN B 319 -31.80 -14.44 -15.61
N HIS B 320 -33.07 -14.62 -15.23
CA HIS B 320 -34.01 -15.33 -16.10
C HIS B 320 -34.62 -14.36 -17.12
N ASN B 321 -35.07 -13.22 -16.64
CA ASN B 321 -35.40 -12.09 -17.52
C ASN B 321 -34.93 -10.80 -16.89
N VAL B 322 -34.76 -9.78 -17.73
CA VAL B 322 -34.56 -8.42 -17.25
C VAL B 322 -35.62 -7.58 -17.91
N HIS B 323 -36.29 -6.74 -17.13
CA HIS B 323 -37.32 -5.89 -17.70
C HIS B 323 -37.09 -4.47 -17.23
N ILE B 324 -37.28 -3.52 -18.13
CA ILE B 324 -37.25 -2.11 -17.78
C ILE B 324 -38.58 -1.56 -18.25
N LEU B 325 -39.45 -1.23 -17.29
CA LEU B 325 -40.77 -0.75 -17.62
C LEU B 325 -40.75 0.77 -17.65
N GLN B 326 -41.07 1.33 -18.80
CA GLN B 326 -40.97 2.74 -19.05
C GLN B 326 -42.33 3.33 -19.37
N ILE B 327 -42.74 4.34 -18.64
CA ILE B 327 -43.92 5.10 -19.02
C ILE B 327 -43.48 6.46 -19.50
N ARG B 328 -43.59 6.67 -20.80
CA ARG B 328 -43.08 7.88 -21.44
C ARG B 328 -44.05 9.04 -21.30
N ASN B 329 -43.51 10.25 -21.40
CA ASN B 329 -44.32 11.46 -21.36
C ASN B 329 -44.19 12.31 -22.63
N ASN B 330 -43.25 11.93 -23.49
CA ASN B 330 -43.01 12.73 -24.70
C ASN B 330 -43.85 12.26 -25.90
N VAL B 331 -44.90 11.47 -25.63
CA VAL B 331 -45.69 10.82 -26.69
C VAL B 331 -47.17 10.69 -26.32
N PRO B 332 -48.05 10.42 -27.32
CA PRO B 332 -49.46 10.09 -27.01
C PRO B 332 -49.57 8.86 -26.11
N THR B 333 -50.61 8.78 -25.28
CA THR B 333 -50.72 7.69 -24.31
C THR B 333 -50.74 6.30 -24.94
N GLU B 334 -51.22 6.20 -26.18
CA GLU B 334 -51.31 4.89 -26.80
C GLU B 334 -49.93 4.30 -27.10
N ILE B 335 -48.88 5.11 -27.03
CA ILE B 335 -47.52 4.55 -27.18
C ILE B 335 -46.61 4.90 -26.01
N ALA B 336 -47.20 5.32 -24.89
CA ALA B 336 -46.40 5.72 -23.74
C ALA B 336 -45.74 4.53 -23.02
N GLY B 337 -46.43 3.39 -22.99
CA GLY B 337 -45.95 2.25 -22.22
C GLY B 337 -45.01 1.35 -23.00
N ILE B 338 -43.77 1.25 -22.52
CA ILE B 338 -42.77 0.41 -23.17
C ILE B 338 -42.27 -0.64 -22.19
N HIS B 339 -42.43 -1.91 -22.57
CA HIS B 339 -41.98 -3.04 -21.76
C HIS B 339 -40.66 -3.54 -22.35
N TRP B 340 -39.55 -2.93 -21.92
CA TRP B 340 -38.23 -3.37 -22.37
C TRP B 340 -37.92 -4.75 -21.81
N LEU B 341 -37.39 -5.65 -22.63
CA LEU B 341 -37.26 -7.03 -22.20
C LEU B 341 -36.03 -7.73 -22.78
N ALA B 342 -35.36 -8.53 -21.94
CA ALA B 342 -34.37 -9.48 -22.42
C ALA B 342 -34.36 -10.73 -21.52
N TYR B 343 -33.68 -11.77 -21.99
CA TYR B 343 -33.63 -13.07 -21.33
C TYR B 343 -32.19 -13.50 -21.09
N GLY B 344 -31.99 -14.31 -20.06
CA GLY B 344 -30.69 -14.92 -19.80
C GLY B 344 -29.69 -13.96 -19.18
N ALA B 345 -28.51 -14.47 -18.84
CA ALA B 345 -27.49 -13.65 -18.21
C ALA B 345 -27.25 -12.38 -19.01
N ASN B 346 -27.29 -11.24 -18.31
CA ASN B 346 -27.36 -9.94 -18.99
C ASN B 346 -26.08 -9.49 -19.67
N THR B 347 -25.01 -10.27 -19.52
CA THR B 347 -23.76 -9.93 -20.17
C THR B 347 -23.81 -10.00 -21.70
N PHE B 348 -24.70 -10.81 -22.27
CA PHE B 348 -24.70 -11.01 -23.73
C PHE B 348 -26.07 -10.87 -24.37
N ASN B 349 -26.92 -10.05 -23.77
CA ASN B 349 -28.23 -9.76 -24.36
C ASN B 349 -28.42 -8.25 -24.51
N THR B 350 -29.54 -7.85 -25.11
CA THR B 350 -29.94 -6.46 -25.14
C THR B 350 -31.42 -6.36 -24.86
N VAL B 351 -31.84 -5.34 -24.12
CA VAL B 351 -33.27 -5.13 -23.91
C VAL B 351 -33.91 -4.53 -25.16
N VAL B 352 -35.09 -5.04 -25.49
CA VAL B 352 -35.84 -4.65 -26.68
C VAL B 352 -37.06 -3.86 -26.23
N PRO B 353 -37.29 -2.67 -26.82
CA PRO B 353 -38.35 -1.76 -26.35
C PRO B 353 -39.75 -2.11 -26.90
N PHE B 354 -40.33 -3.19 -26.41
CA PHE B 354 -41.66 -3.58 -26.88
C PHE B 354 -42.76 -2.60 -26.47
N TYR B 355 -43.61 -2.24 -27.42
CA TYR B 355 -44.81 -1.49 -27.09
C TYR B 355 -45.76 -2.36 -26.27
N ALA B 356 -46.24 -1.85 -25.14
CA ALA B 356 -47.10 -2.65 -24.27
C ALA B 356 -48.56 -2.65 -24.74
N ASN B 357 -48.91 -1.65 -25.56
CA ASN B 357 -50.28 -1.48 -26.05
C ASN B 357 -50.59 -2.40 -27.24
N VAL B 358 -50.61 -3.70 -26.95
CA VAL B 358 -50.82 -4.75 -27.95
C VAL B 358 -51.65 -5.87 -27.35
N ASN B 359 -52.24 -6.70 -28.21
CA ASN B 359 -53.06 -7.82 -27.74
C ASN B 359 -52.34 -9.15 -27.75
N ASP B 360 -51.16 -9.18 -28.37
CA ASP B 360 -50.38 -10.40 -28.49
C ASP B 360 -48.91 -10.00 -28.61
N THR B 361 -48.03 -10.99 -28.52
CA THR B 361 -46.58 -10.75 -28.44
C THR B 361 -45.83 -11.55 -29.50
N PRO B 362 -44.58 -11.13 -29.82
CA PRO B 362 -43.83 -11.79 -30.90
C PRO B 362 -43.43 -13.23 -30.60
N VAL B 363 -43.45 -14.07 -31.64
CA VAL B 363 -43.25 -15.50 -31.48
C VAL B 363 -41.91 -15.84 -30.81
N GLN B 364 -40.84 -15.12 -31.15
CA GLN B 364 -39.53 -15.46 -30.59
C GLN B 364 -39.43 -15.18 -29.10
N TYR B 365 -40.35 -14.38 -28.58
CA TYR B 365 -40.33 -14.05 -27.16
C TYR B 365 -41.46 -14.71 -26.39
N LYS B 366 -42.48 -15.18 -27.09
CA LYS B 366 -43.65 -15.76 -26.45
C LYS B 366 -43.56 -17.27 -26.26
N ASN B 367 -42.84 -17.95 -27.15
CA ASN B 367 -43.04 -19.39 -27.34
C ASN B 367 -42.06 -20.37 -26.69
N ALA B 368 -41.28 -19.94 -25.71
CA ALA B 368 -40.39 -20.88 -25.06
C ALA B 368 -41.15 -21.96 -24.32
N THR B 369 -40.64 -23.18 -24.43
CA THR B 369 -41.11 -24.30 -23.64
C THR B 369 -39.93 -24.91 -22.88
N GLY B 370 -40.16 -26.05 -22.24
CA GLY B 370 -39.09 -26.76 -21.57
C GLY B 370 -38.14 -27.44 -22.52
N LYS B 371 -38.51 -27.49 -23.80
CA LYS B 371 -37.65 -28.07 -24.82
C LYS B 371 -36.68 -27.04 -25.37
N PHE B 372 -35.40 -27.39 -25.37
CA PHE B 372 -34.37 -26.52 -25.90
C PHE B 372 -34.61 -26.19 -27.37
N ASP B 373 -34.74 -24.89 -27.66
CA ASP B 373 -35.05 -24.44 -29.00
C ASP B 373 -34.35 -23.13 -29.29
N LEU B 374 -33.31 -23.19 -30.12
CA LEU B 374 -32.47 -22.02 -30.38
C LEU B 374 -33.12 -21.03 -31.33
N ASN B 375 -34.33 -21.35 -31.80
CA ASN B 375 -35.13 -20.37 -32.53
C ASN B 375 -35.86 -19.44 -31.58
N ASN B 376 -35.83 -19.79 -30.30
CA ASN B 376 -36.46 -18.99 -29.26
C ASN B 376 -35.43 -18.10 -28.54
N MET B 377 -35.82 -16.87 -28.23
CA MET B 377 -34.86 -15.91 -27.67
C MET B 377 -34.41 -16.24 -26.25
N TYR B 378 -35.22 -16.96 -25.46
CA TYR B 378 -34.75 -17.36 -24.14
C TYR B 378 -33.55 -18.31 -24.30
N TRP B 379 -33.74 -19.39 -25.04
CA TRP B 379 -32.68 -20.37 -25.15
C TRP B 379 -31.45 -19.84 -25.91
N LEU B 380 -31.69 -19.03 -26.95
CA LEU B 380 -30.59 -18.45 -27.72
C LEU B 380 -29.75 -17.53 -26.85
N SER B 381 -30.40 -16.69 -26.06
CA SER B 381 -29.68 -15.73 -25.23
C SER B 381 -28.87 -16.43 -24.14
N CYS B 382 -29.45 -17.45 -23.52
CA CYS B 382 -28.73 -18.21 -22.49
C CYS B 382 -27.50 -18.87 -23.06
N THR B 383 -27.65 -19.44 -24.25
CA THR B 383 -26.56 -20.12 -24.90
C THR B 383 -25.42 -19.14 -25.17
N THR B 384 -25.76 -17.93 -25.64
CA THR B 384 -24.76 -16.92 -25.95
C THR B 384 -23.98 -16.52 -24.70
N ALA B 385 -24.69 -16.31 -23.59
CA ALA B 385 -24.05 -15.86 -22.35
C ALA B 385 -23.13 -16.92 -21.76
N LEU B 386 -23.52 -18.19 -21.88
CA LEU B 386 -22.70 -19.28 -21.40
C LEU B 386 -21.39 -19.34 -22.19
N LEU B 387 -21.48 -19.30 -23.52
CA LEU B 387 -20.26 -19.31 -24.32
C LEU B 387 -19.39 -18.11 -23.96
N GLY B 388 -20.01 -16.94 -23.84
CA GLY B 388 -19.27 -15.74 -23.48
C GLY B 388 -18.53 -15.86 -22.14
N ASP B 389 -19.16 -16.51 -21.17
CA ASP B 389 -18.58 -16.72 -19.84
C ASP B 389 -17.30 -17.56 -19.86
N THR B 390 -17.14 -18.39 -20.89
CA THR B 390 -15.97 -19.28 -20.93
C THR B 390 -14.68 -18.54 -21.27
N ASP B 391 -14.80 -17.35 -21.85
CA ASP B 391 -13.63 -16.54 -22.17
C ASP B 391 -14.06 -15.10 -22.43
N TYR B 392 -14.46 -14.43 -21.36
CA TYR B 392 -15.10 -13.13 -21.49
C TYR B 392 -14.24 -12.12 -22.25
N ASP B 393 -12.97 -12.02 -21.91
CA ASP B 393 -12.11 -11.02 -22.55
C ASP B 393 -11.96 -11.26 -24.05
N PHE B 394 -12.10 -12.51 -24.47
CA PHE B 394 -12.01 -12.88 -25.86
C PHE B 394 -13.28 -12.47 -26.63
N TYR B 395 -14.42 -12.52 -25.97
CA TYR B 395 -15.69 -12.26 -26.65
C TYR B 395 -16.27 -10.86 -26.43
N VAL B 396 -15.68 -10.10 -25.52
CA VAL B 396 -16.32 -8.86 -25.07
C VAL B 396 -16.37 -7.79 -26.17
N ASP B 397 -15.41 -7.80 -27.08
CA ASP B 397 -15.42 -6.78 -28.13
C ASP B 397 -16.58 -7.01 -29.10
N MET B 398 -16.82 -8.28 -29.45
CA MET B 398 -17.99 -8.63 -30.26
C MET B 398 -19.28 -8.26 -29.53
N ARG B 399 -19.30 -8.54 -28.22
CA ARG B 399 -20.43 -8.19 -27.36
C ARG B 399 -20.72 -6.70 -27.43
N ASN B 400 -19.69 -5.89 -27.22
CA ASN B 400 -19.84 -4.43 -27.20
C ASN B 400 -20.33 -3.90 -28.54
N ASP B 401 -19.80 -4.44 -29.63
CA ASP B 401 -20.24 -4.04 -30.96
C ASP B 401 -21.71 -4.37 -31.17
N TYR B 402 -22.08 -5.58 -30.77
CA TYR B 402 -23.46 -6.05 -30.89
C TYR B 402 -24.41 -5.15 -30.10
N GLU B 403 -24.01 -4.77 -28.88
CA GLU B 403 -24.88 -3.92 -28.07
C GLU B 403 -25.21 -2.59 -28.76
N LEU B 404 -24.18 -1.95 -29.30
CA LEU B 404 -24.39 -0.66 -29.96
C LEU B 404 -25.23 -0.83 -31.20
N ASP B 405 -24.90 -1.85 -31.99
CA ASP B 405 -25.58 -2.10 -33.26
C ASP B 405 -27.04 -2.45 -33.03
N ALA B 406 -27.32 -3.31 -32.05
CA ALA B 406 -28.70 -3.72 -31.79
C ALA B 406 -29.53 -2.58 -31.20
N MET B 407 -29.00 -1.90 -30.19
CA MET B 407 -29.74 -0.81 -29.56
C MET B 407 -30.04 0.30 -30.57
N SER B 408 -29.10 0.59 -31.46
CA SER B 408 -29.31 1.59 -32.51
C SER B 408 -30.47 1.22 -33.41
N ALA B 409 -30.51 -0.04 -33.79
CA ALA B 409 -31.58 -0.58 -34.65
C ALA B 409 -32.93 -0.52 -33.95
N TYR B 410 -32.97 -0.86 -32.66
CA TYR B 410 -34.25 -0.79 -31.92
C TYR B 410 -34.75 0.65 -31.89
N ARG B 411 -33.85 1.60 -31.61
CA ARG B 411 -34.25 2.99 -31.48
C ARG B 411 -34.72 3.55 -32.81
N LYS B 412 -34.11 3.12 -33.91
CA LYS B 412 -34.56 3.55 -35.23
C LYS B 412 -36.00 3.10 -35.47
N ILE B 413 -36.28 1.84 -35.16
CA ILE B 413 -37.65 1.32 -35.33
C ILE B 413 -38.62 2.06 -34.42
N GLN B 414 -38.22 2.29 -33.17
CA GLN B 414 -39.07 3.03 -32.23
C GLN B 414 -39.34 4.45 -32.72
N ASN B 415 -38.28 5.14 -33.16
CA ASN B 415 -38.43 6.51 -33.66
C ASN B 415 -39.34 6.57 -34.89
N ASP B 416 -39.19 5.62 -35.80
CA ASP B 416 -40.02 5.58 -37.00
C ASP B 416 -41.48 5.29 -36.65
N THR B 417 -41.69 4.37 -35.71
CA THR B 417 -43.03 3.95 -35.31
C THR B 417 -43.73 5.08 -34.57
N ASP B 418 -43.01 5.72 -33.65
CA ASP B 418 -43.54 6.87 -32.91
C ASP B 418 -43.98 7.99 -33.87
N ALA B 419 -43.16 8.22 -34.89
CA ALA B 419 -43.37 9.34 -35.80
C ALA B 419 -44.65 9.21 -36.62
N ASP B 420 -45.11 7.98 -36.84
CA ASP B 420 -46.25 7.75 -37.73
C ASP B 420 -47.50 7.29 -36.96
N ILE B 421 -47.56 7.58 -35.66
CA ILE B 421 -48.66 7.07 -34.82
C ILE B 421 -49.98 7.77 -35.13
N SER B 422 -49.90 9.03 -35.55
CA SER B 422 -51.10 9.83 -35.77
C SER B 422 -51.95 9.27 -36.91
N GLY B 423 -53.24 9.12 -36.67
CA GLY B 423 -54.16 8.69 -37.71
C GLY B 423 -54.27 7.19 -37.91
N GLN B 424 -53.47 6.42 -37.18
CA GLN B 424 -53.55 4.97 -37.26
C GLN B 424 -54.93 4.51 -36.77
N LYS B 425 -55.62 3.76 -37.61
CA LYS B 425 -56.99 3.35 -37.31
C LYS B 425 -57.07 2.01 -36.57
N ASP B 426 -55.99 1.24 -36.59
CA ASP B 426 -55.90 0.06 -35.73
C ASP B 426 -54.55 0.12 -34.99
N ILE B 427 -54.56 0.73 -33.82
CA ILE B 427 -53.32 0.99 -33.09
C ILE B 427 -52.64 -0.30 -32.67
N GLU B 428 -53.40 -1.23 -32.10
CA GLU B 428 -52.80 -2.48 -31.62
C GLU B 428 -52.16 -3.26 -32.76
N LYS B 429 -52.80 -3.25 -33.93
CA LYS B 429 -52.25 -3.95 -35.08
C LYS B 429 -50.95 -3.29 -35.56
N TYR B 430 -50.96 -1.96 -35.57
CA TYR B 430 -49.80 -1.15 -35.93
C TYR B 430 -48.62 -1.42 -34.98
N LEU B 431 -48.91 -1.48 -33.70
CA LEU B 431 -47.85 -1.69 -32.71
C LEU B 431 -47.40 -3.14 -32.64
N GLU B 432 -48.30 -4.07 -32.94
CA GLU B 432 -47.91 -5.47 -33.03
C GLU B 432 -46.95 -5.65 -34.19
N ASN B 433 -47.15 -4.89 -35.27
CA ASN B 433 -46.23 -4.95 -36.40
C ASN B 433 -44.86 -4.41 -36.02
N ALA B 434 -44.86 -3.32 -35.26
CA ALA B 434 -43.61 -2.72 -34.78
C ALA B 434 -42.87 -3.70 -33.86
N ASN B 435 -43.61 -4.35 -32.96
CA ASN B 435 -42.99 -5.32 -32.05
C ASN B 435 -42.45 -6.54 -32.81
N LYS B 436 -43.13 -6.95 -33.87
CA LYS B 436 -42.62 -8.03 -34.70
C LYS B 436 -41.32 -7.61 -35.37
N LYS B 437 -41.24 -6.38 -35.86
CA LYS B 437 -40.00 -5.88 -36.47
C LYS B 437 -38.88 -5.85 -35.44
N LEU B 438 -39.19 -5.38 -34.24
CA LEU B 438 -38.21 -5.33 -33.16
C LEU B 438 -37.70 -6.73 -32.82
N ALA B 439 -38.61 -7.67 -32.64
CA ALA B 439 -38.24 -9.03 -32.25
C ALA B 439 -37.46 -9.73 -33.36
N ASP B 440 -37.87 -9.50 -34.60
CA ASP B 440 -37.15 -10.08 -35.75
C ASP B 440 -35.71 -9.62 -35.78
N VAL B 441 -35.50 -8.31 -35.62
CA VAL B 441 -34.15 -7.77 -35.66
C VAL B 441 -33.37 -8.22 -34.43
N ALA B 442 -34.01 -8.24 -33.27
CA ALA B 442 -33.34 -8.72 -32.06
C ALA B 442 -32.84 -10.16 -32.22
N PHE B 443 -33.67 -11.01 -32.82
CA PHE B 443 -33.25 -12.39 -33.02
C PHE B 443 -32.12 -12.45 -34.02
N GLU B 444 -32.24 -11.72 -35.13
CA GLU B 444 -31.20 -11.77 -36.15
C GLU B 444 -29.85 -11.32 -35.59
N LYS B 445 -29.87 -10.27 -34.76
CA LYS B 445 -28.62 -9.75 -34.21
C LYS B 445 -28.07 -10.65 -33.11
N GLN B 446 -28.94 -11.24 -32.30
CA GLN B 446 -28.50 -12.19 -31.28
C GLN B 446 -27.85 -13.41 -31.95
N ASN B 447 -28.50 -13.89 -33.00
CA ASN B 447 -28.00 -15.04 -33.73
C ASN B 447 -26.68 -14.75 -34.43
N LYS B 448 -26.55 -13.57 -35.06
CA LYS B 448 -25.31 -13.20 -35.71
C LYS B 448 -24.17 -13.09 -34.69
N LEU B 449 -24.46 -12.54 -33.52
CA LEU B 449 -23.46 -12.47 -32.44
C LEU B 449 -22.98 -13.86 -32.04
N LEU B 450 -23.91 -14.77 -31.76
CA LEU B 450 -23.50 -16.12 -31.37
C LEU B 450 -22.72 -16.78 -32.49
N GLY B 451 -23.14 -16.57 -33.74
CA GLY B 451 -22.40 -17.13 -34.87
C GLY B 451 -20.98 -16.58 -34.94
N ASP B 452 -20.83 -15.28 -34.71
CA ASP B 452 -19.51 -14.67 -34.74
C ASP B 452 -18.65 -15.21 -33.61
N MET B 453 -19.26 -15.42 -32.44
CA MET B 453 -18.53 -15.98 -31.31
C MET B 453 -18.10 -17.41 -31.59
N VAL B 454 -18.99 -18.20 -32.19
CA VAL B 454 -18.69 -19.60 -32.46
C VAL B 454 -17.58 -19.69 -33.52
N THR B 455 -17.64 -18.82 -34.52
CA THR B 455 -16.64 -18.86 -35.59
C THR B 455 -15.26 -18.48 -35.06
N THR B 456 -15.18 -17.37 -34.35
CA THR B 456 -13.90 -16.90 -33.80
C THR B 456 -13.43 -17.80 -32.68
N GLY B 457 -14.35 -18.21 -31.80
CA GLY B 457 -14.01 -19.10 -30.71
C GLY B 457 -13.48 -20.44 -31.18
N SER B 458 -14.05 -20.97 -32.25
CA SER B 458 -13.63 -22.27 -32.76
C SER B 458 -12.16 -22.21 -33.19
N ASN B 459 -11.73 -21.06 -33.73
CA ASN B 459 -10.31 -20.88 -34.06
C ASN B 459 -9.41 -20.94 -32.82
N ASN B 460 -9.98 -20.68 -31.65
CA ASN B 460 -9.19 -20.61 -30.41
C ASN B 460 -9.44 -21.79 -29.49
N MET B 461 -9.99 -22.89 -30.01
CA MET B 461 -10.22 -24.07 -29.17
C MET B 461 -8.92 -24.68 -28.65
N LYS B 462 -9.00 -25.31 -27.49
CA LYS B 462 -7.86 -26.05 -26.96
C LYS B 462 -7.52 -27.18 -27.94
N LEU B 463 -8.57 -27.83 -28.44
CA LEU B 463 -8.38 -28.94 -29.39
C LEU B 463 -8.04 -28.38 -30.78
N ARG B 464 -6.80 -27.97 -30.95
CA ARG B 464 -6.31 -27.40 -32.20
C ARG B 464 -4.84 -27.72 -32.36
N TYR B 465 -4.37 -27.70 -33.60
CA TYR B 465 -2.95 -27.75 -33.89
C TYR B 465 -2.81 -27.20 -35.29
N ASN B 466 -2.31 -25.97 -35.39
CA ASN B 466 -2.18 -25.31 -36.67
C ASN B 466 -0.75 -25.26 -37.18
N LEU B 467 -0.58 -25.36 -38.49
CA LEU B 467 0.68 -25.03 -39.12
C LEU B 467 0.68 -23.53 -39.38
N ASN B 468 1.70 -22.84 -38.88
CA ASN B 468 1.74 -21.39 -39.02
C ASN B 468 2.38 -21.00 -40.34
N ASP B 469 1.67 -21.25 -41.44
CA ASP B 469 2.19 -20.92 -42.75
C ASP B 469 1.05 -20.50 -43.69
N CYS C 9 25.86 -4.70 22.58
CA CYS C 9 25.26 -4.38 23.87
C CYS C 9 24.16 -3.36 23.66
N THR C 10 23.20 -3.33 24.57
CA THR C 10 22.17 -2.31 24.60
C THR C 10 22.06 -1.84 26.03
N SER C 11 22.01 -0.52 26.24
CA SER C 11 21.95 0.05 27.59
C SER C 11 20.70 0.89 27.80
N ILE C 12 20.12 0.82 28.99
CA ILE C 12 18.97 1.67 29.32
C ILE C 12 19.23 2.36 30.64
N LEU C 13 19.06 3.68 30.66
CA LEU C 13 19.31 4.50 31.84
C LEU C 13 18.02 5.20 32.25
N VAL C 14 17.76 5.26 33.55
CA VAL C 14 16.55 5.90 34.04
C VAL C 14 16.85 6.78 35.25
N GLY C 15 16.49 8.06 35.15
CA GLY C 15 16.67 9.01 36.25
C GLY C 15 15.71 8.79 37.41
N LYS C 16 16.03 9.37 38.57
CA LYS C 16 15.29 9.02 39.78
C LYS C 16 13.85 9.50 39.80
N LYS C 17 13.52 10.49 38.99
CA LYS C 17 12.14 10.96 38.90
C LYS C 17 11.40 10.28 37.74
N ALA C 18 12.11 9.45 36.98
CA ALA C 18 11.53 8.78 35.82
C ALA C 18 11.08 7.36 36.13
N SER C 19 11.62 6.82 37.21
CA SER C 19 11.30 5.46 37.64
C SER C 19 10.00 5.41 38.44
N ILE C 20 9.39 4.23 38.46
CA ILE C 20 8.11 4.10 39.16
C ILE C 20 8.28 4.19 40.67
N ASP C 21 9.50 3.94 41.15
CA ASP C 21 9.74 3.85 42.60
C ASP C 21 10.73 4.87 43.13
N GLY C 22 11.16 5.80 42.29
CA GLY C 22 12.08 6.84 42.73
C GLY C 22 13.53 6.39 42.84
N SER C 23 13.85 5.22 42.30
CA SER C 23 15.23 4.74 42.23
C SER C 23 15.92 5.26 40.98
N THR C 24 17.25 5.18 40.97
CA THR C 24 17.99 5.31 39.71
C THR C 24 18.23 3.92 39.14
N LEU C 25 18.26 3.84 37.81
CA LEU C 25 18.53 2.58 37.11
C LEU C 25 19.55 2.77 36.00
N ILE C 26 20.58 1.92 35.99
CA ILE C 26 21.44 1.81 34.81
C ILE C 26 21.52 0.34 34.46
N SER C 27 21.49 0.04 33.17
CA SER C 27 21.36 -1.34 32.75
C SER C 27 22.11 -1.56 31.45
N ARG C 28 22.46 -2.81 31.20
CA ARG C 28 23.11 -3.18 29.95
C ARG C 28 23.00 -4.67 29.71
N ASN C 29 22.78 -5.04 28.45
CA ASN C 29 23.03 -6.39 27.97
C ASN C 29 24.50 -6.51 27.66
N ASP C 30 25.17 -7.44 28.31
CA ASP C 30 26.58 -7.69 28.07
C ASP C 30 26.69 -8.70 26.95
N ASP C 31 26.73 -8.21 25.71
CA ASP C 31 26.76 -9.09 24.54
C ASP C 31 28.19 -9.31 24.07
N GLY C 32 28.53 -10.57 23.83
CA GLY C 32 29.88 -10.90 23.38
C GLY C 32 29.92 -11.25 21.92
N HIS C 33 31.07 -11.74 21.45
CA HIS C 33 31.21 -12.16 20.05
C HIS C 33 30.66 -13.56 19.84
N GLU C 34 31.12 -14.51 20.64
CA GLU C 34 30.59 -15.88 20.62
C GLU C 34 29.27 -15.91 21.35
N ALA C 35 28.38 -16.82 20.97
CA ALA C 35 27.07 -16.90 21.59
C ALA C 35 27.20 -17.19 23.08
N LEU C 36 27.98 -18.22 23.43
CA LEU C 36 28.13 -18.57 24.84
C LEU C 36 29.52 -18.25 25.38
N ASP C 37 29.54 -17.72 26.60
CA ASP C 37 30.78 -17.47 27.33
C ASP C 37 30.40 -17.33 28.80
N PRO C 38 30.70 -18.37 29.60
CA PRO C 38 30.16 -18.46 30.96
C PRO C 38 30.52 -17.26 31.84
N GLN C 39 29.52 -16.80 32.59
CA GLN C 39 29.62 -15.65 33.46
C GLN C 39 29.46 -16.06 34.91
N ARG C 40 30.10 -15.31 35.81
CA ARG C 40 29.96 -15.51 37.25
C ARG C 40 29.51 -14.23 37.93
N PHE C 41 28.79 -14.38 39.04
CA PHE C 41 28.38 -13.26 39.90
C PHE C 41 29.26 -13.31 41.13
N VAL C 42 30.11 -12.29 41.29
CA VAL C 42 31.18 -12.33 42.29
C VAL C 42 31.31 -11.02 43.03
N VAL C 43 31.36 -11.10 44.35
CA VAL C 43 31.73 -9.94 45.17
C VAL C 43 33.23 -9.95 45.35
N VAL C 44 33.88 -8.85 44.99
CA VAL C 44 35.31 -8.69 45.21
C VAL C 44 35.52 -7.95 46.51
N ASN C 45 35.96 -8.66 47.53
CA ASN C 45 36.25 -8.00 48.79
C ASN C 45 37.60 -7.30 48.70
N PRO C 46 37.79 -6.24 49.51
CA PRO C 46 38.97 -5.38 49.40
C PRO C 46 40.30 -6.13 49.43
N GLU C 47 40.39 -7.17 50.25
CA GLU C 47 41.62 -7.94 50.36
C GLU C 47 41.98 -8.70 49.08
N ASP C 48 41.02 -8.87 48.18
CA ASP C 48 41.25 -9.61 46.95
C ASP C 48 41.44 -8.71 45.72
N GLN C 49 41.33 -7.40 45.94
CA GLN C 49 41.50 -6.43 44.87
C GLN C 49 42.97 -6.11 44.65
N PRO C 50 43.41 -6.14 43.38
CA PRO C 50 44.81 -5.83 43.05
C PRO C 50 45.20 -4.41 43.43
N ARG C 51 46.44 -4.23 43.85
CA ARG C 51 47.03 -2.91 43.98
C ARG C 51 47.94 -2.64 42.79
N ASP C 52 48.42 -3.72 42.16
CA ASP C 52 49.28 -3.63 40.98
C ASP C 52 48.60 -4.35 39.83
N TYR C 53 47.80 -3.63 39.06
CA TYR C 53 46.96 -4.27 38.04
C TYR C 53 47.61 -4.31 36.67
N THR C 54 47.60 -5.47 36.05
CA THR C 54 48.04 -5.61 34.67
C THR C 54 46.97 -6.32 33.85
N SER C 55 46.60 -5.73 32.72
CA SER C 55 45.58 -6.35 31.88
C SER C 55 46.19 -7.48 31.05
N VAL C 56 45.32 -8.34 30.54
CA VAL C 56 45.75 -9.44 29.70
C VAL C 56 45.86 -9.03 28.23
N ILE C 57 44.88 -8.28 27.75
CA ILE C 57 44.82 -7.94 26.33
C ILE C 57 45.87 -6.91 25.93
N SER C 58 45.95 -5.80 26.68
CA SER C 58 46.79 -4.68 26.28
C SER C 58 48.11 -4.62 27.06
N LYS C 59 48.16 -5.38 28.14
CA LYS C 59 49.30 -5.40 29.07
C LYS C 59 49.53 -4.03 29.73
N VAL C 60 48.49 -3.22 29.82
CA VAL C 60 48.56 -1.96 30.56
C VAL C 60 48.79 -2.26 32.04
N ASN C 61 49.64 -1.45 32.69
CA ASN C 61 49.92 -1.62 34.11
C ASN C 61 49.42 -0.41 34.89
N VAL C 62 48.53 -0.67 35.83
CA VAL C 62 47.91 0.40 36.60
C VAL C 62 48.12 0.19 38.09
N LYS C 63 48.81 1.13 38.73
CA LYS C 63 48.92 1.13 40.18
C LYS C 63 47.64 1.69 40.76
N LEU C 64 47.03 0.94 41.66
CA LEU C 64 45.73 1.30 42.25
C LEU C 64 45.86 1.65 43.73
N PRO C 65 44.93 2.49 44.23
CA PRO C 65 44.90 2.89 45.64
C PRO C 65 44.82 1.68 46.59
N ASP C 66 45.28 1.88 47.82
CA ASP C 66 45.36 0.79 48.78
C ASP C 66 44.09 0.68 49.62
N ASP C 67 43.08 1.49 49.30
CA ASP C 67 41.82 1.44 50.03
C ASP C 67 40.59 1.17 49.16
N PRO C 68 40.61 0.09 48.37
CA PRO C 68 39.45 -0.20 47.51
C PRO C 68 38.21 -0.56 48.33
N GLN C 69 37.04 -0.21 47.79
CA GLN C 69 35.78 -0.64 48.38
C GLN C 69 35.36 -1.99 47.85
N ARG C 70 34.61 -2.74 48.66
CA ARG C 70 33.94 -3.96 48.21
C ARG C 70 32.99 -3.62 47.07
N TYR C 71 32.88 -4.51 46.08
CA TYR C 71 31.93 -4.30 44.99
C TYR C 71 31.45 -5.61 44.40
N THR C 72 30.23 -5.59 43.87
CA THR C 72 29.74 -6.71 43.07
C THR C 72 30.33 -6.63 41.66
N SER C 73 30.32 -7.75 40.95
CA SER C 73 30.87 -7.80 39.59
C SER C 73 30.37 -9.04 38.87
N ILE C 74 30.60 -9.08 37.56
CA ILE C 74 30.17 -10.22 36.75
C ILE C 74 31.31 -10.74 35.87
N PRO C 75 32.38 -11.23 36.50
CA PRO C 75 33.55 -11.64 35.71
C PRO C 75 33.31 -12.88 34.86
N ASN C 76 34.03 -12.97 33.75
CA ASN C 76 34.06 -14.19 32.95
C ASN C 76 34.61 -15.36 33.75
N SER C 77 34.03 -16.55 33.58
CA SER C 77 34.57 -17.77 34.17
C SER C 77 35.93 -18.11 33.59
N ILE C 78 36.04 -17.97 32.27
CA ILE C 78 37.27 -18.28 31.55
C ILE C 78 38.07 -16.99 31.41
N LEU C 79 39.27 -16.97 32.00
CA LEU C 79 40.03 -15.73 32.17
C LEU C 79 41.12 -15.53 31.09
N THR C 80 40.99 -16.26 30.00
CA THR C 80 41.93 -16.21 28.88
C THR C 80 42.19 -14.78 28.38
N ASN C 81 41.13 -13.97 28.38
CA ASN C 81 41.26 -12.59 27.92
C ASN C 81 41.11 -11.57 29.05
N GLY C 82 41.33 -12.00 30.29
CA GLY C 82 41.18 -11.10 31.42
C GLY C 82 39.85 -11.26 32.15
N ILE C 83 39.62 -10.38 33.11
CA ILE C 83 38.52 -10.54 34.06
C ILE C 83 37.16 -10.21 33.47
N TRP C 84 37.07 -9.09 32.76
CA TRP C 84 35.82 -8.62 32.16
C TRP C 84 34.68 -8.57 33.18
N PRO C 85 34.82 -7.72 34.21
CA PRO C 85 33.87 -7.65 35.32
C PRO C 85 32.49 -7.08 34.95
N ALA C 86 32.41 -6.36 33.82
CA ALA C 86 31.16 -5.84 33.25
C ALA C 86 30.46 -4.71 34.04
N ALA C 87 30.15 -4.96 35.30
CA ALA C 87 29.28 -4.05 36.04
C ALA C 87 29.15 -4.44 37.49
N GLY C 88 28.86 -3.46 38.34
CA GLY C 88 28.60 -3.76 39.73
C GLY C 88 28.25 -2.54 40.54
N ILE C 89 28.06 -2.77 41.83
CA ILE C 89 27.71 -1.71 42.79
C ILE C 89 28.73 -1.81 43.91
N ASN C 90 29.29 -0.67 44.34
CA ASN C 90 30.26 -0.70 45.45
C ASN C 90 29.61 -0.39 46.80
N SER C 91 30.40 -0.38 47.88
CA SER C 91 29.82 -0.24 49.21
C SER C 91 29.37 1.19 49.52
N SER C 92 29.67 2.12 48.63
CA SER C 92 29.13 3.49 48.69
C SER C 92 27.82 3.61 47.91
N ASN C 93 27.28 2.48 47.47
CA ASN C 93 26.08 2.45 46.63
C ASN C 93 26.25 3.28 45.37
N VAL C 94 27.43 3.16 44.76
CA VAL C 94 27.67 3.68 43.43
C VAL C 94 27.63 2.51 42.44
N ALA C 95 26.90 2.68 41.35
CA ALA C 95 26.82 1.65 40.32
C ALA C 95 27.60 2.04 39.07
N MET C 96 28.14 1.06 38.35
CA MET C 96 28.87 1.31 37.13
C MET C 96 28.71 0.15 36.17
N SER C 97 28.49 0.43 34.89
CA SER C 97 28.51 -0.63 33.87
C SER C 97 29.38 -0.21 32.70
N ALA C 98 30.35 -1.06 32.34
CA ALA C 98 31.31 -0.77 31.30
C ALA C 98 31.60 -2.06 30.53
N THR C 99 31.30 -2.13 29.24
CA THR C 99 31.00 -0.97 28.40
C THR C 99 29.93 -1.26 27.36
N GLU C 100 29.44 -0.19 26.76
CA GLU C 100 28.67 -0.22 25.53
C GLU C 100 29.63 0.17 24.40
N THR C 101 30.02 -0.76 23.52
CA THR C 101 30.90 -0.38 22.41
C THR C 101 30.17 0.63 21.55
N ILE C 102 30.78 1.79 21.28
CA ILE C 102 30.13 2.79 20.46
C ILE C 102 30.91 3.02 19.17
N THR C 103 30.63 4.11 18.47
CA THR C 103 31.30 4.36 17.21
C THR C 103 32.17 5.61 17.29
N THR C 104 32.95 5.82 16.25
CA THR C 104 33.88 6.94 16.17
C THR C 104 33.96 7.37 14.70
N ASN C 105 34.91 8.23 14.34
CA ASN C 105 35.14 8.48 12.92
C ASN C 105 36.61 8.82 12.65
N SER C 106 36.97 8.85 11.37
CA SER C 106 38.37 8.95 10.98
C SER C 106 38.97 10.31 11.29
N ARG C 107 38.13 11.34 11.34
CA ARG C 107 38.63 12.70 11.55
C ARG C 107 39.15 12.85 12.97
N VAL C 108 38.43 12.32 13.95
CA VAL C 108 38.96 12.40 15.32
C VAL C 108 40.04 11.33 15.57
N GLN C 109 39.90 10.14 14.98
CA GLN C 109 40.93 9.11 15.14
C GLN C 109 42.27 9.55 14.56
N GLY C 110 42.20 10.40 13.53
CA GLY C 110 43.42 10.93 12.92
C GLY C 110 44.16 11.89 13.83
N LEU C 111 43.45 12.45 14.81
CA LEU C 111 44.03 13.42 15.74
C LEU C 111 44.43 12.79 17.06
N ASP C 112 43.66 11.80 17.50
CA ASP C 112 43.90 11.15 18.78
C ASP C 112 43.67 9.65 18.64
N PRO C 113 44.63 8.93 18.06
CA PRO C 113 44.50 7.50 17.77
C PRO C 113 44.36 6.64 19.02
N PHE C 114 43.78 5.45 18.86
CA PHE C 114 43.74 4.47 19.93
C PHE C 114 45.14 4.15 20.47
N VAL C 115 45.20 3.84 21.76
CA VAL C 115 46.45 3.51 22.42
C VAL C 115 46.53 2.00 22.64
N GLU C 116 47.46 1.34 21.96
CA GLU C 116 47.51 -0.12 21.95
C GLU C 116 47.73 -0.71 23.35
N ASN C 117 48.50 -0.02 24.19
CA ASN C 117 48.69 -0.52 25.55
C ASN C 117 47.85 0.25 26.56
N GLY C 118 46.66 0.69 26.13
CA GLY C 118 45.75 1.44 26.99
C GLY C 118 44.72 0.56 27.68
N LEU C 119 43.73 1.22 28.27
CA LEU C 119 42.66 0.55 28.99
C LEU C 119 41.56 0.09 28.05
N GLY C 120 40.84 -0.96 28.44
CA GLY C 120 39.70 -1.44 27.67
C GLY C 120 38.57 -1.92 28.56
N GLU C 121 37.50 -2.38 27.92
CA GLU C 121 36.37 -2.97 28.62
C GLU C 121 36.79 -4.10 29.57
N GLU C 122 37.86 -4.81 29.22
CA GLU C 122 38.43 -5.81 30.11
C GLU C 122 38.63 -5.25 31.52
N ASP C 123 38.96 -3.97 31.59
CA ASP C 123 39.57 -3.38 32.78
C ASP C 123 38.72 -2.41 33.58
N LEU C 124 37.79 -1.73 32.91
CA LEU C 124 37.31 -0.46 33.45
C LEU C 124 36.64 -0.53 34.83
N VAL C 125 35.72 -1.47 35.06
CA VAL C 125 35.05 -1.51 36.36
C VAL C 125 36.08 -1.75 37.48
N THR C 126 37.03 -2.63 37.21
CA THR C 126 38.05 -3.01 38.20
C THR C 126 38.89 -1.81 38.64
N VAL C 127 39.21 -0.92 37.71
CA VAL C 127 40.12 0.17 38.02
C VAL C 127 39.40 1.47 38.40
N VAL C 128 38.07 1.51 38.28
CA VAL C 128 37.32 2.71 38.63
C VAL C 128 36.40 2.56 39.84
N LEU C 129 35.50 1.57 39.76
CA LEU C 129 34.42 1.41 40.75
C LEU C 129 34.86 1.31 42.23
N PRO C 130 35.95 0.58 42.54
CA PRO C 130 36.27 0.48 43.98
C PRO C 130 36.73 1.77 44.64
N TYR C 131 36.93 2.84 43.86
CA TYR C 131 37.68 3.99 44.37
C TYR C 131 36.90 5.30 44.34
N VAL C 132 35.58 5.21 44.13
CA VAL C 132 34.78 6.42 44.00
C VAL C 132 33.55 6.33 44.90
N LYS C 133 33.07 7.50 45.34
CA LYS C 133 31.97 7.52 46.30
C LYS C 133 30.74 8.22 45.75
N SER C 134 30.80 8.60 44.47
CA SER C 134 29.63 9.14 43.78
C SER C 134 29.72 8.82 42.29
N ALA C 135 28.60 8.93 41.60
CA ALA C 135 28.58 8.74 40.15
C ALA C 135 29.50 9.76 39.50
N ARG C 136 29.42 11.01 39.97
CA ARG C 136 30.25 12.06 39.41
C ARG C 136 31.74 11.77 39.61
N GLU C 137 32.10 11.26 40.78
CA GLU C 137 33.49 10.86 41.04
C GLU C 137 33.92 9.73 40.11
N GLY C 138 32.99 8.82 39.83
CA GLY C 138 33.28 7.77 38.86
C GLY C 138 33.63 8.33 37.49
N VAL C 139 32.83 9.29 37.03
CA VAL C 139 33.06 9.95 35.74
C VAL C 139 34.43 10.58 35.70
N LYS C 140 34.75 11.33 36.75
CA LYS C 140 36.00 12.09 36.79
C LYS C 140 37.21 11.15 36.87
N ARG C 141 37.10 10.06 37.63
CA ARG C 141 38.20 9.11 37.72
C ARG C 141 38.43 8.41 36.38
N LEU C 142 37.36 8.00 35.72
CA LEU C 142 37.52 7.35 34.42
C LEU C 142 38.17 8.32 33.43
N GLY C 143 37.70 9.57 33.43
CA GLY C 143 38.27 10.59 32.58
C GLY C 143 39.77 10.76 32.82
N SER C 144 40.17 10.78 34.09
CA SER C 144 41.58 10.90 34.43
C SER C 144 42.42 9.72 33.95
N LEU C 145 41.87 8.51 34.09
CA LEU C 145 42.57 7.30 33.67
C LEU C 145 42.71 7.25 32.15
N LEU C 146 41.71 7.73 31.42
CA LEU C 146 41.82 7.78 29.96
C LEU C 146 42.94 8.73 29.53
N GLU C 147 43.08 9.83 30.24
CA GLU C 147 44.15 10.78 29.96
C GLU C 147 45.52 10.20 30.32
N GLU C 148 45.57 9.46 31.42
CA GLU C 148 46.84 8.93 31.91
C GLU C 148 47.31 7.70 31.11
N TYR C 149 46.38 6.81 30.79
CA TYR C 149 46.74 5.53 30.18
C TYR C 149 46.28 5.34 28.74
N GLY C 150 45.29 6.12 28.33
CA GLY C 150 44.70 5.96 27.02
C GLY C 150 43.76 4.78 26.93
N THR C 151 43.12 4.60 25.78
CA THR C 151 42.23 3.46 25.53
C THR C 151 42.39 2.98 24.09
N TYR C 152 42.07 1.71 23.85
CA TYR C 152 42.14 1.14 22.49
C TYR C 152 40.76 0.81 21.93
N GLU C 153 39.71 1.29 22.60
CA GLU C 153 38.33 1.04 22.21
C GLU C 153 37.46 2.28 22.27
N PRO C 154 36.38 2.32 21.45
CA PRO C 154 35.34 3.33 21.60
C PRO C 154 34.22 2.84 22.52
N ASN C 155 34.05 3.48 23.67
CA ASN C 155 33.14 2.95 24.70
C ASN C 155 32.20 3.94 25.33
N GLY C 156 31.03 3.42 25.71
CA GLY C 156 30.09 4.15 26.57
C GLY C 156 30.00 3.47 27.92
N ILE C 157 29.98 4.29 28.98
CA ILE C 157 29.98 3.79 30.35
C ILE C 157 28.91 4.50 31.16
N SER C 158 28.12 3.74 31.92
CA SER C 158 27.10 4.34 32.78
C SER C 158 27.55 4.32 34.24
N PHE C 159 27.18 5.37 34.97
CA PHE C 159 27.40 5.50 36.41
C PHE C 159 26.11 5.91 37.09
N ALA C 160 25.90 5.47 38.32
CA ALA C 160 24.76 5.99 39.08
C ALA C 160 25.00 5.93 40.58
N ASP C 161 24.35 6.85 41.30
CA ASP C 161 24.20 6.72 42.75
C ASP C 161 22.73 7.00 43.04
N ASN C 162 22.37 7.23 44.30
CA ASN C 162 20.94 7.39 44.55
C ASN C 162 20.40 8.71 44.02
N GLU C 163 21.28 9.61 43.63
CA GLU C 163 20.85 10.93 43.15
C GLU C 163 20.94 11.08 41.64
N GLU C 164 22.06 10.63 41.07
CA GLU C 164 22.40 10.97 39.70
C GLU C 164 22.70 9.76 38.83
N VAL C 165 22.43 9.92 37.54
CA VAL C 165 22.80 8.96 36.50
C VAL C 165 23.65 9.68 35.46
N TRP C 166 24.81 9.10 35.12
CA TRP C 166 25.71 9.70 34.14
C TRP C 166 26.04 8.73 33.03
N TRP C 167 26.25 9.26 31.82
CA TRP C 167 26.71 8.49 30.67
C TRP C 167 27.99 9.11 30.14
N LEU C 168 29.07 8.33 30.12
CA LEU C 168 30.34 8.83 29.60
C LEU C 168 30.66 8.13 28.29
N GLU C 169 31.11 8.89 27.30
CA GLU C 169 31.56 8.26 26.06
C GLU C 169 33.02 8.62 25.80
N THR C 170 33.81 7.61 25.44
CA THR C 170 35.21 7.84 25.14
C THR C 170 35.38 8.21 23.67
N ILE C 171 36.38 9.06 23.42
CA ILE C 171 36.55 9.73 22.15
C ILE C 171 38.02 9.68 21.80
N GLY C 172 38.38 8.88 20.79
CA GLY C 172 39.78 8.69 20.47
C GLY C 172 40.55 8.00 21.58
N GLY C 173 41.87 8.16 21.56
CA GLY C 173 42.70 7.46 22.52
C GLY C 173 42.66 8.03 23.93
N HIS C 174 42.29 9.30 24.08
CA HIS C 174 42.39 9.98 25.38
C HIS C 174 41.23 10.88 25.78
N HIS C 175 40.36 11.24 24.83
CA HIS C 175 39.33 12.22 25.12
C HIS C 175 38.04 11.55 25.57
N TRP C 176 37.13 12.35 26.12
CA TRP C 176 35.89 11.84 26.66
C TRP C 176 34.89 12.97 26.93
N ALA C 177 33.63 12.60 27.02
CA ALA C 177 32.59 13.53 27.42
C ALA C 177 31.54 12.78 28.21
N ALA C 178 30.84 13.48 29.10
CA ALA C 178 29.84 12.82 29.90
C ALA C 178 28.65 13.74 30.14
N VAL C 179 27.47 13.15 30.21
CA VAL C 179 26.24 13.88 30.44
C VAL C 179 25.50 13.27 31.61
N ARG C 180 25.04 14.13 32.51
CA ARG C 180 24.14 13.72 33.56
C ARG C 180 22.74 13.65 33.00
N ILE C 181 22.12 12.48 33.11
CA ILE C 181 20.77 12.26 32.60
C ILE C 181 19.78 13.02 33.50
N PRO C 182 18.88 13.82 32.91
CA PRO C 182 17.92 14.53 33.77
C PRO C 182 17.10 13.58 34.65
N ASP C 183 16.73 14.04 35.84
CA ASP C 183 15.99 13.22 36.78
C ASP C 183 14.75 12.55 36.16
N ASP C 184 14.07 13.27 35.26
CA ASP C 184 12.80 12.79 34.72
C ASP C 184 12.94 12.12 33.36
N ALA C 185 14.17 11.76 33.01
CA ALA C 185 14.48 11.27 31.67
C ALA C 185 14.92 9.82 31.65
N TYR C 186 14.92 9.24 30.45
CA TYR C 186 15.52 7.93 30.23
C TYR C 186 16.35 8.00 28.95
N VAL C 187 17.20 7.00 28.78
CA VAL C 187 18.03 6.85 27.57
C VAL C 187 17.99 5.40 27.13
N VAL C 188 17.88 5.17 25.83
CA VAL C 188 18.17 3.85 25.23
C VAL C 188 19.37 4.00 24.30
N ALA C 189 20.43 3.23 24.54
CA ALA C 189 21.67 3.41 23.81
C ALA C 189 22.20 2.12 23.21
N PRO C 190 22.36 2.10 21.89
CA PRO C 190 22.92 0.96 21.17
C PRO C 190 24.41 1.15 20.93
N ASN C 191 24.98 0.38 20.01
CA ASN C 191 26.42 0.39 19.76
C ASN C 191 26.84 1.50 18.81
N ARG C 192 26.44 2.72 19.15
CA ARG C 192 26.67 3.86 18.30
C ARG C 192 26.88 5.04 19.23
N MET C 193 27.78 5.97 18.89
CA MET C 193 27.94 7.12 19.78
C MET C 193 26.59 7.86 19.95
N ASN C 194 26.29 8.23 21.20
CA ASN C 194 24.93 8.66 21.58
C ASN C 194 24.75 10.12 21.95
N ILE C 195 25.74 10.72 22.61
CA ILE C 195 25.54 12.07 23.12
C ILE C 195 25.31 13.04 21.95
N ASP C 196 24.22 13.81 22.01
CA ASP C 196 23.93 14.76 20.93
C ASP C 196 24.23 16.19 21.38
N GLN C 197 23.24 17.06 21.41
CA GLN C 197 23.46 18.45 21.82
C GLN C 197 24.21 18.54 23.14
N PHE C 198 25.25 19.38 23.21
CA PHE C 198 26.17 19.37 24.34
C PHE C 198 26.60 20.77 24.78
N ASP C 199 26.34 21.08 26.05
CA ASP C 199 26.71 22.35 26.65
C ASP C 199 27.96 22.17 27.51
N PHE C 200 29.10 22.73 27.09
CA PHE C 200 30.35 22.52 27.81
C PHE C 200 30.32 23.08 29.25
N ASP C 201 29.52 24.11 29.51
CA ASP C 201 29.48 24.73 30.85
C ASP C 201 28.37 24.27 31.76
N SER C 202 27.61 23.28 31.35
CA SER C 202 26.53 22.84 32.21
C SER C 202 27.12 22.11 33.41
N ASP C 203 26.48 22.24 34.57
CA ASP C 203 26.85 21.39 35.71
C ASP C 203 26.48 19.95 35.39
N ASP C 204 25.68 19.77 34.35
CA ASP C 204 25.20 18.45 33.95
C ASP C 204 26.13 17.81 32.91
N THR C 205 27.25 18.45 32.63
CA THR C 205 28.23 17.85 31.72
C THR C 205 29.64 17.90 32.29
N LEU C 206 30.45 16.94 31.85
CA LEU C 206 31.88 16.91 32.15
C LEU C 206 32.59 16.42 30.89
N CYS C 207 33.81 16.88 30.68
CA CYS C 207 34.57 16.43 29.52
C CYS C 207 36.03 16.78 29.64
N SER C 208 36.82 16.24 28.70
CA SER C 208 38.21 16.64 28.49
C SER C 208 38.34 18.15 28.52
N SER C 209 39.34 18.66 29.26
CA SER C 209 39.48 20.11 29.37
C SER C 209 39.70 20.79 28.01
N ASP C 210 40.25 20.03 27.07
CA ASP C 210 40.55 20.57 25.74
C ASP C 210 39.53 20.17 24.67
N LEU C 211 38.38 19.61 25.07
CA LEU C 211 37.47 19.05 24.06
C LEU C 211 36.96 20.11 23.08
N LYS C 212 36.54 21.27 23.57
CA LYS C 212 36.00 22.30 22.67
C LYS C 212 37.09 22.82 21.74
N ASP C 213 38.30 23.03 22.28
CA ASP C 213 39.43 23.45 21.46
C ASP C 213 39.79 22.41 20.41
N LEU C 214 39.73 21.14 20.78
CA LEU C 214 39.99 20.06 19.84
C LEU C 214 39.03 20.18 18.64
N ILE C 215 37.76 20.43 18.93
CA ILE C 215 36.75 20.56 17.90
C ILE C 215 36.96 21.82 17.07
N ASP C 216 37.07 22.96 17.74
CA ASP C 216 37.15 24.25 17.07
C ASP C 216 38.42 24.39 16.23
N ASN C 217 39.55 23.97 16.78
CA ASN C 217 40.83 24.22 16.13
C ASN C 217 41.12 23.28 14.97
N ASN C 218 40.35 22.20 14.87
CA ASN C 218 40.62 21.21 13.83
C ASN C 218 39.44 21.03 12.87
N ASN C 219 38.50 21.97 12.90
CA ASN C 219 37.36 21.96 12.00
C ASN C 219 36.63 20.62 12.01
N LEU C 220 36.38 20.10 13.20
CA LEU C 220 35.71 18.81 13.33
C LEU C 220 34.19 18.95 13.30
N ASN C 221 33.69 20.17 13.48
CA ASN C 221 32.25 20.37 13.63
C ASN C 221 31.54 20.48 12.28
N PRO C 222 30.65 19.53 11.95
CA PRO C 222 29.95 19.58 10.66
C PRO C 222 28.74 20.52 10.66
N ASP C 223 28.33 20.98 11.84
CA ASP C 223 27.09 21.75 11.92
C ASP C 223 27.32 23.26 11.87
N PHE C 224 26.37 23.97 11.29
CA PHE C 224 26.44 25.43 11.17
C PHE C 224 26.38 26.10 12.53
N GLU C 225 25.60 25.52 13.43
CA GLU C 225 25.45 26.06 14.78
C GLU C 225 25.55 24.98 15.84
N ASN C 226 26.06 25.38 17.01
CA ASN C 226 26.10 24.58 18.22
C ASN C 226 26.98 23.33 18.11
N TYR C 227 26.96 22.50 19.16
CA TYR C 227 27.80 21.30 19.23
C TYR C 227 26.95 20.08 19.52
N ASN C 228 26.98 19.13 18.59
CA ASN C 228 26.33 17.85 18.75
C ASN C 228 27.44 16.81 18.75
N LEU C 229 27.70 16.18 19.89
CA LEU C 229 28.94 15.42 19.99
C LEU C 229 28.99 14.20 19.05
N ARG C 230 27.88 13.52 18.82
CA ARG C 230 27.94 12.35 17.94
C ARG C 230 28.02 12.77 16.46
N HIS C 231 27.49 13.95 16.12
CA HIS C 231 27.73 14.52 14.79
C HIS C 231 29.22 14.76 14.57
N ILE C 232 29.87 15.23 15.62
CA ILE C 232 31.27 15.63 15.56
C ILE C 232 32.21 14.44 15.66
N PHE C 233 31.94 13.55 16.62
CA PHE C 233 32.88 12.49 16.98
C PHE C 233 32.41 11.09 16.65
N GLY C 234 31.16 10.96 16.24
CA GLY C 234 30.56 9.65 16.06
C GLY C 234 30.28 9.31 14.62
N SER C 235 29.26 8.50 14.40
CA SER C 235 28.91 8.01 13.08
C SER C 235 27.44 8.21 12.77
N ALA C 236 27.12 8.28 11.48
CA ALA C 236 25.75 8.18 11.01
C ALA C 236 25.85 7.40 9.71
N SER C 237 26.13 6.11 9.85
CA SER C 237 26.45 5.28 8.70
C SER C 237 25.26 4.44 8.25
N ILE C 238 25.42 3.82 7.09
CA ILE C 238 24.42 2.89 6.65
C ILE C 238 24.31 1.73 7.64
N LYS C 239 25.44 1.25 8.16
CA LYS C 239 25.34 0.14 9.11
C LYS C 239 24.57 0.55 10.36
N ASP C 240 24.70 1.82 10.77
CA ASP C 240 23.94 2.32 11.92
C ASP C 240 22.44 2.12 11.72
N THR C 241 21.96 2.27 10.48
CA THR C 241 20.52 2.20 10.22
C THR C 241 19.93 0.82 10.45
N VAL C 242 20.77 -0.21 10.46
CA VAL C 242 20.25 -1.55 10.69
C VAL C 242 20.77 -2.17 12.00
N TYR C 243 21.94 -1.75 12.46
CA TYR C 243 22.57 -2.38 13.62
C TYR C 243 22.23 -1.66 14.92
N ASN C 244 21.96 -0.37 14.81
CA ASN C 244 21.88 0.49 15.99
C ASN C 244 20.58 1.27 16.14
N ASN C 245 20.26 2.09 15.15
CA ASN C 245 19.10 2.98 15.27
C ASN C 245 17.76 2.24 15.54
N PRO C 246 17.52 1.07 14.93
CA PRO C 246 16.23 0.43 15.22
C PRO C 246 16.05 0.01 16.69
N ARG C 247 17.14 -0.31 17.38
CA ARG C 247 17.07 -0.64 18.80
C ARG C 247 16.68 0.58 19.61
N THR C 248 17.32 1.72 19.33
CA THR C 248 16.93 2.97 19.96
C THR C 248 15.47 3.29 19.69
N TRP C 249 15.08 3.14 18.43
CA TRP C 249 13.73 3.43 18.00
C TRP C 249 12.69 2.58 18.74
N TYR C 250 12.96 1.28 18.84
CA TYR C 250 11.99 0.37 19.44
C TYR C 250 11.79 0.72 20.92
N GLY C 251 12.89 1.02 21.61
CA GLY C 251 12.79 1.43 22.99
C GLY C 251 12.02 2.74 23.17
N GLN C 252 12.31 3.72 22.31
CA GLN C 252 11.62 5.00 22.41
C GLN C 252 10.15 4.88 21.99
N LYS C 253 9.85 4.01 21.04
CA LYS C 253 8.45 3.77 20.66
C LYS C 253 7.69 3.17 21.84
N PHE C 254 8.37 2.35 22.64
CA PHE C 254 7.74 1.73 23.78
C PHE C 254 7.49 2.73 24.92
N PHE C 255 8.47 3.56 25.22
CA PHE C 255 8.37 4.48 26.36
C PHE C 255 7.74 5.82 25.98
N SER C 256 7.98 6.25 24.74
CA SER C 256 7.51 7.55 24.26
C SER C 256 6.77 7.44 22.93
N PRO C 257 5.69 6.66 22.88
CA PRO C 257 5.05 6.35 21.60
C PRO C 257 4.54 7.58 20.85
N ASP C 258 4.11 8.61 21.56
CA ASP C 258 3.53 9.77 20.87
C ASP C 258 4.57 10.81 20.47
N ASP C 259 5.82 10.57 20.85
CA ASP C 259 6.91 11.48 20.50
C ASP C 259 7.88 10.85 19.51
N THR C 260 7.56 9.63 19.06
CA THR C 260 8.47 8.87 18.21
C THR C 260 7.81 8.52 16.89
N ALA C 261 8.48 8.85 15.78
CA ALA C 261 7.93 8.58 14.46
C ALA C 261 8.09 7.11 14.08
N ASP C 262 7.87 6.78 12.81
CA ASP C 262 7.80 5.38 12.43
C ASP C 262 8.96 4.92 11.56
N ASP C 263 10.09 5.62 11.64
CA ASP C 263 11.27 5.22 10.88
C ASP C 263 12.35 4.68 11.82
N PRO C 264 12.52 3.34 11.86
CA PRO C 264 13.52 2.74 12.75
C PRO C 264 14.96 3.11 12.35
N MET C 265 15.13 3.61 11.13
CA MET C 265 16.48 3.87 10.62
C MET C 265 16.96 5.29 10.96
N GLU C 266 16.06 6.09 11.54
CA GLU C 266 16.35 7.49 11.85
C GLU C 266 17.70 7.70 12.57
N GLN C 267 18.52 8.60 12.02
CA GLN C 267 19.89 8.83 12.52
C GLN C 267 19.94 9.87 13.63
N ASP C 268 18.88 10.65 13.77
CA ASP C 268 18.89 11.70 14.79
C ASP C 268 17.78 11.53 15.82
N LEU C 269 17.55 10.29 16.24
CA LEU C 269 16.69 10.07 17.39
C LEU C 269 17.33 10.75 18.60
N PRO C 270 16.51 11.34 19.48
CA PRO C 270 17.07 11.99 20.65
C PRO C 270 17.84 11.05 21.56
N PHE C 271 18.84 11.59 22.25
CA PHE C 271 19.57 10.85 23.26
C PHE C 271 18.73 10.84 24.53
N ILE C 272 18.52 12.02 25.10
CA ILE C 272 17.66 12.18 26.26
C ILE C 272 16.17 12.15 25.88
N CYS C 273 15.40 11.30 26.54
CA CYS C 273 13.97 11.17 26.29
C CYS C 273 13.12 11.31 27.53
N HIS C 274 11.83 11.54 27.32
CA HIS C 274 10.86 11.65 28.40
C HIS C 274 9.68 10.75 28.12
N ALA C 275 9.48 9.76 28.99
CA ALA C 275 8.46 8.75 28.76
C ALA C 275 7.06 9.27 29.09
N ASN C 276 6.02 8.59 28.62
CA ASN C 276 4.66 9.04 28.93
C ASN C 276 4.14 8.48 30.26
N ARG C 277 5.03 7.83 31.01
CA ARG C 277 4.68 7.17 32.26
C ARG C 277 5.96 6.89 33.04
N LYS C 278 5.84 6.47 34.30
CA LYS C 278 7.01 6.07 35.09
C LYS C 278 7.44 4.64 34.71
N ILE C 279 8.73 4.39 34.80
CA ILE C 279 9.36 3.19 34.26
C ILE C 279 9.67 2.17 35.35
N SER C 280 9.31 0.91 35.12
CA SER C 280 9.56 -0.16 36.08
C SER C 280 10.75 -1.02 35.66
N VAL C 281 11.23 -1.86 36.57
CA VAL C 281 12.29 -2.82 36.23
C VAL C 281 11.77 -3.79 35.17
N GLU C 282 10.52 -4.20 35.32
CA GLU C 282 9.86 -5.06 34.35
C GLU C 282 9.89 -4.44 32.94
N ASP C 283 9.61 -3.16 32.85
CA ASP C 283 9.69 -2.41 31.58
C ASP C 283 11.09 -2.47 30.96
N VAL C 284 12.09 -2.21 31.78
CA VAL C 284 13.47 -2.21 31.30
C VAL C 284 13.84 -3.60 30.78
N LYS C 285 13.50 -4.64 31.54
CA LYS C 285 13.81 -6.01 31.11
C LYS C 285 13.05 -6.32 29.81
N PHE C 286 11.81 -5.87 29.68
CA PHE C 286 11.10 -6.11 28.43
C PHE C 286 11.87 -5.56 27.23
N VAL C 287 12.29 -4.29 27.31
CA VAL C 287 12.99 -3.69 26.17
C VAL C 287 14.32 -4.43 25.95
N LEU C 288 15.04 -4.74 27.02
CA LEU C 288 16.32 -5.44 26.90
C LEU C 288 16.19 -6.90 26.40
N SER C 289 14.96 -7.41 26.33
CA SER C 289 14.72 -8.77 25.86
C SER C 289 14.04 -8.78 24.49
N SER C 290 13.89 -7.61 23.88
CA SER C 290 12.98 -7.48 22.74
C SER C 290 13.61 -7.84 21.41
N HIS C 291 12.73 -8.11 20.45
CA HIS C 291 13.13 -8.52 19.11
C HIS C 291 12.07 -7.96 18.17
N PHE C 292 11.82 -6.67 18.34
CA PHE C 292 10.91 -5.92 17.47
C PHE C 292 9.52 -6.55 17.36
N GLU C 293 9.01 -7.04 18.49
CA GLU C 293 7.69 -7.66 18.54
C GLU C 293 6.63 -6.77 17.91
N ASN C 294 5.74 -7.40 17.14
CA ASN C 294 4.63 -6.73 16.47
C ASN C 294 5.08 -5.78 15.37
N THR C 295 6.26 -6.04 14.82
CA THR C 295 6.71 -5.41 13.58
C THR C 295 7.21 -6.48 12.63
N LYS C 296 7.38 -6.11 11.36
CA LYS C 296 7.87 -7.05 10.38
C LYS C 296 9.35 -7.38 10.59
N TYR C 297 10.01 -6.71 11.54
CA TYR C 297 11.43 -6.92 11.77
C TYR C 297 11.71 -7.96 12.85
N ASP C 298 10.64 -8.56 13.37
CA ASP C 298 10.73 -9.59 14.40
C ASP C 298 11.15 -10.91 13.77
N VAL C 299 12.32 -11.42 14.14
CA VAL C 299 12.82 -12.66 13.53
C VAL C 299 11.90 -13.86 13.83
N TYR C 300 11.11 -13.76 14.90
CA TYR C 300 10.15 -14.81 15.26
C TYR C 300 8.74 -14.51 14.72
N GLY C 301 8.62 -13.44 13.95
CA GLY C 301 7.31 -12.93 13.50
C GLY C 301 6.93 -13.36 12.10
N SER C 302 6.08 -12.54 11.47
CA SER C 302 5.44 -12.90 10.21
C SER C 302 6.08 -12.27 8.97
N GLY C 303 7.15 -11.51 9.16
CA GLY C 303 7.76 -10.81 8.05
C GLY C 303 8.47 -11.69 7.04
N SER C 304 8.87 -11.08 5.93
CA SER C 304 9.67 -11.76 4.93
C SER C 304 11.01 -12.14 5.52
N GLN C 305 11.70 -13.09 4.90
CA GLN C 305 12.99 -13.54 5.39
C GLN C 305 13.95 -12.36 5.46
N SER C 306 13.91 -11.46 4.47
CA SER C 306 14.84 -10.33 4.49
C SER C 306 14.45 -9.32 5.58
N ASP C 307 13.16 -9.04 5.76
CA ASP C 307 12.76 -8.11 6.82
C ASP C 307 13.06 -8.66 8.22
N LYS C 308 12.85 -9.96 8.41
CA LYS C 308 13.05 -10.61 9.72
C LYS C 308 14.50 -10.61 10.19
N THR C 309 15.43 -10.47 9.24
CA THR C 309 16.85 -10.58 9.53
C THR C 309 17.59 -9.28 9.26
N LEU C 310 16.85 -8.22 8.94
CA LEU C 310 17.45 -6.94 8.58
C LEU C 310 18.09 -6.20 9.76
N PHE C 311 17.44 -6.26 10.92
CA PHE C 311 17.86 -5.50 12.10
C PHE C 311 18.46 -6.39 13.18
N ARG C 312 19.48 -5.87 13.87
CA ARG C 312 20.01 -6.53 15.05
C ARG C 312 19.03 -6.37 16.21
N PRO C 313 18.55 -7.48 16.79
CA PRO C 313 17.62 -7.40 17.92
C PRO C 313 18.32 -7.02 19.21
N ILE C 314 17.52 -6.73 20.23
CA ILE C 314 18.07 -6.38 21.54
C ILE C 314 18.30 -7.62 22.37
N GLY C 315 17.24 -8.41 22.60
CA GLY C 315 17.44 -9.76 23.10
C GLY C 315 18.12 -10.54 21.99
N ILE C 316 19.16 -11.32 22.31
CA ILE C 316 19.95 -11.93 21.25
C ILE C 316 20.71 -13.13 21.79
N ASN C 317 21.10 -14.06 20.90
CA ASN C 317 21.73 -15.30 21.36
C ASN C 317 23.00 -15.04 22.17
N ARG C 318 23.67 -13.93 21.89
CA ARG C 318 24.92 -13.67 22.60
C ARG C 318 24.79 -12.67 23.78
N ASN C 319 23.57 -12.48 24.30
CA ASN C 319 23.40 -11.90 25.66
C ASN C 319 24.15 -12.81 26.63
N HIS C 320 25.30 -12.40 27.16
CA HIS C 320 26.00 -13.26 28.11
C HIS C 320 25.45 -13.04 29.52
N ASN C 321 25.30 -11.78 29.90
CA ASN C 321 24.53 -11.46 31.10
C ASN C 321 23.71 -10.23 30.80
N VAL C 322 22.65 -10.03 31.56
CA VAL C 322 21.94 -8.77 31.57
C VAL C 322 21.92 -8.30 33.02
N HIS C 323 22.24 -7.03 33.24
CA HIS C 323 22.22 -6.50 34.59
C HIS C 323 21.44 -5.20 34.62
N ILE C 324 20.65 -5.03 35.67
CA ILE C 324 19.97 -3.78 35.94
C ILE C 324 20.40 -3.37 37.33
N LEU C 325 21.19 -2.30 37.40
CA LEU C 325 21.73 -1.82 38.67
C LEU C 325 20.82 -0.74 39.19
N GLN C 326 20.24 -0.99 40.36
CA GLN C 326 19.23 -0.10 40.90
C GLN C 326 19.71 0.47 42.22
N ILE C 327 19.71 1.79 42.35
CA ILE C 327 19.94 2.39 43.67
C ILE C 327 18.65 2.99 44.16
N ARG C 328 18.07 2.36 45.18
CA ARG C 328 16.74 2.72 45.65
C ARG C 328 16.79 3.89 46.61
N ASN C 329 15.66 4.60 46.69
CA ASN C 329 15.53 5.71 47.61
C ASN C 329 14.38 5.50 48.60
N ASN C 330 13.62 4.42 48.43
CA ASN C 330 12.48 4.15 49.31
C ASN C 330 12.80 3.25 50.49
N VAL C 331 14.10 3.04 50.74
CA VAL C 331 14.57 2.09 51.74
C VAL C 331 15.84 2.64 52.39
N PRO C 332 16.22 2.11 53.58
CA PRO C 332 17.49 2.49 54.18
C PRO C 332 18.67 2.16 53.26
N THR C 333 19.76 2.93 53.37
CA THR C 333 20.88 2.77 52.46
C THR C 333 21.48 1.36 52.46
N GLU C 334 21.37 0.65 53.58
CA GLU C 334 21.95 -0.68 53.66
C GLU C 334 21.23 -1.72 52.76
N ILE C 335 20.05 -1.39 52.24
CA ILE C 335 19.41 -2.26 51.25
C ILE C 335 19.04 -1.50 49.98
N ALA C 336 19.68 -0.36 49.75
CA ALA C 336 19.37 0.46 48.60
C ALA C 336 19.90 -0.13 47.29
N GLY C 337 21.06 -0.77 47.34
CA GLY C 337 21.71 -1.25 46.12
C GLY C 337 21.23 -2.64 45.71
N ILE C 338 20.62 -2.72 44.53
CA ILE C 338 20.11 -3.98 43.99
C ILE C 338 20.80 -4.27 42.67
N HIS C 339 21.48 -5.41 42.58
CA HIS C 339 22.15 -5.84 41.37
C HIS C 339 21.28 -6.89 40.68
N TRP C 340 20.32 -6.46 39.87
CA TRP C 340 19.46 -7.38 39.14
C TRP C 340 20.30 -8.12 38.10
N LEU C 341 20.11 -9.43 37.98
CA LEU C 341 21.00 -10.22 37.13
C LEU C 341 20.29 -11.39 36.47
N ALA C 342 20.61 -11.62 35.19
CA ALA C 342 20.26 -12.86 34.51
C ALA C 342 21.35 -13.21 33.50
N TYR C 343 21.27 -14.43 32.98
CA TYR C 343 22.24 -14.98 32.05
C TYR C 343 21.61 -15.50 30.77
N GLY C 344 22.38 -15.51 29.68
CA GLY C 344 21.91 -16.13 28.45
C GLY C 344 20.92 -15.28 27.69
N ALA C 345 20.50 -15.76 26.51
CA ALA C 345 19.56 -14.99 25.70
C ALA C 345 18.33 -14.56 26.51
N ASN C 346 18.01 -13.27 26.45
CA ASN C 346 17.05 -12.70 27.40
C ASN C 346 15.60 -13.10 27.15
N THR C 347 15.36 -13.83 26.07
CA THR C 347 14.03 -14.31 25.76
C THR C 347 13.48 -15.33 26.75
N PHE C 348 14.34 -16.07 27.44
CA PHE C 348 13.85 -17.14 28.32
C PHE C 348 14.44 -17.10 29.71
N ASN C 349 14.82 -15.91 30.18
CA ASN C 349 15.30 -15.76 31.55
C ASN C 349 14.51 -14.69 32.29
N THR C 350 14.82 -14.50 33.57
CA THR C 350 14.26 -13.39 34.34
C THR C 350 15.36 -12.76 35.17
N VAL C 351 15.35 -11.43 35.30
CA VAL C 351 16.33 -10.81 36.20
C VAL C 351 15.91 -10.99 37.67
N VAL C 352 16.90 -11.29 38.50
CA VAL C 352 16.71 -11.56 39.93
C VAL C 352 17.30 -10.43 40.74
N PRO C 353 16.53 -9.89 41.71
CA PRO C 353 16.96 -8.68 42.43
C PRO C 353 17.93 -8.95 43.57
N PHE C 354 19.17 -9.31 43.26
CA PHE C 354 20.12 -9.58 44.33
C PHE C 354 20.50 -8.32 45.12
N TYR C 355 20.48 -8.43 46.44
CA TYR C 355 21.03 -7.38 47.29
C TYR C 355 22.54 -7.30 47.08
N ALA C 356 23.04 -6.10 46.84
CA ALA C 356 24.46 -5.89 46.59
C ALA C 356 25.29 -5.84 47.89
N ASN C 357 24.64 -5.55 49.02
CA ASN C 357 25.32 -5.39 50.30
C ASN C 357 25.59 -6.74 50.97
N VAL C 358 26.46 -7.52 50.34
CA VAL C 358 26.81 -8.88 50.75
C VAL C 358 28.31 -9.14 50.54
N ASN C 359 28.86 -10.15 51.20
CA ASN C 359 30.28 -10.49 51.07
C ASN C 359 30.53 -11.66 50.11
N ASP C 360 29.46 -12.33 49.72
CA ASP C 360 29.57 -13.51 48.84
C ASP C 360 28.26 -13.63 48.08
N THR C 361 28.23 -14.52 47.10
CA THR C 361 27.10 -14.61 46.17
C THR C 361 26.57 -16.05 46.07
N PRO C 362 25.33 -16.22 45.60
CA PRO C 362 24.74 -17.56 45.58
C PRO C 362 25.43 -18.50 44.60
N VAL C 363 25.55 -19.77 44.99
CA VAL C 363 26.33 -20.74 44.22
C VAL C 363 25.84 -20.93 42.78
N GLN C 364 24.52 -20.92 42.57
CA GLN C 364 24.00 -21.15 41.22
C GLN C 364 24.36 -20.02 40.27
N TYR C 365 24.77 -18.89 40.82
CA TYR C 365 25.14 -17.74 40.00
C TYR C 365 26.64 -17.47 40.02
N LYS C 366 27.33 -18.03 41.01
CA LYS C 366 28.75 -17.75 41.17
C LYS C 366 29.66 -18.75 40.46
N ASN C 367 29.23 -20.01 40.38
CA ASN C 367 30.21 -21.08 40.15
C ASN C 367 30.29 -21.68 38.75
N ALA C 368 29.85 -20.97 37.71
CA ALA C 368 30.02 -21.48 36.36
C ALA C 368 31.50 -21.62 36.01
N THR C 369 31.82 -22.72 35.33
CA THR C 369 33.13 -22.91 34.72
C THR C 369 32.95 -23.19 33.24
N GLY C 370 34.03 -23.56 32.57
CA GLY C 370 33.95 -23.92 31.17
C GLY C 370 33.30 -25.28 30.95
N LYS C 371 33.08 -26.03 32.03
CA LYS C 371 32.41 -27.32 31.92
C LYS C 371 30.89 -27.13 31.99
N PHE C 372 30.19 -27.69 31.00
CA PHE C 372 28.73 -27.59 30.95
C PHE C 372 28.10 -28.21 32.21
N ASP C 373 27.31 -27.41 32.93
CA ASP C 373 26.72 -27.87 34.18
C ASP C 373 25.34 -27.26 34.36
N LEU C 374 24.33 -28.11 34.22
CA LEU C 374 22.95 -27.64 34.24
C LEU C 374 22.43 -27.34 35.64
N ASN C 375 23.27 -27.55 36.64
CA ASN C 375 22.97 -27.08 38.00
C ASN C 375 23.31 -25.61 38.15
N ASN C 376 24.01 -25.08 37.15
CA ASN C 376 24.40 -23.67 37.14
C ASN C 376 23.46 -22.84 36.28
N MET C 377 23.13 -21.62 36.74
CA MET C 377 22.15 -20.81 36.04
C MET C 377 22.62 -20.25 34.69
N TYR C 378 23.93 -20.09 34.48
CA TYR C 378 24.39 -19.68 33.15
C TYR C 378 24.03 -20.77 32.14
N TRP C 379 24.47 -22.00 32.38
CA TRP C 379 24.26 -23.06 31.41
C TRP C 379 22.77 -23.41 31.28
N LEU C 380 22.04 -23.41 32.39
CA LEU C 380 20.62 -23.75 32.36
C LEU C 380 19.84 -22.71 31.55
N SER C 381 20.15 -21.44 31.75
CA SER C 381 19.44 -20.37 31.04
C SER C 381 19.73 -20.39 29.55
N CYS C 382 20.99 -20.62 29.19
CA CYS C 382 21.36 -20.70 27.78
C CYS C 382 20.66 -21.86 27.10
N THR C 383 20.59 -22.98 27.79
CA THR C 383 19.93 -24.17 27.24
C THR C 383 18.44 -23.89 26.98
N THR C 384 17.80 -23.22 27.92
CA THR C 384 16.38 -22.89 27.80
C THR C 384 16.14 -22.01 26.60
N ALA C 385 16.96 -20.99 26.44
CA ALA C 385 16.77 -20.03 25.36
C ALA C 385 17.02 -20.64 23.98
N LEU C 386 18.00 -21.53 23.88
CA LEU C 386 18.23 -22.22 22.61
C LEU C 386 17.03 -23.07 22.24
N LEU C 387 16.52 -23.86 23.19
CA LEU C 387 15.34 -24.69 22.88
C LEU C 387 14.17 -23.78 22.49
N GLY C 388 13.97 -22.70 23.24
CA GLY C 388 12.88 -21.78 22.91
C GLY C 388 12.97 -21.23 21.50
N ASP C 389 14.19 -20.96 21.06
CA ASP C 389 14.47 -20.41 19.74
C ASP C 389 14.04 -21.35 18.61
N THR C 390 14.01 -22.66 18.89
CA THR C 390 13.67 -23.62 17.83
C THR C 390 12.20 -23.61 17.44
N ASP C 391 11.36 -23.07 18.32
CA ASP C 391 9.94 -22.94 18.00
C ASP C 391 9.30 -21.94 18.97
N TYR C 392 9.62 -20.67 18.75
CA TYR C 392 9.27 -19.63 19.73
C TYR C 392 7.78 -19.55 19.98
N ASP C 393 6.97 -19.56 18.92
CA ASP C 393 5.53 -19.43 19.12
C ASP C 393 4.94 -20.60 19.92
N PHE C 394 5.60 -21.76 19.85
CA PHE C 394 5.17 -22.96 20.58
C PHE C 394 5.51 -22.83 22.07
N TYR C 395 6.62 -22.18 22.38
CA TYR C 395 7.07 -22.11 23.78
C TYR C 395 6.73 -20.79 24.49
N VAL C 396 6.23 -19.81 23.76
CA VAL C 396 6.15 -18.46 24.31
C VAL C 396 5.12 -18.36 25.44
N ASP C 397 4.07 -19.18 25.43
CA ASP C 397 3.06 -19.08 26.48
C ASP C 397 3.63 -19.58 27.81
N MET C 398 4.38 -20.67 27.77
CA MET C 398 5.08 -21.15 28.96
C MET C 398 6.07 -20.10 29.45
N ARG C 399 6.79 -19.49 28.51
CA ARG C 399 7.73 -18.42 28.84
C ARG C 399 7.02 -17.28 29.58
N ASN C 400 5.90 -16.82 29.02
CA ASN C 400 5.18 -15.71 29.63
C ASN C 400 4.66 -16.03 31.03
N ASP C 401 4.13 -17.25 31.20
CA ASP C 401 3.64 -17.68 32.52
C ASP C 401 4.79 -17.69 33.52
N TYR C 402 5.91 -18.28 33.10
CA TYR C 402 7.12 -18.35 33.94
C TYR C 402 7.61 -16.95 34.36
N GLU C 403 7.62 -16.00 33.42
CA GLU C 403 8.07 -14.65 33.76
C GLU C 403 7.23 -14.02 34.89
N LEU C 404 5.91 -14.11 34.77
CA LEU C 404 5.03 -13.52 35.80
C LEU C 404 5.19 -14.23 37.13
N ASP C 405 5.22 -15.55 37.08
CA ASP C 405 5.32 -16.37 38.28
C ASP C 405 6.66 -16.12 38.98
N ALA C 406 7.74 -16.05 38.20
CA ALA C 406 9.06 -15.88 38.81
C ALA C 406 9.23 -14.47 39.40
N MET C 407 8.88 -13.45 38.62
CA MET C 407 9.02 -12.08 39.09
C MET C 407 8.15 -11.83 40.30
N SER C 408 6.97 -12.45 40.33
CA SER C 408 6.10 -12.32 41.51
C SER C 408 6.77 -12.89 42.75
N ALA C 409 7.39 -14.06 42.60
CA ALA C 409 8.09 -14.70 43.70
C ALA C 409 9.29 -13.86 44.16
N TYR C 410 10.05 -13.30 43.23
CA TYR C 410 11.19 -12.47 43.64
C TYR C 410 10.71 -11.26 44.43
N ARG C 411 9.63 -10.65 43.96
CA ARG C 411 9.13 -9.42 44.60
C ARG C 411 8.61 -9.71 45.99
N LYS C 412 8.01 -10.88 46.17
CA LYS C 412 7.53 -11.26 47.50
C LYS C 412 8.73 -11.38 48.45
N ILE C 413 9.78 -12.06 48.00
CA ILE C 413 10.97 -12.21 48.84
C ILE C 413 11.60 -10.85 49.14
N GLN C 414 11.71 -10.00 48.13
CA GLN C 414 12.25 -8.65 48.32
C GLN C 414 11.39 -7.85 49.30
N ASN C 415 10.08 -7.88 49.14
CA ASN C 415 9.19 -7.14 50.04
C ASN C 415 9.30 -7.64 51.47
N ASP C 416 9.33 -8.95 51.66
CA ASP C 416 9.47 -9.51 53.01
C ASP C 416 10.82 -9.14 53.63
N THR C 417 11.87 -9.19 52.81
CA THR C 417 13.22 -8.91 53.30
C THR C 417 13.36 -7.44 53.66
N ASP C 418 12.86 -6.57 52.78
CA ASP C 418 12.86 -5.13 53.05
C ASP C 418 12.11 -4.80 54.34
N ALA C 419 10.96 -5.44 54.53
CA ALA C 419 10.08 -5.12 55.66
C ALA C 419 10.70 -5.48 57.01
N ASP C 420 11.62 -6.44 57.02
CA ASP C 420 12.15 -6.97 58.27
C ASP C 420 13.58 -6.53 58.52
N ILE C 421 14.03 -5.49 57.81
CA ILE C 421 15.44 -5.09 57.86
C ILE C 421 15.87 -4.46 59.18
N SER C 422 14.95 -3.78 59.86
CA SER C 422 15.36 -3.02 61.02
C SER C 422 15.81 -3.91 62.17
N GLY C 423 17.00 -3.62 62.70
CA GLY C 423 17.51 -4.37 63.83
C GLY C 423 18.30 -5.63 63.49
N GLN C 424 18.40 -5.98 62.20
CA GLN C 424 19.21 -7.14 61.83
C GLN C 424 20.66 -6.88 62.23
N LYS C 425 21.22 -7.75 63.06
CA LYS C 425 22.51 -7.44 63.66
C LYS C 425 23.69 -7.83 62.78
N ASP C 426 23.45 -8.71 61.82
CA ASP C 426 24.46 -9.09 60.84
C ASP C 426 23.85 -8.92 59.47
N ILE C 427 24.02 -7.74 58.91
CA ILE C 427 23.34 -7.34 57.68
C ILE C 427 23.75 -8.24 56.52
N GLU C 428 25.04 -8.51 56.37
CA GLU C 428 25.48 -9.32 55.24
C GLU C 428 24.93 -10.75 55.31
N LYS C 429 24.86 -11.33 56.50
CA LYS C 429 24.34 -12.69 56.64
C LYS C 429 22.84 -12.72 56.31
N TYR C 430 22.13 -11.69 56.76
CA TYR C 430 20.70 -11.56 56.49
C TYR C 430 20.43 -11.41 54.98
N LEU C 431 21.20 -10.57 54.32
CA LEU C 431 20.98 -10.37 52.88
C LEU C 431 21.56 -11.51 52.03
N GLU C 432 22.60 -12.18 52.51
CA GLU C 432 23.08 -13.35 51.80
C GLU C 432 22.03 -14.46 51.84
N ASN C 433 21.32 -14.54 52.95
CA ASN C 433 20.25 -15.51 53.07
C ASN C 433 19.10 -15.18 52.11
N ALA C 434 18.79 -13.89 52.00
CA ALA C 434 17.75 -13.43 51.08
C ALA C 434 18.14 -13.77 49.64
N ASN C 435 19.40 -13.50 49.32
CA ASN C 435 19.93 -13.78 47.98
C ASN C 435 19.93 -15.28 47.69
N LYS C 436 20.18 -16.09 48.72
CA LYS C 436 20.10 -17.54 48.56
C LYS C 436 18.67 -17.95 48.23
N LYS C 437 17.69 -17.38 48.95
CA LYS C 437 16.30 -17.70 48.69
C LYS C 437 15.93 -17.29 47.26
N LEU C 438 16.39 -16.12 46.85
CA LEU C 438 16.13 -15.62 45.49
C LEU C 438 16.72 -16.55 44.43
N ALA C 439 17.98 -16.93 44.61
CA ALA C 439 18.63 -17.79 43.64
C ALA C 439 18.00 -19.19 43.61
N ASP C 440 17.63 -19.69 44.78
CA ASP C 440 17.00 -21.01 44.88
C ASP C 440 15.69 -21.03 44.08
N VAL C 441 14.87 -20.01 44.27
CA VAL C 441 13.59 -19.93 43.58
C VAL C 441 13.81 -19.71 42.09
N ALA C 442 14.78 -18.88 41.74
CA ALA C 442 15.09 -18.64 40.34
C ALA C 442 15.49 -19.93 39.64
N PHE C 443 16.32 -20.72 40.29
CA PHE C 443 16.75 -21.99 39.68
C PHE C 443 15.59 -22.93 39.54
N GLU C 444 14.78 -23.06 40.60
CA GLU C 444 13.66 -24.00 40.56
C GLU C 444 12.69 -23.63 39.44
N LYS C 445 12.43 -22.35 39.27
CA LYS C 445 11.47 -21.93 38.25
C LYS C 445 12.06 -22.02 36.84
N GLN C 446 13.34 -21.71 36.69
CA GLN C 446 14.02 -21.87 35.41
C GLN C 446 14.02 -23.35 35.01
N ASN C 447 14.31 -24.21 35.98
CA ASN C 447 14.32 -25.64 35.72
C ASN C 447 12.93 -26.17 35.36
N LYS C 448 11.92 -25.72 36.09
CA LYS C 448 10.55 -26.16 35.82
C LYS C 448 10.11 -25.72 34.43
N LEU C 449 10.50 -24.50 34.05
CA LEU C 449 10.20 -24.02 32.70
C LEU C 449 10.82 -24.92 31.65
N LEU C 450 12.11 -25.21 31.79
CA LEU C 450 12.77 -26.05 30.80
C LEU C 450 12.12 -27.43 30.75
N GLY C 451 11.78 -27.96 31.92
CA GLY C 451 11.11 -29.26 31.97
C GLY C 451 9.77 -29.26 31.27
N ASP C 452 9.00 -28.19 31.48
CA ASP C 452 7.73 -28.09 30.79
C ASP C 452 7.94 -27.97 29.29
N MET C 453 8.98 -27.25 28.88
CA MET C 453 9.30 -27.10 27.46
C MET C 453 9.72 -28.43 26.85
N VAL C 454 10.53 -29.19 27.58
CA VAL C 454 11.00 -30.47 27.07
C VAL C 454 9.86 -31.46 26.98
N THR C 455 8.97 -31.43 27.96
CA THR C 455 7.86 -32.37 27.99
C THR C 455 6.90 -32.09 26.83
N THR C 456 6.49 -30.84 26.69
CA THR C 456 5.56 -30.47 25.60
C THR C 456 6.25 -30.53 24.24
N GLY C 457 7.50 -30.08 24.17
CA GLY C 457 8.24 -30.14 22.93
C GLY C 457 8.46 -31.55 22.42
N SER C 458 8.68 -32.48 23.34
CA SER C 458 8.92 -33.88 22.95
C SER C 458 7.69 -34.45 22.26
N ASN C 459 6.51 -34.02 22.69
CA ASN C 459 5.27 -34.42 22.02
C ASN C 459 5.21 -33.94 20.56
N ASN C 460 5.94 -32.86 20.27
CA ASN C 460 5.88 -32.24 18.94
C ASN C 460 7.14 -32.47 18.10
N MET C 461 7.94 -33.46 18.47
CA MET C 461 9.15 -33.75 17.70
C MET C 461 8.80 -34.18 16.27
N LYS C 462 9.71 -33.90 15.33
CA LYS C 462 9.56 -34.43 13.97
C LYS C 462 9.58 -35.94 13.97
N LEU C 463 10.50 -36.50 14.76
CA LEU C 463 10.64 -37.94 14.88
C LEU C 463 9.53 -38.49 15.76
N ARG C 464 8.33 -38.59 15.19
CA ARG C 464 7.17 -39.10 15.87
C ARG C 464 6.25 -39.79 14.88
N TYR C 465 5.41 -40.68 15.39
CA TYR C 465 4.33 -41.27 14.62
C TYR C 465 3.34 -41.79 15.62
N ASN C 466 2.22 -41.10 15.75
CA ASN C 466 1.22 -41.45 16.73
C ASN C 466 -0.01 -42.10 16.12
N LEU C 467 -0.59 -43.05 16.84
CA LEU C 467 -1.92 -43.51 16.52
C LEU C 467 -2.90 -42.57 17.20
N ASN C 468 -3.81 -41.97 16.42
CA ASN C 468 -4.71 -41.00 17.01
C ASN C 468 -5.95 -41.68 17.58
N ASP C 469 -5.77 -42.40 18.69
CA ASP C 469 -6.85 -43.13 19.34
C ASP C 469 -6.71 -43.11 20.86
N CYS D 9 -12.49 -16.58 27.84
CA CYS D 9 -13.83 -16.03 27.96
C CYS D 9 -13.91 -14.63 27.36
N THR D 10 -15.11 -14.27 26.94
CA THR D 10 -15.43 -12.91 26.52
C THR D 10 -16.75 -12.53 27.16
N SER D 11 -16.80 -11.33 27.73
CA SER D 11 -17.99 -10.83 28.42
C SER D 11 -18.51 -9.54 27.78
N ILE D 12 -19.83 -9.41 27.73
CA ILE D 12 -20.46 -8.17 27.26
C ILE D 12 -21.53 -7.75 28.26
N LEU D 13 -21.47 -6.49 28.68
CA LEU D 13 -22.39 -5.92 29.67
C LEU D 13 -23.15 -4.77 29.03
N VAL D 14 -24.45 -4.66 29.32
CA VAL D 14 -25.27 -3.59 28.74
C VAL D 14 -26.20 -3.00 29.80
N GLY D 15 -26.09 -1.69 30.00
CA GLY D 15 -26.92 -0.97 30.96
C GLY D 15 -28.35 -0.82 30.49
N LYS D 16 -29.25 -0.47 31.41
CA LYS D 16 -30.69 -0.55 31.11
C LYS D 16 -31.16 0.50 30.11
N LYS D 17 -30.39 1.57 29.94
CA LYS D 17 -30.74 2.57 28.94
C LYS D 17 -30.02 2.33 27.61
N ALA D 18 -29.16 1.32 27.59
CA ALA D 18 -28.37 1.01 26.40
C ALA D 18 -28.98 -0.13 25.58
N SER D 19 -29.89 -0.88 26.18
CA SER D 19 -30.54 -2.01 25.51
C SER D 19 -31.75 -1.55 24.70
N ILE D 20 -32.13 -2.37 23.72
CA ILE D 20 -33.25 -2.00 22.86
C ILE D 20 -34.59 -2.05 23.61
N ASP D 21 -34.64 -2.81 24.71
CA ASP D 21 -35.92 -3.06 25.40
C ASP D 21 -35.93 -2.59 26.84
N GLY D 22 -34.90 -1.86 27.25
CA GLY D 22 -34.84 -1.33 28.60
C GLY D 22 -34.45 -2.35 29.66
N SER D 23 -33.97 -3.50 29.23
CA SER D 23 -33.46 -4.53 30.13
C SER D 23 -31.99 -4.29 30.45
N THR D 24 -31.51 -4.93 31.51
CA THR D 24 -30.06 -5.06 31.72
C THR D 24 -29.61 -6.39 31.13
N LEU D 25 -28.38 -6.42 30.62
CA LEU D 25 -27.79 -7.65 30.08
C LEU D 25 -26.38 -7.82 30.61
N ILE D 26 -26.08 -9.02 31.11
CA ILE D 26 -24.70 -9.41 31.33
C ILE D 26 -24.51 -10.76 30.67
N SER D 27 -23.37 -10.95 30.03
CA SER D 27 -23.18 -12.13 29.21
C SER D 27 -21.74 -12.58 29.24
N ARG D 28 -21.52 -13.85 28.94
CA ARG D 28 -20.17 -14.38 28.88
C ARG D 28 -20.14 -15.67 28.08
N ASN D 29 -19.07 -15.83 27.30
CA ASN D 29 -18.69 -17.13 26.78
C ASN D 29 -17.89 -17.88 27.83
N ASP D 30 -18.39 -19.04 28.24
CA ASP D 30 -17.70 -19.85 29.22
C ASP D 30 -16.73 -20.75 28.46
N ASP D 31 -15.51 -20.26 28.25
CA ASP D 31 -14.52 -20.98 27.47
C ASP D 31 -13.60 -21.78 28.39
N GLY D 32 -13.37 -23.06 28.08
CA GLY D 32 -12.52 -23.87 28.91
C GLY D 32 -11.18 -24.13 28.26
N HIS D 33 -10.39 -25.02 28.84
CA HIS D 33 -9.09 -25.38 28.28
C HIS D 33 -9.25 -26.45 27.19
N GLU D 34 -9.97 -27.52 27.49
CA GLU D 34 -10.30 -28.55 26.50
C GLU D 34 -11.42 -28.02 25.60
N ALA D 35 -11.47 -28.49 24.36
CA ALA D 35 -12.51 -28.04 23.43
C ALA D 35 -13.89 -28.42 23.95
N LEU D 36 -14.07 -29.69 24.31
CA LEU D 36 -15.37 -30.17 24.79
C LEU D 36 -15.37 -30.48 26.28
N ASP D 37 -16.45 -30.10 26.95
CA ASP D 37 -16.68 -30.44 28.35
C ASP D 37 -18.17 -30.23 28.63
N PRO D 38 -18.93 -31.33 28.75
CA PRO D 38 -20.40 -31.26 28.76
C PRO D 38 -20.95 -30.38 29.88
N GLN D 39 -21.95 -29.58 29.51
CA GLN D 39 -22.59 -28.62 30.40
C GLN D 39 -24.05 -29.00 30.63
N ARG D 40 -24.57 -28.65 31.80
CA ARG D 40 -25.98 -28.85 32.13
C ARG D 40 -26.60 -27.52 32.54
N PHE D 41 -27.90 -27.40 32.29
CA PHE D 41 -28.70 -26.27 32.72
C PHE D 41 -29.54 -26.75 33.91
N VAL D 42 -29.28 -26.20 35.09
CA VAL D 42 -29.83 -26.73 36.32
C VAL D 42 -30.32 -25.63 37.25
N VAL D 43 -31.54 -25.79 37.76
CA VAL D 43 -32.04 -24.93 38.83
C VAL D 43 -31.69 -25.57 40.17
N VAL D 44 -31.00 -24.80 41.02
CA VAL D 44 -30.66 -25.27 42.36
C VAL D 44 -31.71 -24.76 43.33
N ASN D 45 -32.59 -25.65 43.78
CA ASN D 45 -33.59 -25.25 44.75
C ASN D 45 -32.95 -25.17 46.13
N PRO D 46 -33.51 -24.33 47.02
CA PRO D 46 -32.88 -24.08 48.31
C PRO D 46 -32.53 -25.35 49.10
N GLU D 47 -33.38 -26.36 49.07
CA GLU D 47 -33.13 -27.57 49.83
C GLU D 47 -31.91 -28.35 49.34
N ASP D 48 -31.45 -28.06 48.13
CA ASP D 48 -30.30 -28.76 47.56
C ASP D 48 -29.00 -27.95 47.63
N GLN D 49 -29.08 -26.73 48.17
CA GLN D 49 -27.90 -25.86 48.30
C GLN D 49 -27.11 -26.19 49.57
N PRO D 50 -25.78 -26.35 49.45
CA PRO D 50 -24.94 -26.63 50.62
C PRO D 50 -25.00 -25.55 51.68
N ARG D 51 -24.93 -25.95 52.95
CA ARG D 51 -24.70 -24.98 54.03
C ARG D 51 -23.24 -25.05 54.48
N ASP D 52 -22.59 -26.20 54.23
CA ASP D 52 -21.18 -26.38 54.54
C ASP D 52 -20.46 -26.72 53.25
N TYR D 53 -19.94 -25.69 52.57
CA TYR D 53 -19.39 -25.87 51.23
C TYR D 53 -17.88 -26.11 51.24
N THR D 54 -17.45 -27.13 50.52
CA THR D 54 -16.03 -27.39 50.33
C THR D 54 -15.70 -27.51 48.85
N SER D 55 -14.71 -26.75 48.39
CA SER D 55 -14.34 -26.82 46.98
C SER D 55 -13.48 -28.05 46.71
N VAL D 56 -13.44 -28.46 45.44
CA VAL D 56 -12.63 -29.61 45.04
C VAL D 56 -11.20 -29.20 44.75
N ILE D 57 -11.03 -28.08 44.04
CA ILE D 57 -9.69 -27.68 43.59
C ILE D 57 -8.82 -27.17 44.74
N SER D 58 -9.35 -26.25 45.55
CA SER D 58 -8.55 -25.59 46.58
C SER D 58 -8.82 -26.13 47.98
N LYS D 59 -9.90 -26.89 48.12
CA LYS D 59 -10.38 -27.42 49.40
C LYS D 59 -10.75 -26.32 50.39
N VAL D 60 -11.08 -25.14 49.87
CA VAL D 60 -11.58 -24.07 50.73
C VAL D 60 -12.91 -24.52 51.35
N ASN D 61 -13.10 -24.18 52.62
CA ASN D 61 -14.34 -24.54 53.31
C ASN D 61 -15.11 -23.28 53.71
N VAL D 62 -16.33 -23.15 53.20
CA VAL D 62 -17.13 -21.95 53.44
C VAL D 62 -18.47 -22.29 54.07
N LYS D 63 -18.72 -21.77 55.28
CA LYS D 63 -20.02 -21.91 55.90
C LYS D 63 -20.97 -20.90 55.27
N LEU D 64 -22.11 -21.38 54.77
CA LEU D 64 -23.06 -20.55 54.05
C LEU D 64 -24.35 -20.37 54.83
N PRO D 65 -25.07 -19.24 54.61
CA PRO D 65 -26.35 -18.97 55.27
C PRO D 65 -27.40 -20.05 55.05
N ASP D 66 -28.35 -20.14 55.97
CA ASP D 66 -29.34 -21.21 55.94
C ASP D 66 -30.59 -20.79 55.15
N ASP D 67 -30.54 -19.61 54.52
CA ASP D 67 -31.67 -19.14 53.72
C ASP D 67 -31.32 -18.84 52.26
N PRO D 68 -30.72 -19.80 51.55
CA PRO D 68 -30.36 -19.51 50.15
C PRO D 68 -31.60 -19.35 49.27
N GLN D 69 -31.48 -18.51 48.25
CA GLN D 69 -32.52 -18.39 47.23
C GLN D 69 -32.32 -19.40 46.11
N ARG D 70 -33.41 -19.80 45.50
CA ARG D 70 -33.38 -20.60 44.27
C ARG D 70 -32.62 -19.86 43.18
N TYR D 71 -31.84 -20.58 42.37
CA TYR D 71 -31.15 -19.94 41.25
C TYR D 71 -30.89 -20.89 40.09
N THR D 72 -30.83 -20.34 38.90
CA THR D 72 -30.38 -21.11 37.74
C THR D 72 -28.87 -21.20 37.73
N SER D 73 -28.34 -22.19 37.01
CA SER D 73 -26.90 -22.38 36.94
C SER D 73 -26.56 -23.27 35.75
N ILE D 74 -25.27 -23.33 35.46
CA ILE D 74 -24.79 -24.12 34.33
C ILE D 74 -23.64 -25.04 34.75
N PRO D 75 -23.93 -25.99 35.66
CA PRO D 75 -22.84 -26.82 36.18
C PRO D 75 -22.25 -27.77 35.15
N ASN D 76 -20.98 -28.13 35.32
CA ASN D 76 -20.37 -29.20 34.53
C ASN D 76 -21.05 -30.53 34.80
N SER D 77 -21.21 -31.33 33.75
CA SER D 77 -21.73 -32.69 33.91
C SER D 77 -20.75 -33.55 34.68
N ILE D 78 -19.47 -33.39 34.34
CA ILE D 78 -18.41 -34.18 34.96
C ILE D 78 -17.83 -33.35 36.09
N LEU D 79 -17.93 -33.89 37.31
CA LEU D 79 -17.65 -33.10 38.51
C LEU D 79 -16.26 -33.29 39.10
N THR D 80 -15.35 -33.83 38.29
CA THR D 80 -13.99 -34.10 38.73
C THR D 80 -13.30 -32.88 39.36
N ASN D 81 -13.57 -31.70 38.81
CA ASN D 81 -12.95 -30.47 39.30
C ASN D 81 -13.94 -29.54 40.01
N GLY D 82 -15.06 -30.10 40.48
CA GLY D 82 -16.06 -29.29 41.16
C GLY D 82 -17.22 -28.91 40.27
N ILE D 83 -18.10 -28.06 40.80
CA ILE D 83 -19.38 -27.79 40.15
C ILE D 83 -19.28 -26.88 38.93
N TRP D 84 -18.51 -25.79 39.05
CA TRP D 84 -18.35 -24.81 37.97
C TRP D 84 -19.70 -24.34 37.42
N PRO D 85 -20.51 -23.67 38.25
CA PRO D 85 -21.88 -23.25 37.91
C PRO D 85 -21.95 -22.13 36.87
N ALA D 86 -20.84 -21.41 36.70
CA ALA D 86 -20.67 -20.36 35.68
C ALA D 86 -21.51 -19.09 35.88
N ALA D 87 -22.82 -19.23 35.98
CA ALA D 87 -23.70 -18.07 35.91
C ALA D 87 -25.14 -18.45 36.17
N GLY D 88 -25.92 -17.50 36.67
CA GLY D 88 -27.35 -17.74 36.81
C GLY D 88 -28.10 -16.53 37.34
N ILE D 89 -29.39 -16.73 37.56
CA ILE D 89 -30.31 -15.70 38.03
C ILE D 89 -31.01 -16.28 39.25
N ASN D 90 -31.10 -15.49 40.33
CA ASN D 90 -31.78 -15.97 41.54
C ASN D 90 -33.22 -15.49 41.60
N SER D 91 -33.93 -15.87 42.66
CA SER D 91 -35.36 -15.57 42.74
C SER D 91 -35.65 -14.10 43.10
N SER D 92 -34.61 -13.33 43.39
CA SER D 92 -34.72 -11.88 43.52
C SER D 92 -34.43 -11.17 42.19
N ASN D 93 -34.30 -11.95 41.12
CA ASN D 93 -33.96 -11.42 39.80
C ASN D 93 -32.63 -10.66 39.84
N VAL D 94 -31.66 -11.24 40.55
CA VAL D 94 -30.28 -10.80 40.46
C VAL D 94 -29.53 -11.78 39.58
N ALA D 95 -28.74 -11.24 38.64
CA ALA D 95 -27.92 -12.07 37.76
C ALA D 95 -26.46 -11.98 38.15
N MET D 96 -25.72 -13.06 37.90
CA MET D 96 -24.27 -13.10 38.16
C MET D 96 -23.58 -14.04 37.19
N SER D 97 -22.44 -13.62 36.67
CA SER D 97 -21.61 -14.52 35.87
C SER D 97 -20.18 -14.45 36.34
N ALA D 98 -19.62 -15.61 36.66
CA ALA D 98 -18.26 -15.71 37.18
C ALA D 98 -17.59 -16.97 36.63
N THR D 99 -16.49 -16.84 35.88
CA THR D 99 -15.70 -15.62 35.76
C THR D 99 -15.13 -15.39 34.37
N GLU D 100 -14.64 -14.17 34.17
CA GLU D 100 -13.77 -13.80 33.09
C GLU D 100 -12.34 -13.80 33.64
N THR D 101 -11.49 -14.75 33.26
CA THR D 101 -10.10 -14.73 33.73
C THR D 101 -9.44 -13.47 33.25
N ILE D 102 -8.84 -12.69 34.14
CA ILE D 102 -8.17 -11.48 33.68
C ILE D 102 -6.68 -11.55 33.97
N THR D 103 -6.00 -10.43 33.92
CA THR D 103 -4.55 -10.42 34.12
C THR D 103 -4.16 -9.68 35.39
N THR D 104 -2.89 -9.78 35.73
CA THR D 104 -2.35 -9.17 36.94
C THR D 104 -0.91 -8.75 36.63
N ASN D 105 -0.13 -8.37 37.64
CA ASN D 105 1.29 -8.16 37.39
C ASN D 105 2.10 -8.46 38.63
N SER D 106 3.42 -8.53 38.46
CA SER D 106 4.28 -9.03 39.51
C SER D 106 4.41 -8.05 40.68
N ARG D 107 4.19 -6.77 40.43
CA ARG D 107 4.35 -5.79 41.51
C ARG D 107 3.22 -5.95 42.53
N VAL D 108 1.99 -6.17 42.08
CA VAL D 108 0.91 -6.36 43.04
C VAL D 108 0.94 -7.79 43.60
N GLN D 109 1.32 -8.78 42.78
CA GLN D 109 1.39 -10.16 43.29
C GLN D 109 2.44 -10.30 44.38
N GLY D 110 3.48 -9.48 44.30
CA GLY D 110 4.54 -9.47 45.29
C GLY D 110 4.07 -8.92 46.63
N LEU D 111 2.99 -8.15 46.61
CA LEU D 111 2.44 -7.57 47.85
C LEU D 111 1.28 -8.38 48.42
N ASP D 112 0.47 -8.97 47.53
CA ASP D 112 -0.71 -9.72 47.95
C ASP D 112 -0.84 -10.97 47.09
N PRO D 113 -0.03 -11.99 47.40
CA PRO D 113 0.01 -13.21 46.60
C PRO D 113 -1.31 -13.97 46.60
N PHE D 114 -1.51 -14.79 45.58
CA PHE D 114 -2.63 -15.73 45.52
C PHE D 114 -2.66 -16.62 46.75
N VAL D 115 -3.86 -16.97 47.17
CA VAL D 115 -4.09 -17.82 48.33
C VAL D 115 -4.47 -19.22 47.86
N GLU D 116 -3.59 -20.18 48.11
CA GLU D 116 -3.74 -21.52 47.53
C GLU D 116 -5.02 -22.24 47.93
N ASN D 117 -5.47 -22.02 49.16
CA ASN D 117 -6.72 -22.61 49.61
C ASN D 117 -7.86 -21.61 49.64
N GLY D 118 -7.84 -20.68 48.69
CA GLY D 118 -8.87 -19.66 48.59
C GLY D 118 -9.99 -20.02 47.61
N LEU D 119 -10.81 -19.04 47.29
CA LEU D 119 -11.94 -19.24 46.38
C LEU D 119 -11.50 -19.15 44.90
N GLY D 120 -12.27 -19.80 44.03
CA GLY D 120 -12.02 -19.73 42.59
C GLY D 120 -13.29 -19.71 41.76
N GLU D 121 -13.12 -19.64 40.44
CA GLU D 121 -14.24 -19.72 39.50
C GLU D 121 -15.09 -20.96 39.72
N GLU D 122 -14.47 -22.03 40.19
CA GLU D 122 -15.20 -23.24 40.58
C GLU D 122 -16.38 -22.91 41.50
N ASP D 123 -16.17 -21.90 42.34
CA ASP D 123 -17.01 -21.67 43.52
C ASP D 123 -17.92 -20.46 43.50
N LEU D 124 -17.54 -19.42 42.77
CA LEU D 124 -18.07 -18.08 43.09
C LEU D 124 -19.59 -17.93 43.01
N VAL D 125 -20.24 -18.41 41.94
CA VAL D 125 -21.70 -18.24 41.86
C VAL D 125 -22.40 -18.94 43.03
N THR D 126 -21.92 -20.14 43.35
CA THR D 126 -22.49 -20.97 44.41
C THR D 126 -22.46 -20.27 45.78
N VAL D 127 -21.38 -19.55 46.07
CA VAL D 127 -21.25 -18.96 47.40
C VAL D 127 -21.71 -17.50 47.46
N VAL D 128 -22.07 -16.89 46.32
CA VAL D 128 -22.52 -15.50 46.31
C VAL D 128 -23.98 -15.31 45.90
N LEU D 129 -24.34 -15.80 44.73
CA LEU D 129 -25.66 -15.53 44.14
C LEU D 129 -26.88 -15.86 45.03
N PRO D 130 -26.88 -17.01 45.74
CA PRO D 130 -28.11 -17.33 46.48
C PRO D 130 -28.41 -16.42 47.66
N TYR D 131 -27.51 -15.50 47.99
CA TYR D 131 -27.57 -14.80 49.28
C TYR D 131 -27.70 -13.29 49.15
N VAL D 132 -27.97 -12.80 47.94
CA VAL D 132 -28.02 -11.37 47.70
C VAL D 132 -29.29 -10.94 46.97
N LYS D 133 -29.73 -9.71 47.19
CA LYS D 133 -31.00 -9.26 46.63
C LYS D 133 -30.84 -8.05 45.69
N SER D 134 -29.60 -7.67 45.44
CA SER D 134 -29.31 -6.66 44.42
C SER D 134 -27.92 -6.92 43.85
N ALA D 135 -27.63 -6.32 42.69
CA ALA D 135 -26.30 -6.42 42.10
C ALA D 135 -25.24 -5.83 43.04
N ARG D 136 -25.54 -4.69 43.64
CA ARG D 136 -24.61 -4.06 44.57
C ARG D 136 -24.33 -4.97 45.78
N GLU D 137 -25.36 -5.64 46.29
CA GLU D 137 -25.16 -6.62 47.35
C GLU D 137 -24.25 -7.76 46.93
N GLY D 138 -24.38 -8.19 45.67
CA GLY D 138 -23.49 -9.19 45.12
C GLY D 138 -22.03 -8.74 45.13
N VAL D 139 -21.79 -7.51 44.68
CA VAL D 139 -20.45 -6.94 44.69
C VAL D 139 -19.88 -6.96 46.11
N LYS D 140 -20.66 -6.47 47.06
CA LYS D 140 -20.18 -6.36 48.43
C LYS D 140 -19.92 -7.72 49.09
N ARG D 141 -20.79 -8.70 48.82
CA ARG D 141 -20.61 -10.03 49.37
C ARG D 141 -19.37 -10.70 48.81
N LEU D 142 -19.17 -10.58 47.50
CA LEU D 142 -17.97 -11.17 46.91
C LEU D 142 -16.71 -10.51 47.47
N GLY D 143 -16.74 -9.19 47.58
CA GLY D 143 -15.63 -8.45 48.15
C GLY D 143 -15.30 -8.95 49.54
N SER D 144 -16.33 -9.14 50.36
CA SER D 144 -16.13 -9.66 51.73
C SER D 144 -15.55 -11.06 51.74
N LEU D 145 -16.02 -11.91 50.84
CA LEU D 145 -15.54 -13.28 50.77
C LEU D 145 -14.08 -13.35 50.33
N LEU D 146 -13.69 -12.46 49.41
CA LEU D 146 -12.30 -12.39 48.98
C LEU D 146 -11.40 -12.00 50.14
N GLU D 147 -11.88 -11.08 50.97
CA GLU D 147 -11.11 -10.67 52.14
C GLU D 147 -11.01 -11.79 53.18
N GLU D 148 -12.09 -12.54 53.34
CA GLU D 148 -12.15 -13.60 54.35
C GLU D 148 -11.39 -14.86 53.93
N TYR D 149 -11.52 -15.25 52.66
CA TYR D 149 -10.99 -16.53 52.21
C TYR D 149 -9.83 -16.43 51.23
N GLY D 150 -9.71 -15.28 50.58
CA GLY D 150 -8.73 -15.12 49.53
C GLY D 150 -9.12 -15.81 48.25
N THR D 151 -8.31 -15.62 47.20
CA THR D 151 -8.54 -16.28 45.91
C THR D 151 -7.20 -16.70 45.30
N TYR D 152 -7.24 -17.70 44.43
CA TYR D 152 -6.03 -18.15 43.75
C TYR D 152 -6.04 -17.84 42.25
N GLU D 153 -6.98 -17.00 41.82
CA GLU D 153 -7.11 -16.63 40.40
C GLU D 153 -7.33 -15.14 40.23
N PRO D 154 -6.93 -14.60 39.07
CA PRO D 154 -7.32 -13.24 38.69
C PRO D 154 -8.62 -13.26 37.87
N ASN D 155 -9.69 -12.68 38.40
CA ASN D 155 -11.02 -12.82 37.81
C ASN D 155 -11.83 -11.54 37.66
N GLY D 156 -12.67 -11.52 36.63
CA GLY D 156 -13.69 -10.50 36.45
C GLY D 156 -15.07 -11.14 36.63
N ILE D 157 -15.95 -10.45 37.32
CA ILE D 157 -17.27 -10.97 37.63
C ILE D 157 -18.35 -9.92 37.34
N SER D 158 -19.41 -10.32 36.67
CA SER D 158 -20.53 -9.39 36.42
C SER D 158 -21.73 -9.68 37.32
N PHE D 159 -22.41 -8.60 37.69
CA PHE D 159 -23.66 -8.65 38.43
C PHE D 159 -24.70 -7.75 37.77
N ALA D 160 -25.98 -8.12 37.85
CA ALA D 160 -27.02 -7.23 37.37
C ALA D 160 -28.32 -7.46 38.13
N ASP D 161 -29.12 -6.40 38.22
CA ASP D 161 -30.53 -6.51 38.60
C ASP D 161 -31.32 -5.65 37.61
N ASN D 162 -32.58 -5.35 37.91
CA ASN D 162 -33.34 -4.62 36.88
C ASN D 162 -32.91 -3.16 36.76
N GLU D 163 -32.10 -2.68 37.70
CA GLU D 163 -31.63 -1.30 37.68
C GLU D 163 -30.17 -1.13 37.27
N GLU D 164 -29.30 -1.96 37.82
CA GLU D 164 -27.87 -1.73 37.73
C GLU D 164 -27.08 -2.90 37.19
N VAL D 165 -25.96 -2.57 36.55
CA VAL D 165 -24.98 -3.55 36.12
C VAL D 165 -23.62 -3.22 36.71
N TRP D 166 -22.97 -4.21 37.32
CA TRP D 166 -21.65 -4.00 37.95
C TRP D 166 -20.60 -4.97 37.41
N TRP D 167 -19.36 -4.52 37.37
CA TRP D 167 -18.22 -5.36 37.01
C TRP D 167 -17.21 -5.30 38.13
N LEU D 168 -16.89 -6.47 38.70
CA LEU D 168 -15.88 -6.54 39.78
C LEU D 168 -14.64 -7.25 39.26
N GLU D 169 -13.47 -6.70 39.58
CA GLU D 169 -12.23 -7.39 39.24
C GLU D 169 -11.42 -7.68 40.51
N THR D 170 -10.93 -8.90 40.59
CA THR D 170 -10.11 -9.30 41.75
C THR D 170 -8.65 -8.96 41.49
N ILE D 171 -7.96 -8.61 42.58
CA ILE D 171 -6.64 -8.01 42.51
C ILE D 171 -5.79 -8.69 43.57
N GLY D 172 -4.82 -9.50 43.15
CA GLY D 172 -4.04 -10.26 44.12
C GLY D 172 -4.89 -11.26 44.90
N GLY D 173 -4.39 -11.69 46.04
CA GLY D 173 -5.07 -12.70 46.82
C GLY D 173 -6.33 -12.23 47.52
N HIS D 174 -6.44 -10.93 47.79
CA HIS D 174 -7.53 -10.43 48.64
C HIS D 174 -8.20 -9.15 48.18
N HIS D 175 -7.59 -8.41 47.27
CA HIS D 175 -8.10 -7.10 46.93
C HIS D 175 -9.07 -7.14 45.75
N TRP D 176 -9.77 -6.04 45.54
CA TRP D 176 -10.79 -5.97 44.48
C TRP D 176 -11.24 -4.55 44.23
N ALA D 177 -11.84 -4.34 43.07
CA ALA D 177 -12.47 -3.09 42.71
C ALA D 177 -13.68 -3.39 41.85
N ALA D 178 -14.66 -2.50 41.88
CA ALA D 178 -15.87 -2.71 41.09
C ALA D 178 -16.42 -1.39 40.56
N VAL D 179 -17.01 -1.45 39.37
CA VAL D 179 -17.56 -0.24 38.75
C VAL D 179 -18.98 -0.52 38.34
N ARG D 180 -19.86 0.43 38.65
CA ARG D 180 -21.23 0.37 38.14
C ARG D 180 -21.21 0.92 36.72
N ILE D 181 -21.65 0.10 35.77
CA ILE D 181 -21.67 0.49 34.36
C ILE D 181 -22.77 1.53 34.19
N PRO D 182 -22.47 2.68 33.57
CA PRO D 182 -23.52 3.68 33.35
C PRO D 182 -24.72 3.09 32.62
N ASP D 183 -25.92 3.59 32.93
CA ASP D 183 -27.13 3.09 32.32
C ASP D 183 -27.08 3.04 30.80
N ASP D 184 -26.43 4.03 30.19
CA ASP D 184 -26.44 4.18 28.74
C ASP D 184 -25.19 3.59 28.09
N ALA D 185 -24.46 2.77 28.84
CA ALA D 185 -23.16 2.28 28.38
C ALA D 185 -23.15 0.78 28.14
N TYR D 186 -22.11 0.32 27.45
CA TYR D 186 -21.84 -1.11 27.34
C TYR D 186 -20.36 -1.35 27.57
N VAL D 187 -20.01 -2.62 27.79
CA VAL D 187 -18.62 -3.05 27.95
C VAL D 187 -18.39 -4.34 27.17
N VAL D 188 -17.25 -4.43 26.48
CA VAL D 188 -16.73 -5.68 25.96
C VAL D 188 -15.44 -5.98 26.69
N ALA D 189 -15.36 -7.14 27.33
CA ALA D 189 -14.22 -7.47 28.18
C ALA D 189 -13.63 -8.83 27.83
N PRO D 190 -12.35 -8.86 27.46
CA PRO D 190 -11.62 -10.10 27.19
C PRO D 190 -10.83 -10.55 28.42
N ASN D 191 -9.87 -11.45 28.23
CA ASN D 191 -9.12 -12.03 29.34
C ASN D 191 -7.95 -11.16 29.80
N ARG D 192 -8.27 -9.92 30.11
CA ARG D 192 -7.27 -8.93 30.46
C ARG D 192 -7.94 -7.99 31.46
N MET D 193 -7.20 -7.51 32.46
CA MET D 193 -7.82 -6.59 33.42
C MET D 193 -8.36 -5.38 32.66
N ASN D 194 -9.59 -4.97 33.01
CA ASN D 194 -10.34 -4.01 32.20
C ASN D 194 -10.57 -2.63 32.80
N ILE D 195 -10.76 -2.56 34.12
CA ILE D 195 -11.15 -1.28 34.71
C ILE D 195 -10.04 -0.25 34.48
N ASP D 196 -10.38 0.90 33.90
CA ASP D 196 -9.36 1.92 33.64
C ASP D 196 -9.47 3.06 34.66
N GLN D 197 -9.73 4.28 34.22
CA GLN D 197 -9.85 5.44 35.11
C GLN D 197 -10.80 5.14 36.28
N PHE D 198 -10.39 5.47 37.51
CA PHE D 198 -11.13 5.03 38.69
C PHE D 198 -11.18 6.16 39.74
N ASP D 199 -12.40 6.57 40.09
CA ASP D 199 -12.64 7.61 41.10
C ASP D 199 -13.05 6.91 42.40
N PHE D 200 -12.17 6.90 43.40
CA PHE D 200 -12.43 6.12 44.61
C PHE D 200 -13.68 6.57 45.38
N ASP D 201 -14.00 7.85 45.29
CA ASP D 201 -15.06 8.40 46.13
C ASP D 201 -16.40 8.49 45.40
N SER D 202 -16.44 7.96 44.19
CA SER D 202 -17.66 7.98 43.40
C SER D 202 -18.70 6.99 43.94
N ASP D 203 -19.98 7.34 43.83
CA ASP D 203 -21.06 6.43 44.17
C ASP D 203 -21.09 5.24 43.20
N ASP D 204 -20.43 5.38 42.07
CA ASP D 204 -20.43 4.36 41.02
C ASP D 204 -19.28 3.37 41.16
N THR D 205 -18.52 3.47 42.25
CA THR D 205 -17.42 2.54 42.48
C THR D 205 -17.45 1.96 43.89
N LEU D 206 -16.89 0.77 44.01
CA LEU D 206 -16.65 0.11 45.28
C LEU D 206 -15.29 -0.58 45.19
N CYS D 207 -14.59 -0.71 46.31
CA CYS D 207 -13.31 -1.40 46.29
C CYS D 207 -12.85 -1.72 47.71
N SER D 208 -11.79 -2.49 47.80
CA SER D 208 -11.06 -2.68 49.05
C SER D 208 -10.85 -1.37 49.78
N SER D 209 -11.13 -1.34 51.09
CA SER D 209 -11.01 -0.10 51.84
C SER D 209 -9.59 0.49 51.80
N ASP D 210 -8.60 -0.37 51.61
CA ASP D 210 -7.20 0.05 51.58
C ASP D 210 -6.63 0.18 50.17
N LEU D 211 -7.47 0.13 49.14
CA LEU D 211 -6.93 0.04 47.78
C LEU D 211 -6.06 1.25 47.39
N LYS D 212 -6.54 2.45 47.67
CA LYS D 212 -5.78 3.63 47.30
C LYS D 212 -4.47 3.69 48.09
N ASP D 213 -4.54 3.39 49.39
CA ASP D 213 -3.33 3.38 50.21
C ASP D 213 -2.33 2.33 49.73
N LEU D 214 -2.83 1.17 49.32
CA LEU D 214 -1.95 0.13 48.78
C LEU D 214 -1.14 0.65 47.60
N ILE D 215 -1.83 1.37 46.70
CA ILE D 215 -1.21 1.95 45.52
C ILE D 215 -0.21 3.03 45.89
N ASP D 216 -0.65 3.99 46.71
CA ASP D 216 0.18 5.13 47.05
C ASP D 216 1.41 4.72 47.83
N ASN D 217 1.23 3.84 48.82
CA ASN D 217 2.30 3.55 49.77
C ASN D 217 3.35 2.64 49.18
N ASN D 218 3.03 1.99 48.08
CA ASN D 218 3.96 1.00 47.50
C ASN D 218 4.41 1.38 46.10
N ASN D 219 4.18 2.64 45.74
CA ASN D 219 4.62 3.17 44.47
C ASN D 219 4.17 2.29 43.31
N LEU D 220 2.90 1.90 43.32
CA LEU D 220 2.37 1.03 42.27
C LEU D 220 1.88 1.80 41.05
N ASN D 221 1.70 3.11 41.18
CA ASN D 221 1.08 3.90 40.11
C ASN D 221 2.08 4.36 39.06
N PRO D 222 1.94 3.86 37.81
CA PRO D 222 2.91 4.27 36.79
C PRO D 222 2.59 5.64 36.18
N ASP D 223 1.39 6.17 36.43
CA ASP D 223 0.99 7.40 35.76
C ASP D 223 1.26 8.67 36.57
N PHE D 224 1.54 9.75 35.87
CA PHE D 224 1.82 11.05 36.48
C PHE D 224 0.60 11.66 37.19
N GLU D 225 -0.58 11.39 36.63
CA GLU D 225 -1.87 11.88 37.13
C GLU D 225 -2.92 10.79 37.19
N ASN D 226 -3.79 10.89 38.19
CA ASN D 226 -4.98 10.05 38.36
C ASN D 226 -4.66 8.59 38.60
N TYR D 227 -5.72 7.78 38.64
CA TYR D 227 -5.61 6.35 38.90
C TYR D 227 -6.32 5.56 37.81
N ASN D 228 -5.55 4.73 37.11
CA ASN D 228 -6.08 3.83 36.10
C ASN D 228 -5.79 2.40 36.60
N LEU D 229 -6.82 1.66 36.99
CA LEU D 229 -6.56 0.43 37.73
C LEU D 229 -5.85 -0.64 36.93
N ARG D 230 -6.13 -0.75 35.64
CA ARG D 230 -5.43 -1.80 34.88
C ARG D 230 -4.00 -1.36 34.56
N HIS D 231 -3.74 -0.06 34.49
CA HIS D 231 -2.35 0.41 34.40
C HIS D 231 -1.58 0.00 35.66
N ILE D 232 -2.26 0.07 36.80
CA ILE D 232 -1.65 -0.17 38.09
C ILE D 232 -1.52 -1.63 38.44
N PHE D 233 -2.61 -2.37 38.21
CA PHE D 233 -2.76 -3.75 38.71
C PHE D 233 -2.80 -4.80 37.59
N GLY D 234 -2.89 -4.36 36.35
CA GLY D 234 -3.09 -5.29 35.24
C GLY D 234 -1.89 -5.41 34.33
N SER D 235 -2.16 -5.71 33.07
CA SER D 235 -1.11 -5.94 32.09
C SER D 235 -1.31 -5.09 30.86
N ALA D 236 -0.22 -4.83 30.16
CA ALA D 236 -0.29 -4.31 28.79
C ALA D 236 0.85 -5.00 28.06
N SER D 237 0.66 -6.30 27.82
CA SER D 237 1.74 -7.16 27.31
C SER D 237 1.67 -7.37 25.81
N ILE D 238 2.73 -7.94 25.27
CA ILE D 238 2.67 -8.31 23.85
C ILE D 238 1.56 -9.35 23.63
N LYS D 239 1.42 -10.32 24.54
CA LYS D 239 0.37 -11.31 24.38
C LYS D 239 -1.03 -10.66 24.40
N ASP D 240 -1.20 -9.61 25.20
CA ASP D 240 -2.48 -8.89 25.22
C ASP D 240 -2.86 -8.41 23.83
N THR D 241 -1.87 -8.01 23.04
CA THR D 241 -2.14 -7.44 21.71
C THR D 241 -2.74 -8.43 20.73
N VAL D 242 -2.55 -9.72 20.97
CA VAL D 242 -3.12 -10.72 20.06
C VAL D 242 -4.21 -11.56 20.70
N TYR D 243 -4.18 -11.71 22.02
CA TYR D 243 -5.10 -12.60 22.73
C TYR D 243 -6.33 -11.88 23.23
N ASN D 244 -6.18 -10.59 23.49
CA ASN D 244 -7.21 -9.85 24.22
C ASN D 244 -7.70 -8.61 23.51
N ASN D 245 -6.81 -7.67 23.22
CA ASN D 245 -7.22 -6.38 22.66
C ASN D 245 -8.04 -6.46 21.36
N PRO D 246 -7.70 -7.40 20.45
CA PRO D 246 -8.52 -7.44 19.23
C PRO D 246 -9.98 -7.80 19.47
N ARG D 247 -10.26 -8.59 20.50
CA ARG D 247 -11.65 -8.93 20.82
C ARG D 247 -12.42 -7.70 21.29
N THR D 248 -11.81 -6.93 22.19
CA THR D 248 -12.38 -5.66 22.63
C THR D 248 -12.61 -4.76 21.43
N TRP D 249 -11.59 -4.68 20.58
CA TRP D 249 -11.63 -3.82 19.42
C TRP D 249 -12.77 -4.18 18.48
N TYR D 250 -12.91 -5.47 18.17
CA TYR D 250 -13.94 -5.87 17.22
C TYR D 250 -15.33 -5.54 17.75
N GLY D 251 -15.52 -5.77 19.04
CA GLY D 251 -16.79 -5.44 19.67
C GLY D 251 -17.08 -3.95 19.63
N GLN D 252 -16.07 -3.14 19.96
CA GLN D 252 -16.25 -1.70 19.95
C GLN D 252 -16.42 -1.16 18.53
N LYS D 253 -15.75 -1.77 17.56
CA LYS D 253 -15.93 -1.37 16.18
C LYS D 253 -17.37 -1.62 15.72
N PHE D 254 -17.97 -2.68 16.25
CA PHE D 254 -19.33 -3.06 15.89
C PHE D 254 -20.35 -2.11 16.52
N PHE D 255 -20.17 -1.81 17.79
CA PHE D 255 -21.15 -0.99 18.52
C PHE D 255 -20.88 0.51 18.43
N SER D 256 -19.59 0.87 18.34
CA SER D 256 -19.16 2.26 18.32
C SER D 256 -18.21 2.55 17.18
N PRO D 257 -18.66 2.34 15.93
CA PRO D 257 -17.73 2.39 14.78
C PRO D 257 -17.04 3.75 14.60
N ASP D 258 -17.71 4.83 14.96
CA ASP D 258 -17.15 6.16 14.69
C ASP D 258 -16.27 6.65 15.82
N ASP D 259 -16.20 5.90 16.90
CA ASP D 259 -15.37 6.27 18.04
C ASP D 259 -14.21 5.31 18.22
N THR D 260 -14.09 4.37 17.28
CA THR D 260 -13.09 3.32 17.41
C THR D 260 -12.16 3.34 16.21
N ALA D 261 -10.85 3.38 16.46
CA ALA D 261 -9.86 3.43 15.39
C ALA D 261 -9.63 2.05 14.78
N ASP D 262 -8.57 1.92 13.98
CA ASP D 262 -8.36 0.71 13.21
C ASP D 262 -7.17 -0.13 13.65
N ASP D 263 -6.78 0.00 14.91
CA ASP D 263 -5.68 -0.82 15.44
C ASP D 263 -6.23 -1.80 16.48
N PRO D 264 -6.37 -3.08 16.09
CA PRO D 264 -6.90 -4.10 17.00
C PRO D 264 -5.98 -4.35 18.18
N MET D 265 -4.73 -3.90 18.09
CA MET D 265 -3.74 -4.20 19.13
C MET D 265 -3.71 -3.17 20.24
N GLU D 266 -4.47 -2.09 20.06
CA GLU D 266 -4.50 -0.97 21.00
C GLU D 266 -4.66 -1.39 22.46
N GLN D 267 -3.76 -0.90 23.32
CA GLN D 267 -3.70 -1.28 24.73
C GLN D 267 -4.59 -0.42 25.62
N ASP D 268 -5.02 0.72 25.11
CA ASP D 268 -5.83 1.62 25.93
C ASP D 268 -7.20 1.90 25.32
N LEU D 269 -7.83 0.87 24.77
CA LEU D 269 -9.24 0.97 24.41
C LEU D 269 -10.03 1.24 25.68
N PRO D 270 -11.06 2.08 25.57
CA PRO D 270 -11.89 2.39 26.74
C PRO D 270 -12.57 1.15 27.30
N PHE D 271 -12.81 1.15 28.62
CA PHE D 271 -13.57 0.12 29.30
C PHE D 271 -15.06 0.38 29.05
N ILE D 272 -15.53 1.51 29.58
CA ILE D 272 -16.90 1.96 29.36
C ILE D 272 -17.07 2.61 27.98
N CYS D 273 -18.06 2.13 27.22
CA CYS D 273 -18.34 2.65 25.90
C CYS D 273 -19.79 3.07 25.71
N HIS D 274 -20.04 3.87 24.68
CA HIS D 274 -21.39 4.30 24.33
C HIS D 274 -21.62 4.01 22.87
N ALA D 275 -22.60 3.16 22.63
CA ALA D 275 -22.88 2.68 21.28
C ALA D 275 -23.66 3.73 20.47
N ASN D 276 -23.68 3.58 19.14
CA ASN D 276 -24.40 4.53 18.31
C ASN D 276 -25.88 4.18 18.14
N ARG D 277 -26.31 3.17 18.87
CA ARG D 277 -27.66 2.64 18.77
C ARG D 277 -27.94 1.80 20.00
N LYS D 278 -29.20 1.42 20.19
CA LYS D 278 -29.55 0.50 21.26
C LYS D 278 -29.20 -0.93 20.86
N ILE D 279 -28.88 -1.72 21.87
CA ILE D 279 -28.30 -3.05 21.70
C ILE D 279 -29.33 -4.15 21.96
N SER D 280 -29.41 -5.12 21.03
CA SER D 280 -30.33 -6.25 21.15
C SER D 280 -29.62 -7.51 21.61
N VAL D 281 -30.39 -8.52 22.01
CA VAL D 281 -29.82 -9.81 22.39
C VAL D 281 -29.11 -10.42 21.18
N GLU D 282 -29.73 -10.26 20.00
CA GLU D 282 -29.13 -10.71 18.75
C GLU D 282 -27.75 -10.08 18.52
N ASP D 283 -27.63 -8.78 18.76
CA ASP D 283 -26.35 -8.08 18.66
C ASP D 283 -25.28 -8.69 19.55
N VAL D 284 -25.65 -8.92 20.82
CA VAL D 284 -24.72 -9.49 21.78
C VAL D 284 -24.27 -10.87 21.34
N LYS D 285 -25.21 -11.70 20.91
CA LYS D 285 -24.84 -13.05 20.44
C LYS D 285 -23.94 -12.95 19.22
N PHE D 286 -24.20 -12.01 18.32
CA PHE D 286 -23.31 -11.86 17.16
C PHE D 286 -21.86 -11.62 17.58
N VAL D 287 -21.66 -10.65 18.47
CA VAL D 287 -20.28 -10.36 18.88
C VAL D 287 -19.68 -11.56 19.59
N LEU D 288 -20.48 -12.22 20.44
CA LEU D 288 -19.99 -13.40 21.16
C LEU D 288 -19.73 -14.62 20.27
N SER D 289 -20.18 -14.55 19.01
CA SER D 289 -19.97 -15.65 18.07
C SER D 289 -18.93 -15.32 17.01
N SER D 290 -18.29 -14.16 17.16
CA SER D 290 -17.52 -13.60 16.05
C SER D 290 -16.09 -14.11 15.95
N HIS D 291 -15.57 -13.93 14.73
CA HIS D 291 -14.23 -14.38 14.38
C HIS D 291 -13.66 -13.36 13.39
N PHE D 292 -13.75 -12.09 13.77
CA PHE D 292 -13.18 -10.97 13.01
C PHE D 292 -13.66 -10.96 11.55
N GLU D 293 -14.94 -11.24 11.36
CA GLU D 293 -15.54 -11.25 10.02
C GLU D 293 -15.22 -9.95 9.29
N ASN D 294 -14.88 -10.08 8.02
CA ASN D 294 -14.56 -8.98 7.11
C ASN D 294 -13.25 -8.28 7.46
N THR D 295 -12.38 -9.01 8.14
CA THR D 295 -10.99 -8.58 8.30
C THR D 295 -10.04 -9.71 7.92
N LYS D 296 -8.77 -9.38 7.74
CA LYS D 296 -7.77 -10.36 7.39
C LYS D 296 -7.47 -11.34 8.55
N TYR D 297 -8.05 -11.05 9.72
CA TYR D 297 -7.81 -11.86 10.92
C TYR D 297 -8.85 -12.96 11.13
N ASP D 298 -9.76 -13.08 10.17
CA ASP D 298 -10.81 -14.10 10.19
C ASP D 298 -10.24 -15.44 9.77
N VAL D 299 -10.26 -16.43 10.67
CA VAL D 299 -9.66 -17.74 10.37
C VAL D 299 -10.37 -18.43 9.21
N TYR D 300 -11.63 -18.05 8.99
CA TYR D 300 -12.41 -18.60 7.87
C TYR D 300 -12.37 -17.70 6.63
N GLY D 301 -11.58 -16.64 6.70
CA GLY D 301 -11.57 -15.59 5.67
C GLY D 301 -10.46 -15.72 4.63
N SER D 302 -10.08 -14.60 4.03
CA SER D 302 -9.16 -14.63 2.89
C SER D 302 -7.72 -14.25 3.21
N GLY D 303 -7.43 -14.01 4.49
CA GLY D 303 -6.11 -13.58 4.88
C GLY D 303 -5.03 -14.64 4.76
N SER D 304 -3.78 -14.22 4.95
CA SER D 304 -2.66 -15.16 4.98
C SER D 304 -2.78 -16.10 6.15
N GLN D 305 -2.08 -17.22 6.09
CA GLN D 305 -2.12 -18.20 7.18
C GLN D 305 -1.71 -17.53 8.49
N SER D 306 -0.71 -16.66 8.44
CA SER D 306 -0.25 -16.01 9.66
C SER D 306 -1.28 -15.00 10.17
N ASP D 307 -1.87 -14.22 9.28
CA ASP D 307 -2.89 -13.25 9.73
C ASP D 307 -4.13 -13.95 10.27
N LYS D 308 -4.53 -15.04 9.60
CA LYS D 308 -5.74 -15.78 9.98
C LYS D 308 -5.67 -16.43 11.34
N THR D 309 -4.45 -16.64 11.84
CA THR D 309 -4.28 -17.37 13.09
C THR D 309 -3.62 -16.48 14.16
N LEU D 310 -3.44 -15.21 13.85
CA LEU D 310 -2.74 -14.30 14.76
C LEU D 310 -3.55 -13.98 16.03
N PHE D 311 -4.86 -13.81 15.87
CA PHE D 311 -5.72 -13.37 16.97
C PHE D 311 -6.62 -14.46 17.52
N ARG D 312 -6.84 -14.45 18.83
CA ARG D 312 -7.84 -15.32 19.44
C ARG D 312 -9.23 -14.80 19.11
N PRO D 313 -10.06 -15.62 18.45
CA PRO D 313 -11.43 -15.19 18.13
C PRO D 313 -12.34 -15.24 19.35
N ILE D 314 -13.54 -14.67 19.22
CA ILE D 314 -14.50 -14.65 20.31
C ILE D 314 -15.34 -15.93 20.27
N GLY D 315 -16.01 -16.20 19.16
CA GLY D 315 -16.53 -17.53 18.93
C GLY D 315 -15.34 -18.46 18.77
N ILE D 316 -15.37 -19.64 19.40
CA ILE D 316 -14.18 -20.49 19.43
C ILE D 316 -14.56 -21.93 19.75
N ASN D 317 -13.71 -22.89 19.37
CA ASN D 317 -14.05 -24.30 19.56
C ASN D 317 -14.32 -24.66 21.00
N ARG D 318 -13.72 -23.91 21.92
CA ARG D 318 -13.89 -24.23 23.33
C ARG D 318 -14.91 -23.33 24.04
N ASN D 319 -15.81 -22.67 23.28
CA ASN D 319 -17.05 -22.17 23.90
C ASN D 319 -17.80 -23.36 24.50
N HIS D 320 -17.84 -23.50 25.82
CA HIS D 320 -18.57 -24.63 26.42
C HIS D 320 -20.05 -24.29 26.59
N ASN D 321 -20.32 -23.11 27.14
CA ASN D 321 -21.67 -22.56 27.08
C ASN D 321 -21.56 -21.06 26.81
N VAL D 322 -22.63 -20.47 26.29
CA VAL D 322 -22.75 -19.04 26.22
C VAL D 322 -24.05 -18.66 26.92
N HIS D 323 -23.99 -17.64 27.77
CA HIS D 323 -25.19 -17.21 28.45
C HIS D 323 -25.33 -15.71 28.37
N ILE D 324 -26.57 -15.27 28.18
CA ILE D 324 -26.90 -13.86 28.23
C ILE D 324 -27.99 -13.76 29.28
N LEU D 325 -27.65 -13.14 30.40
CA LEU D 325 -28.60 -13.02 31.51
C LEU D 325 -29.28 -11.68 31.40
N GLN D 326 -30.60 -11.72 31.22
CA GLN D 326 -31.38 -10.53 30.96
C GLN D 326 -32.37 -10.31 32.09
N ILE D 327 -32.35 -9.12 32.69
CA ILE D 327 -33.40 -8.73 33.63
C ILE D 327 -34.26 -7.66 32.96
N ARG D 328 -35.47 -8.05 32.59
CA ARG D 328 -36.34 -7.19 31.82
C ARG D 328 -37.10 -6.20 32.71
N ASN D 329 -37.53 -5.10 32.12
CA ASN D 329 -38.32 -4.10 32.83
C ASN D 329 -39.68 -3.86 32.22
N ASN D 330 -39.93 -4.44 31.06
CA ASN D 330 -41.19 -4.20 30.36
C ASN D 330 -42.29 -5.22 30.74
N VAL D 331 -42.07 -5.94 31.84
CA VAL D 331 -42.91 -7.09 32.22
C VAL D 331 -43.06 -7.26 33.74
N PRO D 332 -44.06 -8.06 34.18
CA PRO D 332 -44.15 -8.43 35.60
C PRO D 332 -42.88 -9.13 36.10
N THR D 333 -42.54 -8.96 37.38
CA THR D 333 -41.28 -9.52 37.88
C THR D 333 -41.19 -11.04 37.74
N GLU D 334 -42.34 -11.72 37.73
CA GLU D 334 -42.33 -13.18 37.65
C GLU D 334 -41.84 -13.68 36.28
N ILE D 335 -41.76 -12.78 35.29
CA ILE D 335 -41.16 -13.17 33.99
C ILE D 335 -40.03 -12.22 33.56
N ALA D 336 -39.48 -11.47 34.51
CA ALA D 336 -38.43 -10.51 34.18
C ALA D 336 -37.10 -11.17 33.88
N GLY D 337 -36.81 -12.27 34.56
CA GLY D 337 -35.52 -12.92 34.45
C GLY D 337 -35.44 -13.94 33.34
N ILE D 338 -34.57 -13.68 32.37
CA ILE D 338 -34.38 -14.59 31.23
C ILE D 338 -32.93 -15.05 31.21
N HIS D 339 -32.76 -16.36 31.27
CA HIS D 339 -31.44 -16.98 31.20
C HIS D 339 -31.24 -17.51 29.78
N TRP D 340 -30.77 -16.67 28.87
CA TRP D 340 -30.49 -17.09 27.49
C TRP D 340 -29.33 -18.08 27.49
N LEU D 341 -29.43 -19.17 26.74
CA LEU D 341 -28.42 -20.22 26.83
C LEU D 341 -28.17 -20.95 25.52
N ALA D 342 -26.90 -21.21 25.23
CA ALA D 342 -26.52 -22.17 24.19
C ALA D 342 -25.23 -22.88 24.58
N TYR D 343 -24.91 -23.94 23.82
CA TYR D 343 -23.76 -24.80 24.09
C TYR D 343 -22.88 -24.91 22.86
N GLY D 344 -21.59 -25.18 23.08
CA GLY D 344 -20.67 -25.47 21.98
C GLY D 344 -20.24 -24.23 21.22
N ALA D 345 -19.33 -24.39 20.26
CA ALA D 345 -18.81 -23.26 19.51
C ALA D 345 -19.96 -22.42 18.94
N ASN D 346 -19.87 -21.11 19.15
CA ASN D 346 -21.02 -20.24 18.93
C ASN D 346 -21.35 -19.98 17.47
N THR D 347 -20.50 -20.48 16.57
CA THR D 347 -20.76 -20.31 15.16
C THR D 347 -21.99 -21.06 14.67
N PHE D 348 -22.38 -22.14 15.33
CA PHE D 348 -23.48 -22.94 14.80
C PHE D 348 -24.58 -23.24 15.81
N ASN D 349 -24.75 -22.34 16.78
CA ASN D 349 -25.85 -22.47 17.74
C ASN D 349 -26.70 -21.19 17.81
N THR D 350 -27.75 -21.23 18.61
CA THR D 350 -28.53 -20.05 18.93
C THR D 350 -28.85 -20.03 20.42
N VAL D 351 -28.84 -18.84 21.02
CA VAL D 351 -29.28 -18.72 22.41
C VAL D 351 -30.79 -18.80 22.53
N VAL D 352 -31.25 -19.53 23.54
CA VAL D 352 -32.66 -19.79 23.78
C VAL D 352 -33.08 -19.04 25.04
N PRO D 353 -34.18 -18.27 24.97
CA PRO D 353 -34.56 -17.39 26.09
C PRO D 353 -35.32 -18.10 27.20
N PHE D 354 -34.65 -18.94 27.99
CA PHE D 354 -35.33 -19.65 29.06
C PHE D 354 -35.78 -18.72 30.18
N TYR D 355 -37.02 -18.88 30.61
CA TYR D 355 -37.49 -18.20 31.80
C TYR D 355 -36.75 -18.74 33.02
N ALA D 356 -36.22 -17.84 33.84
CA ALA D 356 -35.46 -18.26 35.02
C ALA D 356 -36.36 -18.65 36.19
N ASN D 357 -37.60 -18.16 36.16
CA ASN D 357 -38.53 -18.39 37.27
C ASN D 357 -39.20 -19.77 37.16
N VAL D 358 -38.40 -20.81 37.34
CA VAL D 358 -38.84 -22.20 37.22
C VAL D 358 -38.13 -23.05 38.28
N ASN D 359 -38.67 -24.22 38.58
CA ASN D 359 -38.07 -25.11 39.58
C ASN D 359 -37.24 -26.23 38.98
N ASP D 360 -37.34 -26.38 37.67
CA ASP D 360 -36.64 -27.44 36.94
C ASP D 360 -36.41 -26.97 35.51
N THR D 361 -35.62 -27.72 34.76
CA THR D 361 -35.15 -27.31 33.45
C THR D 361 -35.40 -28.37 32.37
N PRO D 362 -35.41 -27.98 31.08
CA PRO D 362 -35.75 -28.94 30.03
C PRO D 362 -34.72 -30.07 29.83
N VAL D 363 -35.23 -31.26 29.50
CA VAL D 363 -34.39 -32.46 29.45
C VAL D 363 -33.20 -32.34 28.49
N GLN D 364 -33.41 -31.73 27.32
CA GLN D 364 -32.36 -31.67 26.31
C GLN D 364 -31.23 -30.75 26.75
N TYR D 365 -31.49 -29.92 27.75
CA TYR D 365 -30.48 -28.99 28.22
C TYR D 365 -29.93 -29.39 29.60
N LYS D 366 -30.67 -30.24 30.31
CA LYS D 366 -30.30 -30.60 31.67
C LYS D 366 -29.44 -31.85 31.76
N ASN D 367 -29.63 -32.79 30.84
CA ASN D 367 -29.19 -34.17 31.11
C ASN D 367 -27.92 -34.66 30.42
N ALA D 368 -27.04 -33.75 29.98
CA ALA D 368 -25.77 -34.21 29.40
C ALA D 368 -24.92 -34.96 30.41
N THR D 369 -24.31 -36.06 29.96
CA THR D 369 -23.32 -36.77 30.74
C THR D 369 -22.04 -36.85 29.91
N GLY D 370 -21.07 -37.59 30.41
CA GLY D 370 -19.82 -37.80 29.68
C GLY D 370 -20.00 -38.74 28.49
N LYS D 371 -21.16 -39.38 28.39
CA LYS D 371 -21.44 -40.26 27.26
C LYS D 371 -22.00 -39.45 26.09
N PHE D 372 -21.40 -39.62 24.91
CA PHE D 372 -21.87 -38.93 23.72
C PHE D 372 -23.32 -39.28 23.40
N ASP D 373 -24.18 -38.26 23.35
CA ASP D 373 -25.61 -38.48 23.12
C ASP D 373 -26.18 -37.33 22.30
N LEU D 374 -26.50 -37.62 21.03
CA LEU D 374 -26.93 -36.58 20.11
C LEU D 374 -28.39 -36.17 20.32
N ASN D 375 -29.04 -36.81 21.27
CA ASN D 375 -30.35 -36.34 21.73
C ASN D 375 -30.24 -35.18 22.70
N ASN D 376 -29.02 -34.95 23.17
CA ASN D 376 -28.74 -33.85 24.09
C ASN D 376 -28.17 -32.64 23.37
N MET D 377 -28.56 -31.43 23.78
CA MET D 377 -28.17 -30.24 23.05
C MET D 377 -26.69 -29.87 23.16
N TYR D 378 -26.02 -30.28 24.24
CA TYR D 378 -24.58 -30.01 24.29
C TYR D 378 -23.88 -30.79 23.15
N TRP D 379 -24.08 -32.09 23.11
CA TRP D 379 -23.37 -32.90 22.14
C TRP D 379 -23.82 -32.58 20.71
N LEU D 380 -25.11 -32.35 20.51
CA LEU D 380 -25.61 -32.04 19.17
C LEU D 380 -25.04 -30.72 18.65
N SER D 381 -25.00 -29.71 19.51
CA SER D 381 -24.47 -28.39 19.11
C SER D 381 -22.96 -28.45 18.79
N CYS D 382 -22.21 -29.17 19.61
CA CYS D 382 -20.77 -29.33 19.35
C CYS D 382 -20.52 -30.05 18.03
N THR D 383 -21.32 -31.10 17.75
CA THR D 383 -21.17 -31.86 16.52
C THR D 383 -21.44 -30.94 15.31
N THR D 384 -22.45 -30.10 15.41
CA THR D 384 -22.80 -29.19 14.31
C THR D 384 -21.66 -28.21 14.04
N ALA D 385 -21.11 -27.64 15.10
CA ALA D 385 -20.06 -26.64 14.94
C ALA D 385 -18.77 -27.23 14.37
N LEU D 386 -18.45 -28.46 14.76
CA LEU D 386 -17.27 -29.12 14.20
C LEU D 386 -17.43 -29.34 12.70
N LEU D 387 -18.58 -29.88 12.30
CA LEU D 387 -18.82 -30.10 10.89
C LEU D 387 -18.77 -28.76 10.15
N GLY D 388 -19.41 -27.74 10.71
CA GLY D 388 -19.39 -26.43 10.08
C GLY D 388 -17.98 -25.90 9.87
N ASP D 389 -17.12 -26.16 10.84
CA ASP D 389 -15.71 -25.73 10.81
C ASP D 389 -14.94 -26.31 9.63
N THR D 390 -15.37 -27.47 9.14
CA THR D 390 -14.61 -28.13 8.08
C THR D 390 -14.76 -27.48 6.72
N ASP D 391 -15.80 -26.67 6.55
CA ASP D 391 -16.00 -25.93 5.30
C ASP D 391 -16.99 -24.81 5.57
N TYR D 392 -16.53 -23.79 6.28
CA TYR D 392 -17.43 -22.75 6.78
C TYR D 392 -18.19 -22.07 5.66
N ASP D 393 -17.48 -21.66 4.60
CA ASP D 393 -18.18 -20.95 3.52
C ASP D 393 -19.27 -21.78 2.84
N PHE D 394 -19.09 -23.11 2.85
CA PHE D 394 -20.06 -24.03 2.28
C PHE D 394 -21.32 -24.14 3.15
N TYR D 395 -21.16 -24.04 4.47
CA TYR D 395 -22.27 -24.24 5.40
C TYR D 395 -22.90 -22.96 5.94
N VAL D 396 -22.29 -21.82 5.67
CA VAL D 396 -22.68 -20.58 6.38
C VAL D 396 -24.08 -20.10 5.97
N ASP D 397 -24.50 -20.38 4.75
CA ASP D 397 -25.83 -19.91 4.34
C ASP D 397 -26.92 -20.66 5.07
N MET D 398 -26.76 -21.97 5.21
CA MET D 398 -27.68 -22.75 6.01
C MET D 398 -27.67 -22.29 7.46
N ARG D 399 -26.48 -22.01 7.98
CA ARG D 399 -26.33 -21.49 9.34
C ARG D 399 -27.14 -20.20 9.50
N ASN D 400 -26.96 -19.26 8.56
CA ASN D 400 -27.65 -17.98 8.64
C ASN D 400 -29.17 -18.13 8.59
N ASP D 401 -29.65 -19.03 7.74
CA ASP D 401 -31.09 -19.29 7.64
C ASP D 401 -31.64 -19.83 8.95
N TYR D 402 -30.91 -20.80 9.51
CA TYR D 402 -31.27 -21.41 10.78
C TYR D 402 -31.34 -20.39 11.91
N GLU D 403 -30.37 -19.48 11.99
CA GLU D 403 -30.36 -18.49 13.05
C GLU D 403 -31.62 -17.63 13.02
N LEU D 404 -31.99 -17.14 11.83
CA LEU D 404 -33.17 -16.29 11.70
C LEU D 404 -34.42 -17.08 12.05
N ASP D 405 -34.50 -18.29 11.50
CA ASP D 405 -35.65 -19.14 11.69
C ASP D 405 -35.83 -19.51 13.16
N ALA D 406 -34.73 -19.86 13.83
CA ALA D 406 -34.80 -20.27 15.22
C ALA D 406 -35.12 -19.10 16.16
N MET D 407 -34.42 -17.99 16.00
CA MET D 407 -34.66 -16.84 16.86
C MET D 407 -36.07 -16.31 16.69
N SER D 408 -36.59 -16.35 15.46
CA SER D 408 -37.98 -15.92 15.22
C SER D 408 -38.96 -16.80 15.98
N ALA D 409 -38.70 -18.12 15.96
CA ALA D 409 -39.55 -19.06 16.67
C ALA D 409 -39.48 -18.85 18.19
N TYR D 410 -38.30 -18.60 18.71
CA TYR D 410 -38.16 -18.38 20.16
C TYR D 410 -38.92 -17.13 20.57
N ARG D 411 -38.80 -16.08 19.77
CA ARG D 411 -39.45 -14.82 20.12
C ARG D 411 -40.96 -14.94 20.05
N LYS D 412 -41.47 -15.73 19.11
CA LYS D 412 -42.91 -15.95 19.03
C LYS D 412 -43.40 -16.62 20.32
N ILE D 413 -42.70 -17.66 20.76
CA ILE D 413 -43.04 -18.35 21.99
C ILE D 413 -42.95 -17.41 23.19
N GLN D 414 -41.88 -16.62 23.27
CA GLN D 414 -41.74 -15.66 24.35
C GLN D 414 -42.89 -14.64 24.35
N ASN D 415 -43.17 -14.08 23.18
CA ASN D 415 -44.24 -13.08 23.07
C ASN D 415 -45.58 -13.64 23.48
N ASP D 416 -45.86 -14.85 23.03
CA ASP D 416 -47.11 -15.51 23.38
C ASP D 416 -47.20 -15.81 24.88
N THR D 417 -46.09 -16.25 25.45
CA THR D 417 -46.05 -16.60 26.86
C THR D 417 -46.19 -15.35 27.73
N ASP D 418 -45.46 -14.30 27.39
CA ASP D 418 -45.54 -13.03 28.10
C ASP D 418 -46.97 -12.49 28.08
N ALA D 419 -47.62 -12.60 26.92
CA ALA D 419 -48.95 -12.02 26.72
C ALA D 419 -50.03 -12.65 27.61
N ASP D 420 -49.83 -13.90 28.03
CA ASP D 420 -50.85 -14.63 28.79
C ASP D 420 -50.46 -14.87 30.26
N ILE D 421 -49.52 -14.08 30.78
CA ILE D 421 -48.98 -14.35 32.12
C ILE D 421 -49.98 -13.98 33.21
N SER D 422 -50.83 -13.00 32.93
CA SER D 422 -51.76 -12.50 33.93
C SER D 422 -52.75 -13.58 34.34
N GLY D 423 -52.92 -13.78 35.64
CA GLY D 423 -53.93 -14.70 36.14
C GLY D 423 -53.50 -16.15 36.21
N GLN D 424 -52.28 -16.46 35.76
CA GLN D 424 -51.79 -17.84 35.88
C GLN D 424 -51.68 -18.20 37.36
N LYS D 425 -52.31 -19.31 37.72
CA LYS D 425 -52.38 -19.70 39.12
C LYS D 425 -51.19 -20.59 39.55
N ASP D 426 -50.48 -21.15 38.57
CA ASP D 426 -49.22 -21.83 38.88
C ASP D 426 -48.15 -21.33 37.92
N ILE D 427 -47.43 -20.29 38.33
CA ILE D 427 -46.48 -19.60 37.47
C ILE D 427 -45.35 -20.49 37.01
N GLU D 428 -44.73 -21.20 37.95
CA GLU D 428 -43.60 -22.04 37.63
C GLU D 428 -43.99 -23.14 36.63
N LYS D 429 -45.18 -23.72 36.78
CA LYS D 429 -45.61 -24.74 35.82
C LYS D 429 -45.85 -24.14 34.44
N TYR D 430 -46.43 -22.94 34.41
CA TYR D 430 -46.69 -22.24 33.17
C TYR D 430 -45.36 -21.94 32.45
N LEU D 431 -44.37 -21.47 33.18
CA LEU D 431 -43.09 -21.14 32.58
C LEU D 431 -42.25 -22.37 32.27
N GLU D 432 -42.39 -23.45 33.04
CA GLU D 432 -41.69 -24.69 32.70
C GLU D 432 -42.23 -25.25 31.39
N ASN D 433 -43.53 -25.07 31.16
CA ASN D 433 -44.13 -25.49 29.90
C ASN D 433 -43.59 -24.66 28.74
N ALA D 434 -43.45 -23.36 28.96
CA ALA D 434 -42.90 -22.47 27.94
C ALA D 434 -41.45 -22.86 27.62
N ASN D 435 -40.68 -23.15 28.67
CA ASN D 435 -39.28 -23.56 28.49
C ASN D 435 -39.17 -24.90 27.77
N LYS D 436 -40.12 -25.80 28.03
CA LYS D 436 -40.14 -27.06 27.30
C LYS D 436 -40.42 -26.83 25.82
N LYS D 437 -41.36 -25.93 25.52
CA LYS D 437 -41.64 -25.60 24.13
C LYS D 437 -40.40 -25.02 23.47
N LEU D 438 -39.72 -24.12 24.17
CA LEU D 438 -38.49 -23.51 23.66
C LEU D 438 -37.40 -24.54 23.37
N ALA D 439 -37.15 -25.42 24.34
CA ALA D 439 -36.11 -26.44 24.16
C ALA D 439 -36.48 -27.42 23.06
N ASP D 440 -37.77 -27.78 22.99
CA ASP D 440 -38.21 -28.73 21.96
C ASP D 440 -37.94 -28.16 20.57
N VAL D 441 -38.31 -26.90 20.36
CA VAL D 441 -38.10 -26.26 19.07
C VAL D 441 -36.61 -26.05 18.81
N ALA D 442 -35.88 -25.66 19.84
CA ALA D 442 -34.43 -25.47 19.70
C ALA D 442 -33.77 -26.75 19.22
N PHE D 443 -34.16 -27.88 19.83
CA PHE D 443 -33.59 -29.16 19.42
C PHE D 443 -34.00 -29.49 17.98
N GLU D 444 -35.28 -29.33 17.66
CA GLU D 444 -35.73 -29.67 16.31
C GLU D 444 -34.99 -28.87 15.24
N LYS D 445 -34.79 -27.59 15.50
CA LYS D 445 -34.13 -26.73 14.52
C LYS D 445 -32.63 -26.99 14.46
N GLN D 446 -32.00 -27.28 15.60
CA GLN D 446 -30.59 -27.64 15.60
C GLN D 446 -30.37 -28.92 14.81
N ASN D 447 -31.23 -29.90 15.06
CA ASN D 447 -31.16 -31.18 14.38
C ASN D 447 -31.41 -31.06 12.88
N LYS D 448 -32.40 -30.25 12.51
CA LYS D 448 -32.69 -30.05 11.10
C LYS D 448 -31.50 -29.38 10.40
N LEU D 449 -30.87 -28.42 11.09
CA LEU D 449 -29.68 -27.78 10.54
C LEU D 449 -28.57 -28.81 10.30
N LEU D 450 -28.28 -29.63 11.30
CA LEU D 450 -27.21 -30.63 11.13
C LEU D 450 -27.56 -31.57 9.99
N GLY D 451 -28.83 -31.97 9.91
CA GLY D 451 -29.26 -32.85 8.85
C GLY D 451 -29.08 -32.26 7.47
N ASP D 452 -29.42 -30.98 7.35
CA ASP D 452 -29.24 -30.28 6.08
C ASP D 452 -27.75 -30.17 5.74
N MET D 453 -26.91 -29.95 6.74
CA MET D 453 -25.47 -29.89 6.52
C MET D 453 -24.94 -31.24 6.10
N VAL D 454 -25.42 -32.31 6.73
CA VAL D 454 -24.93 -33.64 6.40
C VAL D 454 -25.36 -34.05 4.99
N THR D 455 -26.60 -33.72 4.63
CA THR D 455 -27.13 -34.08 3.33
C THR D 455 -26.40 -33.35 2.21
N THR D 456 -26.28 -32.04 2.35
CA THR D 456 -25.59 -31.24 1.35
C THR D 456 -24.08 -31.49 1.37
N GLY D 457 -23.51 -31.59 2.57
CA GLY D 457 -22.09 -31.84 2.72
C GLY D 457 -21.66 -33.16 2.11
N SER D 458 -22.51 -34.18 2.23
CA SER D 458 -22.16 -35.51 1.69
C SER D 458 -22.00 -35.46 0.17
N ASN D 459 -22.78 -34.62 -0.50
CA ASN D 459 -22.62 -34.41 -1.94
C ASN D 459 -21.26 -33.83 -2.31
N ASN D 460 -20.60 -33.17 -1.36
CA ASN D 460 -19.34 -32.49 -1.62
C ASN D 460 -18.15 -33.20 -0.98
N MET D 461 -18.33 -34.47 -0.60
CA MET D 461 -17.22 -35.21 -0.01
C MET D 461 -16.07 -35.40 -1.01
N LYS D 462 -14.86 -35.48 -0.49
CA LYS D 462 -13.71 -35.81 -1.33
C LYS D 462 -13.85 -37.18 -1.96
N LEU D 463 -14.32 -38.12 -1.17
CA LEU D 463 -14.54 -39.49 -1.62
C LEU D 463 -15.80 -39.54 -2.46
N ARG D 464 -15.68 -39.08 -3.70
CA ARG D 464 -16.80 -39.03 -4.63
C ARG D 464 -16.29 -39.19 -6.05
N TYR D 465 -17.18 -39.61 -6.94
CA TYR D 465 -16.92 -39.62 -8.36
C TYR D 465 -18.28 -39.68 -9.03
N ASN D 466 -18.69 -38.57 -9.61
CA ASN D 466 -20.00 -38.50 -10.24
C ASN D 466 -19.92 -38.51 -11.75
N LEU D 467 -20.89 -39.16 -12.36
CA LEU D 467 -21.12 -39.01 -13.79
C LEU D 467 -21.99 -37.77 -13.96
N ASN D 468 -21.54 -36.82 -14.77
CA ASN D 468 -22.30 -35.60 -14.91
C ASN D 468 -23.36 -35.72 -16.00
N ASP D 469 -24.39 -36.51 -15.71
CA ASP D 469 -25.48 -36.69 -16.67
C ASP D 469 -26.81 -36.84 -15.95
N CYS E 9 29.84 8.62 -15.56
CA CYS E 9 30.51 9.37 -14.51
C CYS E 9 29.51 10.05 -13.59
N THR E 10 29.95 10.31 -12.37
CA THR E 10 29.18 11.12 -11.41
C THR E 10 30.13 12.13 -10.80
N SER E 11 29.71 13.39 -10.73
CA SER E 11 30.54 14.47 -10.20
C SER E 11 29.89 15.15 -9.01
N ILE E 12 30.72 15.53 -8.04
CA ILE E 12 30.24 16.29 -6.88
C ILE E 12 31.15 17.50 -6.66
N LEU E 13 30.53 18.68 -6.55
CA LEU E 13 31.24 19.94 -6.36
C LEU E 13 30.84 20.57 -5.04
N VAL E 14 31.81 21.12 -4.32
CA VAL E 14 31.51 21.75 -3.03
C VAL E 14 32.23 23.10 -2.89
N GLY E 15 31.47 24.16 -2.63
CA GLY E 15 32.02 25.50 -2.44
C GLY E 15 32.74 25.64 -1.12
N LYS E 16 33.55 26.69 -0.98
CA LYS E 16 34.46 26.78 0.15
C LYS E 16 33.77 27.02 1.49
N LYS E 17 32.55 27.54 1.45
CA LYS E 17 31.82 27.72 2.70
C LYS E 17 30.90 26.54 2.98
N ALA E 18 30.89 25.56 2.07
CA ALA E 18 30.01 24.40 2.21
C ALA E 18 30.75 23.19 2.77
N SER E 19 32.07 23.24 2.72
CA SER E 19 32.89 22.15 3.21
C SER E 19 33.13 22.25 4.72
N ILE E 20 33.46 21.13 5.34
CA ILE E 20 33.68 21.11 6.77
C ILE E 20 34.96 21.85 7.16
N ASP E 21 35.89 22.00 6.21
CA ASP E 21 37.20 22.58 6.55
C ASP E 21 37.53 23.85 5.79
N GLY E 22 36.56 24.38 5.05
CA GLY E 22 36.79 25.61 4.30
C GLY E 22 37.57 25.45 3.02
N SER E 23 37.74 24.20 2.59
CA SER E 23 38.37 23.90 1.31
C SER E 23 37.34 23.94 0.18
N THR E 24 37.81 24.02 -1.07
CA THR E 24 36.94 23.72 -2.22
C THR E 24 37.17 22.25 -2.59
N LEU E 25 36.11 21.61 -3.11
CA LEU E 25 36.20 20.23 -3.56
C LEU E 25 35.57 20.11 -4.95
N ILE E 26 36.27 19.48 -5.87
CA ILE E 26 35.63 19.01 -7.09
C ILE E 26 36.01 17.54 -7.25
N SER E 27 35.05 16.73 -7.67
CA SER E 27 35.27 15.29 -7.67
C SER E 27 34.54 14.64 -8.82
N ARG E 28 35.02 13.46 -9.19
CA ARG E 28 34.36 12.69 -10.24
C ARG E 28 34.76 11.24 -10.17
N ASN E 29 33.80 10.37 -10.44
CA ASN E 29 34.09 8.99 -10.80
C ASN E 29 34.39 8.92 -12.29
N ASP E 30 35.57 8.45 -12.62
CA ASP E 30 35.96 8.31 -14.01
C ASP E 30 35.49 6.93 -14.47
N ASP E 31 34.28 6.87 -14.99
CA ASP E 31 33.69 5.61 -15.41
C ASP E 31 33.89 5.38 -16.89
N GLY E 32 34.36 4.20 -17.27
CA GLY E 32 34.58 3.93 -18.67
C GLY E 32 33.51 3.01 -19.25
N HIS E 33 33.72 2.55 -20.47
CA HIS E 33 32.78 1.63 -21.10
C HIS E 33 33.08 0.20 -20.65
N GLU E 34 34.33 -0.23 -20.74
CA GLU E 34 34.74 -1.53 -20.22
C GLU E 34 34.88 -1.48 -18.71
N ALA E 35 34.65 -2.60 -18.03
CA ALA E 35 34.73 -2.64 -16.58
C ALA E 35 36.13 -2.25 -16.08
N LEU E 36 37.15 -2.91 -16.63
CA LEU E 36 38.53 -2.64 -16.23
C LEU E 36 39.33 -1.95 -17.33
N ASP E 37 40.13 -0.98 -16.94
CA ASP E 37 41.06 -0.29 -17.83
C ASP E 37 42.08 0.38 -16.93
N PRO E 38 43.29 -0.18 -16.86
CA PRO E 38 44.26 0.22 -15.84
C PRO E 38 44.62 1.71 -15.89
N GLN E 39 44.68 2.31 -14.71
CA GLN E 39 44.94 3.74 -14.53
C GLN E 39 46.26 3.96 -13.82
N ARG E 40 46.89 5.10 -14.12
CA ARG E 40 48.14 5.50 -13.44
C ARG E 40 47.99 6.87 -12.82
N PHE E 41 48.73 7.10 -11.74
CA PHE E 41 48.82 8.41 -11.07
C PHE E 41 50.17 9.02 -11.47
N VAL E 42 50.13 10.13 -12.21
CA VAL E 42 51.35 10.63 -12.86
C VAL E 42 51.47 12.14 -12.75
N VAL E 43 52.63 12.62 -12.31
CA VAL E 43 52.92 14.04 -12.39
C VAL E 43 53.60 14.35 -13.72
N VAL E 44 53.02 15.28 -14.46
CA VAL E 44 53.61 15.72 -15.72
C VAL E 44 54.43 16.97 -15.47
N ASN E 45 55.75 16.80 -15.49
CA ASN E 45 56.61 17.96 -15.31
C ASN E 45 56.70 18.74 -16.62
N PRO E 46 56.99 20.06 -16.54
CA PRO E 46 56.94 20.90 -17.75
C PRO E 46 57.77 20.37 -18.92
N GLU E 47 58.93 19.79 -18.65
CA GLU E 47 59.79 19.31 -19.73
C GLU E 47 59.18 18.14 -20.50
N ASP E 48 58.19 17.50 -19.90
CA ASP E 48 57.55 16.34 -20.54
C ASP E 48 56.20 16.68 -21.16
N GLN E 49 55.79 17.95 -21.05
CA GLN E 49 54.51 18.38 -21.62
C GLN E 49 54.68 18.74 -23.11
N PRO E 50 53.77 18.23 -23.97
CA PRO E 50 53.85 18.56 -25.40
C PRO E 50 53.70 20.04 -25.68
N ARG E 51 54.41 20.54 -26.69
CA ARG E 51 54.15 21.87 -27.22
C ARG E 51 53.37 21.75 -28.53
N ASP E 52 53.49 20.60 -29.18
CA ASP E 52 52.78 20.32 -30.42
C ASP E 52 51.92 19.09 -30.19
N TYR E 53 50.67 19.30 -29.79
CA TYR E 53 49.82 18.19 -29.36
C TYR E 53 48.94 17.66 -30.47
N THR E 54 48.92 16.35 -30.63
CA THR E 54 47.97 15.73 -31.55
C THR E 54 47.22 14.62 -30.83
N SER E 55 45.89 14.65 -30.91
CA SER E 55 45.10 13.62 -30.25
C SER E 55 45.10 12.34 -31.08
N VAL E 56 44.77 11.23 -30.42
CA VAL E 56 44.71 9.94 -31.08
C VAL E 56 43.34 9.71 -31.73
N ILE E 57 42.28 10.05 -31.01
CA ILE E 57 40.94 9.74 -31.52
C ILE E 57 40.52 10.63 -32.69
N SER E 58 40.68 11.94 -32.53
CA SER E 58 40.17 12.89 -33.52
C SER E 58 41.23 13.45 -34.45
N LYS E 59 42.50 13.22 -34.11
CA LYS E 59 43.65 13.76 -34.85
C LYS E 59 43.68 15.29 -34.82
N VAL E 60 43.02 15.91 -33.85
CA VAL E 60 43.10 17.37 -33.69
C VAL E 60 44.55 17.76 -33.36
N ASN E 61 45.02 18.86 -33.93
CA ASN E 61 46.37 19.33 -33.66
C ASN E 61 46.34 20.69 -32.96
N VAL E 62 46.92 20.75 -31.75
CA VAL E 62 46.87 21.96 -30.96
C VAL E 62 48.28 22.41 -30.58
N LYS E 63 48.65 23.60 -31.02
CA LYS E 63 49.91 24.21 -30.59
C LYS E 63 49.70 24.78 -29.20
N LEU E 64 50.56 24.39 -28.26
CA LEU E 64 50.40 24.79 -26.86
C LEU E 64 51.51 25.76 -26.44
N PRO E 65 51.23 26.62 -25.45
CA PRO E 65 52.23 27.57 -24.93
C PRO E 65 53.51 26.87 -24.45
N ASP E 66 54.62 27.61 -24.43
CA ASP E 66 55.91 27.03 -24.10
C ASP E 66 56.22 27.12 -22.59
N ASP E 67 55.23 27.58 -21.81
CA ASP E 67 55.42 27.68 -20.37
C ASP E 67 54.40 26.89 -19.53
N PRO E 68 54.25 25.58 -19.80
CA PRO E 68 53.27 24.81 -19.01
C PRO E 68 53.68 24.68 -17.55
N GLN E 69 52.69 24.64 -16.66
CA GLN E 69 52.91 24.32 -15.25
C GLN E 69 52.90 22.82 -15.02
N ARG E 70 53.64 22.39 -14.00
CA ARG E 70 53.56 21.01 -13.51
C ARG E 70 52.13 20.69 -13.08
N TYR E 71 51.69 19.46 -13.34
CA TYR E 71 50.36 19.08 -12.86
C TYR E 71 50.27 17.58 -12.57
N THR E 72 49.40 17.21 -11.63
CA THR E 72 49.05 15.80 -11.44
C THR E 72 48.06 15.40 -12.49
N SER E 73 47.96 14.09 -12.72
CA SER E 73 47.05 13.55 -13.72
C SER E 73 46.84 12.07 -13.48
N ILE E 74 45.84 11.51 -14.17
CA ILE E 74 45.49 10.10 -14.02
C ILE E 74 45.38 9.42 -15.38
N PRO E 75 46.49 9.36 -16.13
CA PRO E 75 46.44 8.83 -17.49
C PRO E 75 46.15 7.33 -17.55
N ASN E 76 45.54 6.88 -18.64
CA ASN E 76 45.41 5.45 -18.91
C ASN E 76 46.79 4.81 -19.07
N SER E 77 46.94 3.60 -18.54
CA SER E 77 48.15 2.81 -18.77
C SER E 77 48.29 2.42 -20.23
N ILE E 78 47.19 2.01 -20.83
CA ILE E 78 47.16 1.57 -22.21
C ILE E 78 46.77 2.77 -23.07
N LEU E 79 47.66 3.17 -23.98
CA LEU E 79 47.51 4.45 -24.68
C LEU E 79 46.89 4.33 -26.06
N THR E 80 46.24 3.20 -26.32
CA THR E 80 45.61 2.93 -27.61
C THR E 80 44.70 4.07 -28.08
N ASN E 81 43.97 4.68 -27.15
CA ASN E 81 43.04 5.75 -27.48
C ASN E 81 43.49 7.12 -26.97
N GLY E 82 44.78 7.26 -26.70
CA GLY E 82 45.27 8.52 -26.18
C GLY E 82 45.47 8.51 -24.68
N ILE E 83 45.80 9.67 -24.14
CA ILE E 83 46.26 9.75 -22.76
C ILE E 83 45.15 9.63 -21.72
N TRP E 84 44.04 10.33 -21.94
CA TRP E 84 42.92 10.33 -21.01
C TRP E 84 43.36 10.65 -19.58
N PRO E 85 43.89 11.86 -19.36
CA PRO E 85 44.46 12.26 -18.07
C PRO E 85 43.42 12.45 -16.95
N ALA E 86 42.14 12.62 -17.32
CA ALA E 86 41.01 12.71 -16.38
C ALA E 86 40.94 13.96 -15.49
N ALA E 87 41.98 14.25 -14.71
CA ALA E 87 41.87 15.27 -13.68
C ALA E 87 43.20 15.53 -13.04
N GLY E 88 43.37 16.73 -12.50
CA GLY E 88 44.56 17.02 -11.74
C GLY E 88 44.59 18.41 -11.14
N ILE E 89 45.71 18.69 -10.49
CA ILE E 89 45.95 19.96 -9.82
C ILE E 89 47.29 20.47 -10.32
N ASN E 90 47.36 21.74 -10.72
CA ASN E 90 48.63 22.29 -11.18
C ASN E 90 49.37 23.05 -10.07
N SER E 91 50.54 23.59 -10.40
CA SER E 91 51.38 24.21 -9.38
C SER E 91 50.87 25.58 -8.94
N SER E 92 49.83 26.07 -9.59
CA SER E 92 49.10 27.25 -9.12
C SER E 92 47.93 26.87 -8.21
N ASN E 93 47.84 25.60 -7.85
CA ASN E 93 46.73 25.07 -7.04
C ASN E 93 45.38 25.34 -7.69
N VAL E 94 45.33 25.13 -9.01
CA VAL E 94 44.07 25.08 -9.75
C VAL E 94 43.77 23.61 -10.02
N ALA E 95 42.52 23.21 -9.77
CA ALA E 95 42.07 21.84 -10.02
C ALA E 95 41.17 21.80 -11.24
N MET E 96 41.20 20.68 -11.95
CA MET E 96 40.33 20.49 -13.10
C MET E 96 39.95 19.03 -13.25
N SER E 97 38.69 18.75 -13.55
CA SER E 97 38.32 17.38 -13.89
C SER E 97 37.48 17.38 -15.16
N ALA E 98 37.90 16.56 -16.13
CA ALA E 98 37.25 16.51 -17.42
C ALA E 98 37.28 15.07 -17.93
N THR E 99 36.12 14.44 -18.12
CA THR E 99 34.82 15.08 -18.18
C THR E 99 33.72 14.23 -17.58
N GLU E 100 32.59 14.89 -17.38
CA GLU E 100 31.32 14.27 -17.13
C GLU E 100 30.55 14.29 -18.47
N THR E 101 30.37 13.13 -19.12
CA THR E 101 29.59 13.09 -20.36
C THR E 101 28.18 13.56 -20.04
N ILE E 102 27.67 14.55 -20.77
CA ILE E 102 26.30 15.00 -20.50
C ILE E 102 25.43 14.74 -21.71
N THR E 103 24.28 15.40 -21.76
CA THR E 103 23.34 15.18 -22.86
C THR E 103 23.15 16.43 -23.70
N THR E 104 22.45 16.27 -24.81
CA THR E 104 22.22 17.35 -25.77
C THR E 104 20.84 17.13 -26.38
N ASN E 105 20.49 17.86 -27.45
CA ASN E 105 19.27 17.53 -28.18
C ASN E 105 19.40 17.89 -29.64
N SER E 106 18.46 17.41 -30.44
CA SER E 106 18.58 17.50 -31.89
C SER E 106 18.41 18.93 -32.41
N ARG E 107 17.71 19.78 -31.66
CA ARG E 107 17.48 21.14 -32.11
C ARG E 107 18.79 21.94 -32.10
N VAL E 108 19.59 21.80 -31.05
CA VAL E 108 20.87 22.52 -31.04
C VAL E 108 21.92 21.81 -31.91
N GLN E 109 21.91 20.48 -31.95
CA GLN E 109 22.88 19.76 -32.78
C GLN E 109 22.69 20.09 -34.25
N GLY E 110 21.45 20.39 -34.65
CA GLY E 110 21.14 20.78 -36.01
C GLY E 110 21.70 22.14 -36.38
N LEU E 111 21.98 22.95 -35.38
CA LEU E 111 22.51 24.30 -35.61
C LEU E 111 24.03 24.36 -35.46
N ASP E 112 24.57 23.56 -34.54
CA ASP E 112 26.00 23.55 -34.25
C ASP E 112 26.45 22.11 -34.03
N PRO E 113 26.64 21.36 -35.12
CA PRO E 113 27.00 19.94 -35.03
C PRO E 113 28.36 19.69 -34.38
N PHE E 114 28.54 18.48 -33.87
CA PHE E 114 29.84 18.03 -33.39
C PHE E 114 30.89 18.18 -34.47
N VAL E 115 32.12 18.45 -34.06
CA VAL E 115 33.25 18.60 -34.97
C VAL E 115 34.12 17.36 -34.88
N GLU E 116 34.16 16.57 -35.94
CA GLU E 116 34.81 15.25 -35.93
C GLU E 116 36.31 15.32 -35.58
N ASN E 117 36.99 16.37 -36.02
CA ASN E 117 38.40 16.51 -35.67
C ASN E 117 38.59 17.56 -34.58
N GLY E 118 37.63 17.61 -33.66
CA GLY E 118 37.68 18.54 -32.54
C GLY E 118 38.29 17.92 -31.30
N LEU E 119 38.14 18.64 -30.18
CA LEU E 119 38.66 18.19 -28.90
C LEU E 119 37.70 17.24 -28.20
N GLY E 120 38.24 16.39 -27.35
CA GLY E 120 37.41 15.48 -26.55
C GLY E 120 37.97 15.28 -25.16
N GLU E 121 37.27 14.46 -24.37
CA GLU E 121 37.73 14.07 -23.05
C GLU E 121 39.15 13.51 -23.04
N GLU E 122 39.54 12.86 -24.13
CA GLU E 122 40.91 12.39 -24.31
C GLU E 122 41.92 13.49 -24.01
N ASP E 123 41.54 14.73 -24.33
CA ASP E 123 42.48 15.84 -24.47
C ASP E 123 42.39 16.94 -23.41
N LEU E 124 41.22 17.15 -22.82
CA LEU E 124 40.94 18.46 -22.22
C LEU E 124 41.89 18.88 -21.08
N VAL E 125 42.17 18.00 -20.12
CA VAL E 125 43.04 18.41 -19.01
C VAL E 125 44.41 18.80 -19.57
N THR E 126 44.91 18.02 -20.50
CA THR E 126 46.24 18.23 -21.08
C THR E 126 46.37 19.59 -21.76
N VAL E 127 45.32 20.02 -22.44
CA VAL E 127 45.42 21.25 -23.23
C VAL E 127 44.95 22.49 -22.45
N VAL E 128 44.38 22.30 -21.26
CA VAL E 128 43.89 23.44 -20.46
C VAL E 128 44.63 23.66 -19.13
N LEU E 129 44.68 22.64 -18.28
CA LEU E 129 45.18 22.80 -16.92
C LEU E 129 46.59 23.41 -16.76
N PRO E 130 47.56 23.03 -17.63
CA PRO E 130 48.92 23.57 -17.42
C PRO E 130 49.05 25.06 -17.67
N TYR E 131 48.01 25.71 -18.18
CA TYR E 131 48.18 27.06 -18.74
C TYR E 131 47.32 28.11 -18.06
N VAL E 132 46.73 27.77 -16.93
CA VAL E 132 45.83 28.68 -16.24
C VAL E 132 46.20 28.81 -14.76
N LYS E 133 45.89 29.96 -14.16
CA LYS E 133 46.28 30.21 -12.79
C LYS E 133 45.08 30.47 -11.88
N SER E 134 43.89 30.30 -12.43
CA SER E 134 42.67 30.35 -11.64
C SER E 134 41.59 29.48 -12.27
N ALA E 135 40.58 29.14 -11.49
CA ALA E 135 39.46 28.36 -12.03
C ALA E 135 38.77 29.14 -13.15
N ARG E 136 38.59 30.44 -12.95
CA ARG E 136 37.93 31.28 -13.96
C ARG E 136 38.74 31.30 -15.26
N GLU E 137 40.06 31.39 -15.16
CA GLU E 137 40.93 31.32 -16.34
C GLU E 137 40.77 29.99 -17.04
N GLY E 138 40.62 28.92 -16.26
CA GLY E 138 40.37 27.59 -16.82
C GLY E 138 39.12 27.58 -17.69
N VAL E 139 38.04 28.15 -17.15
CA VAL E 139 36.79 28.27 -17.90
C VAL E 139 36.99 29.02 -19.21
N LYS E 140 37.66 30.16 -19.14
CA LYS E 140 37.82 31.00 -20.33
C LYS E 140 38.73 30.33 -21.37
N ARG E 141 39.78 29.65 -20.91
CA ARG E 141 40.66 28.98 -21.86
C ARG E 141 39.93 27.84 -22.58
N LEU E 142 39.17 27.05 -21.83
CA LEU E 142 38.42 25.96 -22.43
C LEU E 142 37.37 26.51 -23.40
N GLY E 143 36.67 27.56 -23.00
CA GLY E 143 35.71 28.20 -23.89
C GLY E 143 36.35 28.62 -25.21
N SER E 144 37.52 29.24 -25.11
CA SER E 144 38.25 29.68 -26.30
C SER E 144 38.67 28.51 -27.19
N LEU E 145 39.12 27.42 -26.58
CA LEU E 145 39.54 26.24 -27.33
C LEU E 145 38.37 25.56 -28.04
N LEU E 146 37.20 25.55 -27.40
CA LEU E 146 36.01 24.98 -28.02
C LEU E 146 35.64 25.80 -29.26
N GLU E 147 35.79 27.11 -29.16
CA GLU E 147 35.49 27.98 -30.28
C GLU E 147 36.51 27.79 -31.42
N GLU E 148 37.78 27.59 -31.06
CA GLU E 148 38.84 27.47 -32.06
C GLU E 148 38.89 26.09 -32.72
N TYR E 149 38.71 25.03 -31.93
CA TYR E 149 38.90 23.68 -32.42
C TYR E 149 37.63 22.85 -32.53
N GLY E 150 36.60 23.25 -31.79
CA GLY E 150 35.36 22.49 -31.73
C GLY E 150 35.50 21.26 -30.85
N THR E 151 34.39 20.53 -30.66
CA THR E 151 34.40 19.28 -29.90
C THR E 151 33.47 18.25 -30.54
N TYR E 152 33.72 16.98 -30.27
CA TYR E 152 32.87 15.92 -30.79
C TYR E 152 32.05 15.20 -29.70
N GLU E 153 32.04 15.78 -28.50
CA GLU E 153 31.33 15.19 -27.35
C GLU E 153 30.53 16.24 -26.58
N PRO E 154 29.45 15.81 -25.90
CA PRO E 154 28.77 16.68 -24.93
C PRO E 154 29.35 16.45 -23.54
N ASN E 155 29.99 17.48 -22.96
CA ASN E 155 30.76 17.31 -21.74
C ASN E 155 30.51 18.36 -20.65
N GLY E 156 30.65 17.93 -19.40
CA GLY E 156 30.71 18.83 -18.26
C GLY E 156 32.12 18.78 -17.66
N ILE E 157 32.64 19.95 -17.29
CA ILE E 157 34.01 20.07 -16.75
C ILE E 157 34.00 20.90 -15.48
N SER E 158 34.69 20.44 -14.46
CA SER E 158 34.79 21.20 -13.22
C SER E 158 36.16 21.87 -13.10
N PHE E 159 36.16 23.07 -12.53
CA PHE E 159 37.38 23.81 -12.21
C PHE E 159 37.30 24.31 -10.79
N ALA E 160 38.44 24.37 -10.09
CA ALA E 160 38.47 25.00 -8.76
C ALA E 160 39.83 25.59 -8.42
N ASP E 161 39.79 26.61 -7.58
CA ASP E 161 40.99 27.07 -6.89
C ASP E 161 40.62 27.27 -5.43
N ASN E 162 41.45 27.95 -4.64
CA ASN E 162 41.12 28.04 -3.23
C ASN E 162 39.93 28.95 -2.96
N GLU E 163 39.50 29.71 -3.97
CA GLU E 163 38.37 30.63 -3.80
C GLU E 163 37.09 30.15 -4.46
N GLU E 164 37.19 29.68 -5.70
CA GLU E 164 36.00 29.44 -6.52
C GLU E 164 35.91 28.04 -7.09
N VAL E 165 34.69 27.60 -7.32
CA VAL E 165 34.38 26.37 -8.03
C VAL E 165 33.48 26.69 -9.22
N TRP E 166 33.85 26.22 -10.40
CA TRP E 166 33.09 26.46 -11.64
C TRP E 166 32.71 25.16 -12.31
N TRP E 167 31.55 25.18 -12.97
CA TRP E 167 31.08 24.06 -13.77
C TRP E 167 30.80 24.54 -15.18
N LEU E 168 31.50 23.97 -16.16
CA LEU E 168 31.29 24.33 -17.56
C LEU E 168 30.63 23.18 -18.30
N GLU E 169 29.63 23.49 -19.11
CA GLU E 169 29.03 22.47 -19.96
C GLU E 169 29.17 22.88 -21.42
N THR E 170 29.58 21.93 -22.25
CA THR E 170 29.72 22.18 -23.69
C THR E 170 28.40 21.90 -24.40
N ILE E 171 28.14 22.70 -25.44
CA ILE E 171 26.84 22.77 -26.09
C ILE E 171 27.08 22.74 -27.59
N GLY E 172 26.72 21.65 -28.25
CA GLY E 172 27.04 21.50 -29.67
C GLY E 172 28.54 21.46 -29.93
N GLY E 173 28.93 21.74 -31.18
CA GLY E 173 30.33 21.66 -31.55
C GLY E 173 31.22 22.76 -31.01
N HIS E 174 30.64 23.91 -30.68
CA HIS E 174 31.44 25.10 -30.35
C HIS E 174 30.97 25.93 -29.17
N HIS E 175 29.74 25.75 -28.73
CA HIS E 175 29.19 26.61 -27.70
C HIS E 175 29.39 26.06 -26.28
N TRP E 176 29.16 26.91 -25.29
CA TRP E 176 29.40 26.51 -23.92
C TRP E 176 28.77 27.50 -22.95
N ALA E 177 28.60 27.04 -21.72
CA ALA E 177 28.15 27.90 -20.64
C ALA E 177 28.80 27.44 -19.34
N ALA E 178 28.97 28.34 -18.39
CA ALA E 178 29.61 27.98 -17.14
C ALA E 178 29.00 28.75 -15.99
N VAL E 179 28.93 28.10 -14.84
CA VAL E 179 28.38 28.71 -13.63
C VAL E 179 29.39 28.59 -12.49
N ARG E 180 29.58 29.68 -11.77
CA ARG E 180 30.33 29.63 -10.52
C ARG E 180 29.40 29.15 -9.42
N ILE E 181 29.76 28.05 -8.77
CA ILE E 181 28.96 27.47 -7.70
C ILE E 181 29.04 28.39 -6.47
N PRO E 182 27.88 28.77 -5.89
CA PRO E 182 27.95 29.62 -4.69
C PRO E 182 28.82 29.01 -3.60
N ASP E 183 29.47 29.86 -2.82
CA ASP E 183 30.36 29.42 -1.74
C ASP E 183 29.73 28.39 -0.81
N ASP E 184 28.44 28.56 -0.54
CA ASP E 184 27.76 27.75 0.45
C ASP E 184 26.97 26.60 -0.16
N ALA E 185 27.25 26.30 -1.43
CA ALA E 185 26.44 25.33 -2.16
C ALA E 185 27.23 24.07 -2.52
N TYR E 186 26.50 23.04 -2.94
CA TYR E 186 27.09 21.86 -3.55
C TYR E 186 26.30 21.48 -4.80
N VAL E 187 26.90 20.62 -5.63
CA VAL E 187 26.25 20.08 -6.83
C VAL E 187 26.51 18.59 -6.90
N VAL E 188 25.49 17.81 -7.26
CA VAL E 188 25.66 16.42 -7.69
C VAL E 188 25.24 16.33 -9.15
N ALA E 189 26.14 15.87 -10.01
CA ALA E 189 25.87 15.88 -11.45
C ALA E 189 26.11 14.51 -12.09
N PRO E 190 25.07 13.94 -12.73
CA PRO E 190 25.16 12.68 -13.46
C PRO E 190 25.39 12.94 -14.96
N ASN E 191 25.18 11.92 -15.79
CA ASN E 191 25.48 12.01 -17.22
C ASN E 191 24.34 12.67 -18.01
N ARG E 192 23.98 13.86 -17.58
CA ARG E 192 22.85 14.59 -18.14
C ARG E 192 23.18 16.07 -18.02
N MET E 193 22.81 16.89 -19.02
CA MET E 193 23.09 18.33 -18.87
C MET E 193 22.43 18.90 -17.60
N ASN E 194 23.18 19.72 -16.87
CA ASN E 194 22.83 20.10 -15.50
C ASN E 194 22.42 21.56 -15.27
N ILE E 195 23.05 22.49 -15.97
CA ILE E 195 22.83 23.89 -15.68
C ILE E 195 21.38 24.24 -15.92
N ASP E 196 20.71 24.80 -14.92
CA ASP E 196 19.30 25.15 -15.10
C ASP E 196 19.12 26.67 -15.27
N GLN E 197 18.40 27.32 -14.36
CA GLN E 197 18.15 28.75 -14.47
C GLN E 197 19.46 29.52 -14.68
N PHE E 198 19.49 30.45 -15.63
CA PHE E 198 20.76 31.06 -16.03
C PHE E 198 20.64 32.57 -16.27
N ASP E 199 21.43 33.34 -15.52
CA ASP E 199 21.45 34.81 -15.64
C ASP E 199 22.67 35.22 -16.46
N PHE E 200 22.46 35.66 -17.69
CA PHE E 200 23.56 35.99 -18.58
C PHE E 200 24.41 37.15 -18.05
N ASP E 201 23.81 38.01 -17.24
CA ASP E 201 24.47 39.24 -16.83
C ASP E 201 25.15 39.16 -15.47
N SER E 202 25.06 38.00 -14.82
CA SER E 202 25.67 37.78 -13.51
C SER E 202 27.19 37.63 -13.60
N ASP E 203 27.91 38.09 -12.59
CA ASP E 203 29.35 37.84 -12.50
C ASP E 203 29.62 36.35 -12.25
N ASP E 204 28.58 35.62 -11.87
CA ASP E 204 28.71 34.20 -11.55
C ASP E 204 28.48 33.30 -12.77
N THR E 205 28.32 33.90 -13.94
CA THR E 205 28.19 33.11 -15.16
C THR E 205 29.11 33.58 -16.28
N LEU E 206 29.49 32.65 -17.15
CA LEU E 206 30.22 32.93 -18.37
C LEU E 206 29.66 32.04 -19.45
N CYS E 207 29.70 32.49 -20.71
CA CYS E 207 29.24 31.65 -21.82
C CYS E 207 29.69 32.20 -23.16
N SER E 208 29.45 31.41 -24.22
CA SER E 208 29.61 31.89 -25.59
C SER E 208 29.01 33.27 -25.74
N SER E 209 29.73 34.18 -26.39
CA SER E 209 29.22 35.55 -26.52
C SER E 209 27.89 35.61 -27.28
N ASP E 210 27.65 34.62 -28.14
CA ASP E 210 26.42 34.58 -28.94
C ASP E 210 25.33 33.65 -28.38
N LEU E 211 25.50 33.16 -27.16
CA LEU E 211 24.60 32.10 -26.68
C LEU E 211 23.14 32.57 -26.60
N LYS E 212 22.92 33.76 -26.06
CA LYS E 212 21.54 34.25 -25.91
C LYS E 212 20.91 34.48 -27.29
N ASP E 213 21.70 35.03 -28.21
CA ASP E 213 21.23 35.24 -29.58
C ASP E 213 20.91 33.93 -30.27
N LEU E 214 21.75 32.91 -30.04
CA LEU E 214 21.49 31.58 -30.63
C LEU E 214 20.13 31.06 -30.18
N ILE E 215 19.86 31.21 -28.89
CA ILE E 215 18.61 30.77 -28.32
C ILE E 215 17.43 31.56 -28.87
N ASP E 216 17.54 32.88 -28.77
CA ASP E 216 16.43 33.77 -29.15
C ASP E 216 16.09 33.71 -30.64
N ASN E 217 17.11 33.69 -31.48
CA ASN E 217 16.90 33.79 -32.92
C ASN E 217 16.49 32.49 -33.60
N ASN E 218 16.64 31.38 -32.89
CA ASN E 218 16.37 30.07 -33.48
C ASN E 218 15.27 29.30 -32.76
N ASN E 219 14.49 30.00 -31.95
CA ASN E 219 13.36 29.41 -31.24
C ASN E 219 13.73 28.16 -30.47
N LEU E 220 14.84 28.21 -29.75
CA LEU E 220 15.29 27.05 -28.99
C LEU E 220 14.64 26.99 -27.60
N ASN E 221 14.06 28.09 -27.15
CA ASN E 221 13.60 28.14 -25.76
C ASN E 221 12.20 27.55 -25.59
N PRO E 222 12.08 26.44 -24.84
CA PRO E 222 10.75 25.84 -24.65
C PRO E 222 9.92 26.52 -23.56
N ASP E 223 10.55 27.40 -22.78
CA ASP E 223 9.84 27.96 -21.64
C ASP E 223 9.22 29.32 -21.96
N PHE E 224 8.08 29.59 -21.34
CA PHE E 224 7.35 30.83 -21.52
C PHE E 224 8.14 32.02 -20.97
N GLU E 225 8.90 31.79 -19.89
CA GLU E 225 9.66 32.85 -19.26
C GLU E 225 11.10 32.39 -18.93
N ASN E 226 12.05 33.32 -19.01
CA ASN E 226 13.43 33.12 -18.55
C ASN E 226 14.22 32.07 -19.34
N TYR E 227 15.43 31.77 -18.85
CA TYR E 227 16.31 30.84 -19.55
C TYR E 227 16.79 29.73 -18.62
N ASN E 228 16.44 28.49 -18.96
CA ASN E 228 16.91 27.33 -18.25
C ASN E 228 17.76 26.54 -19.25
N LEU E 229 19.08 26.50 -19.04
CA LEU E 229 19.95 26.01 -20.11
C LEU E 229 19.74 24.54 -20.44
N ARG E 230 19.44 23.70 -19.45
CA ARG E 230 19.26 22.29 -19.78
C ARG E 230 17.89 22.04 -20.42
N HIS E 231 16.89 22.88 -20.10
CA HIS E 231 15.61 22.84 -20.83
C HIS E 231 15.83 23.14 -22.32
N ILE E 232 16.73 24.09 -22.59
CA ILE E 232 16.99 24.58 -23.93
C ILE E 232 17.91 23.66 -24.72
N PHE E 233 19.00 23.24 -24.07
CA PHE E 233 20.10 22.56 -24.75
C PHE E 233 20.28 21.09 -24.38
N GLY E 234 19.58 20.64 -23.34
CA GLY E 234 19.82 19.30 -22.82
C GLY E 234 18.66 18.36 -23.07
N SER E 235 18.51 17.39 -22.17
CA SER E 235 17.48 16.37 -22.32
C SER E 235 16.62 16.25 -21.07
N ALA E 236 15.41 15.74 -21.26
CA ALA E 236 14.57 15.26 -20.17
C ALA E 236 13.87 14.02 -20.70
N SER E 237 14.65 12.95 -20.85
CA SER E 237 14.20 11.74 -21.53
C SER E 237 13.77 10.65 -20.56
N ILE E 238 13.15 9.61 -21.09
CA ILE E 238 12.84 8.45 -20.27
C ILE E 238 14.14 7.82 -19.76
N LYS E 239 15.16 7.73 -20.61
CA LYS E 239 16.42 7.15 -20.13
C LYS E 239 16.99 7.99 -18.98
N ASP E 240 16.82 9.31 -19.03
CA ASP E 240 17.30 10.15 -17.93
C ASP E 240 16.69 9.72 -16.61
N THR E 241 15.44 9.26 -16.63
CA THR E 241 14.74 8.95 -15.38
C THR E 241 15.33 7.74 -14.68
N VAL E 242 16.05 6.90 -15.41
CA VAL E 242 16.63 5.72 -14.76
C VAL E 242 18.15 5.78 -14.73
N TYR E 243 18.76 6.51 -15.67
CA TYR E 243 20.22 6.50 -15.79
C TYR E 243 20.88 7.64 -15.04
N ASN E 244 20.15 8.74 -14.89
CA ASN E 244 20.74 9.99 -14.42
C ASN E 244 20.07 10.55 -13.19
N ASN E 245 18.78 10.84 -13.29
CA ASN E 245 18.10 11.54 -12.21
C ASN E 245 18.18 10.84 -10.84
N PRO E 246 18.09 9.50 -10.77
CA PRO E 246 18.17 8.89 -9.44
C PRO E 246 19.51 9.11 -8.73
N ARG E 247 20.61 9.26 -9.48
CA ARG E 247 21.91 9.55 -8.87
C ARG E 247 21.91 10.94 -8.23
N THR E 248 21.40 11.93 -8.98
CA THR E 248 21.22 13.27 -8.44
C THR E 248 20.34 13.23 -7.19
N TRP E 249 19.23 12.52 -7.30
CA TRP E 249 18.28 12.41 -6.21
C TRP E 249 18.90 11.80 -4.96
N TYR E 250 19.63 10.70 -5.11
CA TYR E 250 20.19 10.04 -3.94
C TYR E 250 21.18 10.95 -3.22
N GLY E 251 22.01 11.64 -4.00
CA GLY E 251 22.96 12.59 -3.44
C GLY E 251 22.28 13.76 -2.74
N GLN E 252 21.23 14.29 -3.35
CA GLN E 252 20.53 15.42 -2.74
C GLN E 252 19.73 14.95 -1.52
N LYS E 253 19.24 13.72 -1.55
CA LYS E 253 18.54 13.17 -0.38
C LYS E 253 19.51 13.04 0.80
N PHE E 254 20.77 12.73 0.51
CA PHE E 254 21.79 12.55 1.55
C PHE E 254 22.21 13.89 2.18
N PHE E 255 22.44 14.90 1.33
CA PHE E 255 22.92 16.20 1.81
C PHE E 255 21.79 17.17 2.18
N SER E 256 20.67 17.07 1.48
CA SER E 256 19.53 17.98 1.68
C SER E 256 18.23 17.22 1.87
N PRO E 257 18.15 16.39 2.92
CA PRO E 257 16.99 15.50 3.07
C PRO E 257 15.66 16.24 3.19
N ASP E 258 15.67 17.44 3.78
CA ASP E 258 14.40 18.12 4.03
C ASP E 258 13.94 19.00 2.86
N ASP E 259 14.80 19.11 1.85
CA ASP E 259 14.48 19.90 0.66
C ASP E 259 14.29 19.02 -0.56
N THR E 260 14.35 17.71 -0.38
CA THR E 260 14.31 16.77 -1.51
C THR E 260 13.14 15.79 -1.36
N ALA E 261 12.33 15.69 -2.40
CA ALA E 261 11.17 14.81 -2.36
C ALA E 261 11.55 13.34 -2.56
N ASP E 262 10.57 12.49 -2.81
CA ASP E 262 10.81 11.05 -2.82
C ASP E 262 10.68 10.43 -4.20
N ASP E 263 10.86 11.24 -5.24
CA ASP E 263 10.80 10.72 -6.60
C ASP E 263 12.17 10.77 -7.27
N PRO E 264 12.85 9.62 -7.36
CA PRO E 264 14.19 9.55 -7.97
C PRO E 264 14.18 9.91 -9.46
N MET E 265 13.00 9.87 -10.08
CA MET E 265 12.91 10.08 -11.52
C MET E 265 12.73 11.54 -11.91
N GLU E 266 12.56 12.39 -10.90
CA GLU E 266 12.31 13.82 -11.09
C GLU E 266 13.29 14.46 -12.09
N GLN E 267 12.74 15.16 -13.09
CA GLN E 267 13.52 15.76 -14.17
C GLN E 267 14.01 17.16 -13.87
N ASP E 268 13.43 17.80 -12.85
CA ASP E 268 13.80 19.17 -12.51
C ASP E 268 14.33 19.31 -11.09
N LEU E 269 15.14 18.34 -10.69
CA LEU E 269 15.91 18.52 -9.46
C LEU E 269 16.83 19.71 -9.65
N PRO E 270 17.00 20.51 -8.59
CA PRO E 270 17.87 21.68 -8.72
C PRO E 270 19.31 21.30 -9.05
N PHE E 271 20.00 22.21 -9.74
CA PHE E 271 21.43 22.08 -10.02
C PHE E 271 22.20 22.48 -8.76
N ILE E 272 22.06 23.75 -8.39
CA ILE E 272 22.66 24.29 -7.16
C ILE E 272 21.84 23.93 -5.93
N CYS E 273 22.50 23.34 -4.93
CA CYS E 273 21.85 22.91 -3.69
C CYS E 273 22.56 23.44 -2.46
N HIS E 274 21.83 23.41 -1.34
CA HIS E 274 22.36 23.82 -0.06
C HIS E 274 22.12 22.74 0.96
N ALA E 275 23.20 22.16 1.50
CA ALA E 275 23.10 21.03 2.42
C ALA E 275 22.67 21.48 3.82
N ASN E 276 22.22 20.53 4.64
CA ASN E 276 21.80 20.89 6.01
C ASN E 276 22.97 20.88 6.99
N ARG E 277 24.18 20.71 6.46
CA ARG E 277 25.40 20.60 7.25
C ARG E 277 26.61 20.83 6.35
N LYS E 278 27.79 20.98 6.95
CA LYS E 278 29.00 21.09 6.16
C LYS E 278 29.46 19.71 5.67
N ILE E 279 30.11 19.69 4.52
CA ILE E 279 30.42 18.48 3.78
C ILE E 279 31.87 18.05 3.92
N SER E 280 32.07 16.77 4.24
CA SER E 280 33.41 16.21 4.41
C SER E 280 33.85 15.42 3.21
N VAL E 281 35.14 15.09 3.13
CA VAL E 281 35.64 14.22 2.06
C VAL E 281 35.01 12.83 2.18
N GLU E 282 34.90 12.36 3.42
CA GLU E 282 34.24 11.09 3.70
C GLU E 282 32.80 11.07 3.13
N ASP E 283 32.06 12.17 3.32
CA ASP E 283 30.72 12.33 2.74
C ASP E 283 30.71 12.20 1.23
N VAL E 284 31.63 12.90 0.57
CA VAL E 284 31.71 12.89 -0.87
C VAL E 284 32.02 11.48 -1.35
N LYS E 285 32.98 10.81 -0.71
CA LYS E 285 33.32 9.45 -1.12
C LYS E 285 32.13 8.52 -0.90
N PHE E 286 31.39 8.70 0.18
CA PHE E 286 30.21 7.86 0.38
C PHE E 286 29.23 7.96 -0.79
N VAL E 287 28.88 9.17 -1.19
CA VAL E 287 27.93 9.32 -2.29
C VAL E 287 28.50 8.74 -3.59
N LEU E 288 29.79 8.99 -3.83
CA LEU E 288 30.46 8.48 -5.02
C LEU E 288 30.62 6.96 -5.02
N SER E 289 30.35 6.32 -3.88
CA SER E 289 30.46 4.86 -3.78
C SER E 289 29.10 4.19 -3.66
N SER E 290 28.01 4.97 -3.77
CA SER E 290 26.71 4.49 -3.35
C SER E 290 25.97 3.70 -4.44
N HIS E 291 24.98 2.94 -3.98
CA HIS E 291 24.19 2.04 -4.82
C HIS E 291 22.79 2.02 -4.21
N PHE E 292 22.27 3.21 -3.95
CA PHE E 292 20.91 3.42 -3.45
C PHE E 292 20.62 2.63 -2.18
N GLU E 293 21.60 2.59 -1.27
CA GLU E 293 21.45 1.89 -0.01
C GLU E 293 20.16 2.32 0.71
N ASN E 294 19.46 1.32 1.27
CA ASN E 294 18.22 1.50 2.03
C ASN E 294 17.03 1.94 1.17
N THR E 295 17.12 1.63 -0.12
CA THR E 295 15.97 1.70 -1.03
C THR E 295 15.84 0.40 -1.81
N LYS E 296 14.69 0.21 -2.45
CA LYS E 296 14.46 -0.99 -3.24
C LYS E 296 15.31 -1.02 -4.51
N TYR E 297 16.03 0.08 -4.79
CA TYR E 297 16.83 0.18 -6.02
C TYR E 297 18.28 -0.24 -5.82
N ASP E 298 18.59 -0.70 -4.61
CA ASP E 298 19.92 -1.20 -4.27
C ASP E 298 20.12 -2.59 -4.84
N VAL E 299 21.07 -2.74 -5.76
CA VAL E 299 21.29 -4.03 -6.40
C VAL E 299 21.74 -5.09 -5.39
N TYR E 300 22.29 -4.65 -4.26
CA TYR E 300 22.71 -5.58 -3.22
C TYR E 300 21.63 -5.74 -2.14
N GLY E 301 20.48 -5.11 -2.35
CA GLY E 301 19.44 -5.03 -1.33
C GLY E 301 18.32 -6.05 -1.47
N SER E 302 17.14 -5.70 -0.94
CA SER E 302 16.02 -6.64 -0.80
C SER E 302 14.94 -6.50 -1.84
N GLY E 303 15.11 -5.59 -2.79
CA GLY E 303 14.08 -5.35 -3.79
C GLY E 303 13.92 -6.47 -4.81
N SER E 304 12.87 -6.35 -5.62
CA SER E 304 12.67 -7.29 -6.72
C SER E 304 13.81 -7.19 -7.72
N GLN E 305 13.94 -8.21 -8.56
CA GLN E 305 14.98 -8.22 -9.56
C GLN E 305 14.90 -6.99 -10.45
N SER E 306 13.68 -6.61 -10.84
CA SER E 306 13.54 -5.47 -11.74
C SER E 306 13.87 -4.16 -11.03
N ASP E 307 13.43 -4.00 -9.78
CA ASP E 307 13.73 -2.77 -9.05
C ASP E 307 15.22 -2.64 -8.77
N LYS E 308 15.86 -3.77 -8.45
CA LYS E 308 17.29 -3.79 -8.11
C LYS E 308 18.19 -3.40 -9.28
N THR E 309 17.65 -3.54 -10.50
CA THR E 309 18.45 -3.34 -11.70
C THR E 309 17.91 -2.19 -12.55
N LEU E 310 16.92 -1.47 -12.02
CA LEU E 310 16.28 -0.39 -12.77
C LEU E 310 17.17 0.84 -12.95
N PHE E 311 17.92 1.16 -11.90
CA PHE E 311 18.71 2.40 -11.86
C PHE E 311 20.21 2.15 -12.00
N ARG E 312 20.90 3.05 -12.70
CA ARG E 312 22.37 3.03 -12.73
C ARG E 312 22.91 3.54 -11.40
N PRO E 313 23.71 2.72 -10.70
CA PRO E 313 24.28 3.16 -9.41
C PRO E 313 25.44 4.13 -9.59
N ILE E 314 25.89 4.72 -8.49
CA ILE E 314 27.01 5.66 -8.55
C ILE E 314 28.35 4.90 -8.41
N GLY E 315 28.50 4.15 -7.33
CA GLY E 315 29.56 3.16 -7.27
C GLY E 315 29.20 2.09 -8.29
N ILE E 316 30.16 1.64 -9.08
CA ILE E 316 29.83 0.74 -10.19
C ILE E 316 31.09 -0.01 -10.67
N ASN E 317 30.89 -1.17 -11.31
CA ASN E 317 32.04 -1.98 -11.70
C ASN E 317 33.02 -1.23 -12.59
N ARG E 318 32.54 -0.26 -13.36
CA ARG E 318 33.43 0.45 -14.26
C ARG E 318 33.91 1.81 -13.73
N ASN E 319 33.86 2.02 -12.41
CA ASN E 319 34.68 3.06 -11.77
C ASN E 319 36.14 2.76 -12.06
N HIS E 320 36.80 3.50 -12.95
CA HIS E 320 38.21 3.22 -13.23
C HIS E 320 39.10 3.93 -12.23
N ASN E 321 38.79 5.21 -12.00
CA ASN E 321 39.38 5.91 -10.85
C ASN E 321 38.33 6.81 -10.23
N VAL E 322 38.53 7.15 -8.98
CA VAL E 322 37.74 8.19 -8.34
C VAL E 322 38.73 9.21 -7.81
N HIS E 323 38.43 10.48 -8.05
CA HIS E 323 39.31 11.53 -7.56
C HIS E 323 38.50 12.62 -6.89
N ILE E 324 39.03 13.09 -5.77
CA ILE E 324 38.44 14.25 -5.11
C ILE E 324 39.56 15.27 -5.00
N LEU E 325 39.45 16.35 -5.77
CA LEU E 325 40.49 17.36 -5.81
C LEU E 325 40.13 18.45 -4.80
N GLN E 326 41.01 18.63 -3.82
CA GLN E 326 40.74 19.53 -2.71
C GLN E 326 41.75 20.65 -2.70
N ILE E 327 41.29 21.89 -2.69
CA ILE E 327 42.20 23.02 -2.46
C ILE E 327 41.90 23.58 -1.08
N ARG E 328 42.82 23.36 -0.16
CA ARG E 328 42.59 23.72 1.24
C ARG E 328 42.92 25.19 1.48
N ASN E 329 42.31 25.74 2.53
CA ASN E 329 42.57 27.12 2.93
C ASN E 329 43.12 27.25 4.35
N ASN E 330 43.17 26.15 5.09
CA ASN E 330 43.63 26.22 6.48
C ASN E 330 45.14 26.00 6.61
N VAL E 331 45.87 26.07 5.49
CA VAL E 331 47.27 25.67 5.44
C VAL E 331 48.10 26.53 4.49
N PRO E 332 49.44 26.48 4.62
CA PRO E 332 50.28 27.15 3.63
C PRO E 332 50.03 26.61 2.22
N THR E 333 50.22 27.45 1.20
CA THR E 333 49.90 27.06 -0.17
C THR E 333 50.67 25.81 -0.63
N GLU E 334 51.85 25.57 -0.07
CA GLU E 334 52.66 24.44 -0.49
C GLU E 334 52.04 23.08 -0.12
N ILE E 335 51.05 23.08 0.77
CA ILE E 335 50.33 21.83 1.06
C ILE E 335 48.82 21.98 0.89
N ALA E 336 48.40 23.01 0.17
CA ALA E 336 46.97 23.26 0.00
C ALA E 336 46.31 22.25 -0.95
N GLY E 337 47.04 21.83 -1.98
CA GLY E 337 46.48 20.99 -3.03
C GLY E 337 46.54 19.51 -2.70
N ILE E 338 45.37 18.89 -2.59
CA ILE E 338 45.31 17.47 -2.28
C ILE E 338 44.58 16.73 -3.37
N HIS E 339 45.25 15.75 -3.97
CA HIS E 339 44.65 14.94 -5.03
C HIS E 339 44.23 13.59 -4.43
N TRP E 340 43.03 13.53 -3.85
CA TRP E 340 42.53 12.29 -3.29
C TRP E 340 42.28 11.29 -4.41
N LEU E 341 42.70 10.04 -4.23
CA LEU E 341 42.64 9.09 -5.34
C LEU E 341 42.33 7.66 -4.91
N ALA E 342 41.49 6.97 -5.69
CA ALA E 342 41.35 5.52 -5.57
C ALA E 342 41.03 4.93 -6.94
N TYR E 343 41.11 3.61 -7.02
CA TYR E 343 40.93 2.86 -8.25
C TYR E 343 39.88 1.76 -8.10
N GLY E 344 39.23 1.41 -9.21
CA GLY E 344 38.33 0.27 -9.23
C GLY E 344 36.99 0.59 -8.60
N ALA E 345 36.06 -0.37 -8.63
CA ALA E 345 34.71 -0.12 -8.10
C ALA E 345 34.78 0.42 -6.67
N ASN E 346 34.05 1.51 -6.42
CA ASN E 346 34.24 2.30 -5.19
C ASN E 346 33.71 1.65 -3.92
N THR E 347 33.05 0.51 -4.07
CA THR E 347 32.54 -0.21 -2.93
C THR E 347 33.62 -0.79 -2.01
N PHE E 348 34.82 -1.06 -2.54
CA PHE E 348 35.83 -1.73 -1.71
C PHE E 348 37.20 -1.06 -1.72
N ASN E 349 37.21 0.25 -1.97
CA ASN E 349 38.44 1.04 -1.92
C ASN E 349 38.31 2.21 -0.96
N THR E 350 39.39 2.97 -0.81
CA THR E 350 39.36 4.21 -0.05
C THR E 350 40.19 5.26 -0.80
N VAL E 351 39.74 6.51 -0.80
CA VAL E 351 40.54 7.58 -1.38
C VAL E 351 41.68 7.96 -0.43
N VAL E 352 42.85 8.19 -1.03
CA VAL E 352 44.07 8.48 -0.30
C VAL E 352 44.46 9.92 -0.59
N PRO E 353 44.74 10.72 0.45
CA PRO E 353 44.95 12.17 0.25
C PRO E 353 46.37 12.52 -0.18
N PHE E 354 46.70 12.26 -1.44
CA PHE E 354 48.04 12.58 -1.93
C PHE E 354 48.26 14.08 -2.02
N TYR E 355 49.40 14.54 -1.51
CA TYR E 355 49.80 15.91 -1.75
C TYR E 355 50.09 16.08 -3.24
N ALA E 356 49.53 17.14 -3.84
CA ALA E 356 49.73 17.40 -5.26
C ALA E 356 51.07 18.10 -5.55
N ASN E 357 51.63 18.74 -4.52
CA ASN E 357 52.87 19.50 -4.69
C ASN E 357 54.09 18.60 -4.66
N VAL E 358 54.21 17.75 -5.68
CA VAL E 358 55.27 16.77 -5.78
C VAL E 358 55.72 16.64 -7.23
N ASN E 359 56.91 16.09 -7.44
CA ASN E 359 57.45 15.95 -8.80
C ASN E 359 57.29 14.53 -9.35
N ASP E 360 56.89 13.60 -8.49
CA ASP E 360 56.73 12.20 -8.87
C ASP E 360 55.68 11.59 -7.94
N THR E 361 55.27 10.37 -8.25
CA THR E 361 54.13 9.75 -7.57
C THR E 361 54.52 8.36 -7.04
N PRO E 362 53.77 7.83 -6.06
CA PRO E 362 54.13 6.55 -5.45
C PRO E 362 54.05 5.37 -6.42
N VAL E 363 54.98 4.43 -6.27
CA VAL E 363 55.12 3.37 -7.25
C VAL E 363 53.85 2.49 -7.41
N GLN E 364 53.18 2.15 -6.31
CA GLN E 364 51.99 1.29 -6.36
C GLN E 364 50.82 1.94 -7.07
N TYR E 365 50.87 3.26 -7.23
CA TYR E 365 49.80 4.00 -7.89
C TYR E 365 50.21 4.46 -9.27
N LYS E 366 51.51 4.43 -9.54
CA LYS E 366 52.03 4.89 -10.82
C LYS E 366 52.20 3.75 -11.85
N ASN E 367 52.42 2.53 -11.38
CA ASN E 367 53.01 1.52 -12.27
C ASN E 367 52.09 0.46 -12.90
N ALA E 368 50.79 0.70 -12.96
CA ALA E 368 49.92 -0.27 -13.63
C ALA E 368 50.23 -0.36 -15.12
N THR E 369 50.24 -1.59 -15.63
CA THR E 369 50.29 -1.87 -17.06
C THR E 369 49.12 -2.77 -17.41
N GLY E 370 49.11 -3.24 -18.65
CA GLY E 370 48.09 -4.17 -19.08
C GLY E 370 48.27 -5.56 -18.51
N LYS E 371 49.42 -5.81 -17.86
CA LYS E 371 49.65 -7.10 -17.23
C LYS E 371 49.08 -7.11 -15.82
N PHE E 372 48.28 -8.11 -15.52
CA PHE E 372 47.68 -8.26 -14.20
C PHE E 372 48.75 -8.38 -13.13
N ASP E 373 48.74 -7.47 -12.16
CA ASP E 373 49.75 -7.49 -11.11
C ASP E 373 49.16 -6.98 -9.80
N LEU E 374 48.99 -7.89 -8.85
CA LEU E 374 48.31 -7.56 -7.59
C LEU E 374 49.20 -6.78 -6.65
N ASN E 375 50.45 -6.51 -7.05
CA ASN E 375 51.28 -5.57 -6.29
C ASN E 375 50.97 -4.13 -6.65
N ASN E 376 50.17 -3.95 -7.69
CA ASN E 376 49.71 -2.63 -8.10
C ASN E 376 48.30 -2.34 -7.55
N MET E 377 48.05 -1.10 -7.15
CA MET E 377 46.79 -0.77 -6.48
C MET E 377 45.58 -0.77 -7.40
N TYR E 378 45.77 -0.55 -8.70
CA TYR E 378 44.65 -0.66 -9.60
C TYR E 378 44.13 -2.10 -9.61
N TRP E 379 45.01 -3.05 -9.91
CA TRP E 379 44.57 -4.44 -10.03
C TRP E 379 44.12 -4.99 -8.68
N LEU E 380 44.80 -4.62 -7.59
CA LEU E 380 44.43 -5.10 -6.27
C LEU E 380 43.03 -4.60 -5.88
N SER E 381 42.76 -3.33 -6.14
CA SER E 381 41.46 -2.75 -5.80
C SER E 381 40.33 -3.36 -6.60
N CYS E 382 40.56 -3.57 -7.90
CA CYS E 382 39.54 -4.19 -8.76
C CYS E 382 39.22 -5.59 -8.29
N THR E 383 40.26 -6.34 -7.95
CA THR E 383 40.09 -7.71 -7.50
C THR E 383 39.25 -7.76 -6.22
N THR E 384 39.52 -6.85 -5.29
CA THR E 384 38.78 -6.81 -4.03
C THR E 384 37.30 -6.54 -4.27
N ALA E 385 37.01 -5.59 -5.14
CA ALA E 385 35.61 -5.22 -5.39
C ALA E 385 34.85 -6.32 -6.10
N LEU E 386 35.51 -7.05 -6.99
CA LEU E 386 34.86 -8.18 -7.65
C LEU E 386 34.50 -9.26 -6.62
N LEU E 387 35.46 -9.62 -5.78
CA LEU E 387 35.15 -10.63 -4.77
C LEU E 387 34.01 -10.14 -3.87
N GLY E 388 34.08 -8.87 -3.44
CA GLY E 388 33.03 -8.32 -2.58
C GLY E 388 31.66 -8.38 -3.23
N ASP E 389 31.62 -8.13 -4.53
CA ASP E 389 30.38 -8.17 -5.31
C ASP E 389 29.69 -9.54 -5.28
N THR E 390 30.48 -10.59 -5.09
CA THR E 390 29.91 -11.94 -5.14
C THR E 390 29.07 -12.28 -3.91
N ASP E 391 29.25 -11.55 -2.82
CA ASP E 391 28.43 -11.75 -1.61
C ASP E 391 28.57 -10.52 -0.73
N TYR E 392 27.96 -9.42 -1.15
CA TYR E 392 28.17 -8.13 -0.50
C TYR E 392 27.85 -8.14 0.99
N ASP E 393 26.69 -8.70 1.35
CA ASP E 393 26.31 -8.70 2.76
C ASP E 393 27.28 -9.51 3.61
N PHE E 394 27.94 -10.50 3.02
CA PHE E 394 28.91 -11.32 3.74
C PHE E 394 30.21 -10.55 4.00
N TYR E 395 30.58 -9.69 3.06
CA TYR E 395 31.87 -9.00 3.15
C TYR E 395 31.77 -7.56 3.66
N VAL E 396 30.55 -7.04 3.81
CA VAL E 396 30.41 -5.60 4.02
C VAL E 396 30.93 -5.15 5.40
N ASP E 397 30.90 -6.01 6.40
CA ASP E 397 31.37 -5.60 7.73
C ASP E 397 32.89 -5.42 7.72
N MET E 398 33.60 -6.33 7.04
CA MET E 398 35.04 -6.19 6.87
C MET E 398 35.35 -4.93 6.08
N ARG E 399 34.55 -4.69 5.06
CA ARG E 399 34.68 -3.47 4.25
C ARG E 399 34.56 -2.23 5.13
N ASN E 400 33.52 -2.17 5.94
CA ASN E 400 33.26 -1.01 6.79
C ASN E 400 34.39 -0.78 7.79
N ASP E 401 34.89 -1.88 8.36
CA ASP E 401 36.01 -1.79 9.31
C ASP E 401 37.24 -1.24 8.63
N TYR E 402 37.54 -1.78 7.45
CA TYR E 402 38.67 -1.33 6.65
C TYR E 402 38.59 0.16 6.32
N GLU E 403 37.42 0.64 5.92
CA GLU E 403 37.26 2.05 5.57
C GLU E 403 37.64 2.95 6.74
N LEU E 404 37.12 2.65 7.91
CA LEU E 404 37.42 3.48 9.08
C LEU E 404 38.89 3.41 9.43
N ASP E 405 39.45 2.20 9.42
CA ASP E 405 40.84 1.97 9.80
C ASP E 405 41.81 2.65 8.82
N ALA E 406 41.53 2.52 7.54
CA ALA E 406 42.39 3.13 6.53
C ALA E 406 42.28 4.65 6.53
N MET E 407 41.07 5.18 6.54
CA MET E 407 40.89 6.63 6.54
C MET E 407 41.51 7.27 7.78
N SER E 408 41.40 6.58 8.92
CA SER E 408 42.01 7.07 10.15
C SER E 408 43.53 7.15 10.00
N ALA E 409 44.12 6.12 9.41
CA ALA E 409 45.55 6.09 9.19
C ALA E 409 45.99 7.21 8.23
N TYR E 410 45.23 7.45 7.15
CA TYR E 410 45.61 8.51 6.22
C TYR E 410 45.59 9.87 6.91
N ARG E 411 44.56 10.11 7.71
CA ARG E 411 44.42 11.40 8.34
C ARG E 411 45.54 11.62 9.38
N LYS E 412 45.96 10.56 10.06
CA LYS E 412 47.08 10.69 11.00
C LYS E 412 48.33 11.13 10.23
N ILE E 413 48.61 10.48 9.11
CA ILE E 413 49.78 10.85 8.31
C ILE E 413 49.66 12.28 7.80
N GLN E 414 48.49 12.65 7.32
CA GLN E 414 48.27 14.01 6.83
C GLN E 414 48.47 15.02 7.96
N ASN E 415 47.88 14.75 9.12
CA ASN E 415 48.00 15.67 10.27
C ASN E 415 49.44 15.85 10.70
N ASP E 416 50.19 14.75 10.77
CA ASP E 416 51.59 14.80 11.15
C ASP E 416 52.42 15.56 10.13
N THR E 417 52.12 15.32 8.86
CA THR E 417 52.89 15.95 7.78
C THR E 417 52.60 17.44 7.75
N ASP E 418 51.33 17.82 7.87
CA ASP E 418 50.94 19.23 7.90
C ASP E 418 51.62 19.95 9.07
N ALA E 419 51.66 19.29 10.22
CA ALA E 419 52.16 19.93 11.45
C ALA E 419 53.64 20.30 11.40
N ASP E 420 54.39 19.60 10.57
CA ASP E 420 55.84 19.78 10.52
C ASP E 420 56.31 20.43 9.21
N ILE E 421 55.41 21.14 8.52
CA ILE E 421 55.73 21.70 7.21
C ILE E 421 56.68 22.90 7.30
N SER E 422 56.60 23.64 8.41
CA SER E 422 57.40 24.85 8.53
C SER E 422 58.89 24.52 8.60
N GLY E 423 59.69 25.23 7.80
CA GLY E 423 61.13 25.09 7.83
C GLY E 423 61.70 23.97 6.97
N GLN E 424 60.84 23.19 6.32
CA GLN E 424 61.31 22.14 5.43
C GLN E 424 62.08 22.73 4.26
N LYS E 425 63.30 22.25 4.04
CA LYS E 425 64.18 22.86 3.05
C LYS E 425 63.94 22.30 1.65
N ASP E 426 63.34 21.13 1.58
CA ASP E 426 62.93 20.57 0.31
C ASP E 426 61.49 20.08 0.39
N ILE E 427 60.55 20.97 0.04
CA ILE E 427 59.13 20.68 0.22
C ILE E 427 58.66 19.49 -0.63
N GLU E 428 59.04 19.46 -1.90
CA GLU E 428 58.59 18.38 -2.77
C GLU E 428 59.06 17.01 -2.28
N LYS E 429 60.30 16.93 -1.79
CA LYS E 429 60.83 15.67 -1.27
C LYS E 429 60.12 15.26 0.03
N TYR E 430 59.84 16.25 0.86
CA TYR E 430 59.13 16.03 2.11
C TYR E 430 57.73 15.46 1.82
N LEU E 431 57.07 16.06 0.85
CA LEU E 431 55.71 15.63 0.51
C LEU E 431 55.71 14.33 -0.29
N GLU E 432 56.77 14.09 -1.07
CA GLU E 432 56.88 12.81 -1.76
C GLU E 432 57.05 11.68 -0.75
N ASN E 433 57.77 11.95 0.34
CA ASN E 433 57.93 10.95 1.38
C ASN E 433 56.60 10.68 2.08
N ALA E 434 55.83 11.73 2.32
CA ALA E 434 54.52 11.57 2.94
C ALA E 434 53.61 10.74 2.03
N ASN E 435 53.64 11.03 0.73
CA ASN E 435 52.80 10.30 -0.23
C ASN E 435 53.20 8.84 -0.29
N LYS E 436 54.50 8.56 -0.16
CA LYS E 436 54.95 7.18 -0.12
C LYS E 436 54.40 6.48 1.11
N LYS E 437 54.44 7.17 2.25
CA LYS E 437 53.91 6.59 3.47
C LYS E 437 52.41 6.32 3.30
N LEU E 438 51.70 7.28 2.70
CA LEU E 438 50.27 7.11 2.43
C LEU E 438 49.99 5.92 1.53
N ALA E 439 50.71 5.84 0.42
CA ALA E 439 50.50 4.75 -0.53
C ALA E 439 50.85 3.40 0.09
N ASP E 440 51.93 3.35 0.87
CA ASP E 440 52.32 2.11 1.50
C ASP E 440 51.23 1.58 2.45
N VAL E 441 50.69 2.47 3.28
CA VAL E 441 49.65 2.07 4.22
C VAL E 441 48.37 1.70 3.46
N ALA E 442 48.06 2.45 2.41
CA ALA E 442 46.89 2.12 1.59
C ALA E 442 47.00 0.72 1.01
N PHE E 443 48.17 0.38 0.50
CA PHE E 443 48.35 -0.96 -0.06
C PHE E 443 48.26 -2.00 1.03
N GLU E 444 48.93 -1.79 2.16
CA GLU E 444 48.91 -2.77 3.23
C GLU E 444 47.47 -3.03 3.70
N LYS E 445 46.68 -1.98 3.81
CA LYS E 445 45.33 -2.14 4.31
C LYS E 445 44.40 -2.74 3.26
N GLN E 446 44.60 -2.37 1.99
CA GLN E 446 43.84 -2.98 0.89
C GLN E 446 44.12 -4.48 0.80
N ASN E 447 45.40 -4.83 0.89
CA ASN E 447 45.83 -6.22 0.84
C ASN E 447 45.30 -7.01 2.04
N LYS E 448 45.35 -6.41 3.23
CA LYS E 448 44.86 -7.09 4.42
C LYS E 448 43.36 -7.33 4.32
N LEU E 449 42.63 -6.35 3.79
CA LEU E 449 41.19 -6.52 3.57
C LEU E 449 40.93 -7.71 2.63
N LEU E 450 41.64 -7.74 1.50
CA LEU E 450 41.42 -8.84 0.55
C LEU E 450 41.77 -10.18 1.21
N GLY E 451 42.84 -10.19 2.00
CA GLY E 451 43.23 -11.41 2.69
C GLY E 451 42.16 -11.88 3.67
N ASP E 452 41.58 -10.94 4.41
CA ASP E 452 40.53 -11.28 5.34
C ASP E 452 39.30 -11.80 4.60
N MET E 453 38.99 -11.19 3.46
CA MET E 453 37.85 -11.63 2.64
C MET E 453 38.09 -13.02 2.09
N VAL E 454 39.31 -13.28 1.62
CA VAL E 454 39.62 -14.58 1.06
C VAL E 454 39.58 -15.67 2.14
N THR E 455 40.10 -15.35 3.31
CA THR E 455 40.14 -16.32 4.40
C THR E 455 38.74 -16.67 4.88
N THR E 456 37.94 -15.66 5.18
CA THR E 456 36.57 -15.90 5.65
C THR E 456 35.67 -16.44 4.52
N GLY E 457 35.81 -15.87 3.32
CA GLY E 457 35.03 -16.32 2.19
C GLY E 457 35.29 -17.78 1.84
N SER E 458 36.53 -18.22 1.99
CA SER E 458 36.86 -19.61 1.65
C SER E 458 36.10 -20.58 2.54
N ASN E 459 35.88 -20.19 3.79
CA ASN E 459 35.07 -21.00 4.71
C ASN E 459 33.62 -21.15 4.23
N ASN E 460 33.17 -20.22 3.42
CA ASN E 460 31.78 -20.20 2.97
C ASN E 460 31.62 -20.59 1.50
N MET E 461 32.61 -21.26 0.94
CA MET E 461 32.53 -21.70 -0.45
C MET E 461 31.42 -22.73 -0.64
N LYS E 462 30.82 -22.77 -1.84
CA LYS E 462 29.86 -23.81 -2.18
C LYS E 462 30.52 -25.19 -2.11
N LEU E 463 31.74 -25.25 -2.62
CA LEU E 463 32.52 -26.48 -2.62
C LEU E 463 33.09 -26.73 -1.23
N ARG E 464 32.23 -27.21 -0.34
CA ARG E 464 32.60 -27.49 1.04
C ARG E 464 31.76 -28.64 1.55
N TYR E 465 32.27 -29.30 2.59
CA TYR E 465 31.53 -30.29 3.33
C TYR E 465 32.25 -30.43 4.66
N ASN E 466 31.64 -29.90 5.71
CA ASN E 466 32.24 -29.92 7.03
C ASN E 466 31.58 -30.92 7.96
N LEU E 467 32.39 -31.54 8.82
CA LEU E 467 31.87 -32.25 9.97
C LEU E 467 31.65 -31.23 11.07
N ASN E 468 30.43 -31.15 11.60
CA ASN E 468 30.15 -30.15 12.62
C ASN E 468 30.48 -30.69 14.02
N ASP E 469 31.78 -30.81 14.30
CA ASP E 469 32.24 -31.30 15.58
C ASP E 469 33.55 -30.62 15.97
#